data_9ORY
# 
_entry.id   9ORY 
# 
_audit_conform.dict_name       mmcif_pdbx.dic 
_audit_conform.dict_version    5.404 
_audit_conform.dict_location   http://mmcif.pdb.org/dictionaries/ascii/mmcif_pdbx.dic 
# 
loop_
_database_2.database_id 
_database_2.database_code 
_database_2.pdbx_database_accession 
_database_2.pdbx_DOI 
PDB   9ORY         pdb_00009ory 10.2210/pdb9ory/pdb 
WWPDB D_1000296214 ?            ?                   
# 
loop_
_pdbx_audit_revision_history.ordinal 
_pdbx_audit_revision_history.data_content_type 
_pdbx_audit_revision_history.major_revision 
_pdbx_audit_revision_history.minor_revision 
_pdbx_audit_revision_history.revision_date 
_pdbx_audit_revision_history.part_number 
1 'Structure model' 1 0 2025-06-18 ? 
2 'Structure model' 1 1 2025-08-13 ? 
# 
_pdbx_audit_revision_details.ordinal             1 
_pdbx_audit_revision_details.revision_ordinal    1 
_pdbx_audit_revision_details.data_content_type   'Structure model' 
_pdbx_audit_revision_details.provider            repository 
_pdbx_audit_revision_details.type                'Initial release' 
_pdbx_audit_revision_details.description         ? 
_pdbx_audit_revision_details.details             ? 
# 
_pdbx_audit_revision_group.ordinal             1 
_pdbx_audit_revision_group.revision_ordinal    2 
_pdbx_audit_revision_group.data_content_type   'Structure model' 
_pdbx_audit_revision_group.group               'Database references' 
# 
loop_
_pdbx_audit_revision_category.ordinal 
_pdbx_audit_revision_category.revision_ordinal 
_pdbx_audit_revision_category.data_content_type 
_pdbx_audit_revision_category.category 
1 2 'Structure model' citation        
2 2 'Structure model' citation_author 
# 
loop_
_pdbx_audit_revision_item.ordinal 
_pdbx_audit_revision_item.revision_ordinal 
_pdbx_audit_revision_item.data_content_type 
_pdbx_audit_revision_item.item 
1  2 'Structure model' '_citation.country'                 
2  2 'Structure model' '_citation.journal_abbrev'          
3  2 'Structure model' '_citation.journal_id_ASTM'         
4  2 'Structure model' '_citation.journal_id_CSD'          
5  2 'Structure model' '_citation.journal_id_ISSN'         
6  2 'Structure model' '_citation.journal_volume'          
7  2 'Structure model' '_citation.page_first'              
8  2 'Structure model' '_citation.page_last'               
9  2 'Structure model' '_citation.pdbx_database_id_DOI'    
10 2 'Structure model' '_citation.pdbx_database_id_PubMed' 
11 2 'Structure model' '_citation.title'                   
12 2 'Structure model' '_citation.year'                    
13 2 'Structure model' '_citation_author.identifier_ORCID' 
14 2 'Structure model' '_citation_author.name'             
# 
_pdbx_database_status.status_code                     REL 
_pdbx_database_status.status_code_sf                  REL 
_pdbx_database_status.status_code_mr                  ? 
_pdbx_database_status.entry_id                        9ORY 
_pdbx_database_status.recvd_initial_deposition_date   2025-05-23 
_pdbx_database_status.SG_entry                        N 
_pdbx_database_status.deposit_site                    RCSB 
_pdbx_database_status.process_site                    RCSB 
_pdbx_database_status.status_code_cs                  ? 
_pdbx_database_status.status_code_nmr_data            ? 
_pdbx_database_status.methods_development_category    ? 
_pdbx_database_status.pdb_format_compatible           Y 
# 
loop_
_pdbx_database_related.db_name 
_pdbx_database_related.details 
_pdbx_database_related.db_id 
_pdbx_database_related.content_type 
PDB 'XRD structure of same protein in apo-form'                                       9ORW unspecified 
PDB 
;XRD structure of same protein co-crystallized with N,N',N"-triacetylchitotriose
;
9ORV unspecified 
PDB 
;MicroED structure of same protein soaked with N,N',N"-triacetylchitotriose
;
9OS8 unspecified 
# 
_pdbx_contact_author.id                 2 
_pdbx_contact_author.email              jrodriguez@mbi.ucla.edu 
_pdbx_contact_author.name_first         Jose 
_pdbx_contact_author.name_last          Rodriguez 
_pdbx_contact_author.name_mi            A 
_pdbx_contact_author.role               'principal investigator/group leader' 
_pdbx_contact_author.identifier_ORCID   0000-0002-0248-4964 
# 
loop_
_audit_author.name 
_audit_author.pdbx_ordinal 
_audit_author.identifier_ORCID 
'Flowers, C.W.'   1 ? 
'Vlahakis, N.W.'  2 ? 
'Rodriguez, J.A.' 3 ? 
# 
_citation.abstract                  ? 
_citation.abstract_id_CAS           ? 
_citation.book_id_ISBN              ? 
_citation.book_publisher            ? 
_citation.book_publisher_city       ? 
_citation.book_title                ? 
_citation.coordinate_linkage        ? 
_citation.country                   US 
_citation.database_id_Medline       ? 
_citation.details                   ? 
_citation.id                        primary 
_citation.journal_abbrev            Proc.Natl.Acad.Sci.USA 
_citation.journal_id_ASTM           PNASA6 
_citation.journal_id_CSD            0040 
_citation.journal_id_ISSN           1091-6490 
_citation.journal_full              ? 
_citation.journal_issue             ? 
_citation.journal_volume            122 
_citation.language                  ? 
_citation.page_first                e2503780122 
_citation.page_last                 e2503780122 
_citation.title                     
'Combining MicroED and native mass spectrometry for structural discovery of enzyme-small molecule complexes.' 
_citation.year                      2025 
_citation.database_id_CSD           ? 
_citation.pdbx_database_id_DOI      10.1073/pnas.2503780122 
_citation.pdbx_database_id_PubMed   40720654 
_citation.pdbx_database_id_patent   ? 
_citation.unpublished_flag          ? 
# 
loop_
_citation_author.citation_id 
_citation_author.name 
_citation_author.ordinal 
_citation_author.identifier_ORCID 
primary 'Vlahakis, N.W.'   1  0000-0002-5092-0265 
primary 'Flowers, C.W.'    2  0009-0005-2613-1150 
primary 'Liu, M.'          3  ?                   
primary 'Agdanowski, M.P.' 4  0000-0001-7796-4287 
primary 'Johnson, S.'      5  ?                   
primary 'Summers, J.A.'    6  ?                   
primary 'Jacobs, L.M.C.'   7  0000-0002-9939-653X 
primary 'Keyser, C.'       8  ?                   
primary 'Russell, P.'      9  ?                   
primary 'Rose, S.L.'       10 0000-0003-4824-4066 
primary 'Orlans, J.'       11 ?                   
primary 'Adhami, N.'       12 ?                   
primary 'Chen, Y.'         13 0009-0001-2693-1693 
primary 'Sawaya, M.R.'     14 0000-0003-0874-9043 
primary 'Basu, S.'         15 ?                   
primary 'de Sanctis, D.'   16 0000-0003-0391-8290 
primary 'Chen, Y.'         17 ?                   
primary 'Wakatsuki, S.'    18 ?                   
primary 'Nelson, H.M.'     19 ?                   
primary 'Loo, J.A.'        20 0000-0001-9989-1437 
primary 'Tang, Y.'         21 ?                   
primary 'Rodriguez, J.A.'  22 0000-0001-8471-2504 
# 
loop_
_entity.id 
_entity.type 
_entity.src_method 
_entity.pdbx_description 
_entity.formula_weight 
_entity.pdbx_number_of_molecules 
_entity.pdbx_ec 
_entity.pdbx_mutation 
_entity.pdbx_fragment 
_entity.details 
1 polymer     nat 'Lysozyme C' 14331.160 1   3.2.1.17 ? lyzozyme ? 
2 branched    syn 
;2-acetamido-2-deoxy-beta-D-glucopyranose-(1-4)-2-acetamido-2-deoxy-beta-D-glucopyranose-(1-4)-2-acetamido-2-deoxy-beta-D-glucopyranose
;
627.594   1   ?        ? ?        ? 
3 non-polymer syn 'CHLORIDE ION' 35.453    3   ?        ? ?        ? 
4 water       nat water 18.015    117 ?        ? ?        ? 
# 
_entity_name_com.entity_id   1 
_entity_name_com.name        '1,4-beta-N-acetylmuramidase C,Allergen Gal d IV' 
# 
_entity_poly.entity_id                      1 
_entity_poly.type                           'polypeptide(L)' 
_entity_poly.nstd_linkage                   no 
_entity_poly.nstd_monomer                   no 
_entity_poly.pdbx_seq_one_letter_code       
;KVFGRCELAAAMKRHGLDNYRGYSLGNWVCAAKFESNFNTQATNRNTDGSTDYGILQINSRWWCNDGRTPGSRNLCNIPC
SALLSSDITASVNCAKKIVSDGNGMNAWVAWRNRCKGTDVQAWIRGCRL
;
_entity_poly.pdbx_seq_one_letter_code_can   
;KVFGRCELAAAMKRHGLDNYRGYSLGNWVCAAKFESNFNTQATNRNTDGSTDYGILQINSRWWCNDGRTPGSRNLCNIPC
SALLSSDITASVNCAKKIVSDGNGMNAWVAWRNRCKGTDVQAWIRGCRL
;
_entity_poly.pdbx_strand_id                 A 
_entity_poly.pdbx_target_identifier         ? 
# 
loop_
_pdbx_entity_nonpoly.entity_id 
_pdbx_entity_nonpoly.name 
_pdbx_entity_nonpoly.comp_id 
3 'CHLORIDE ION' CL  
4 water          HOH 
# 
loop_
_entity_poly_seq.entity_id 
_entity_poly_seq.num 
_entity_poly_seq.mon_id 
_entity_poly_seq.hetero 
1 1   LYS n 
1 2   VAL n 
1 3   PHE n 
1 4   GLY n 
1 5   ARG n 
1 6   CYS n 
1 7   GLU n 
1 8   LEU n 
1 9   ALA n 
1 10  ALA n 
1 11  ALA n 
1 12  MET n 
1 13  LYS n 
1 14  ARG n 
1 15  HIS n 
1 16  GLY n 
1 17  LEU n 
1 18  ASP n 
1 19  ASN n 
1 20  TYR n 
1 21  ARG n 
1 22  GLY n 
1 23  TYR n 
1 24  SER n 
1 25  LEU n 
1 26  GLY n 
1 27  ASN n 
1 28  TRP n 
1 29  VAL n 
1 30  CYS n 
1 31  ALA n 
1 32  ALA n 
1 33  LYS n 
1 34  PHE n 
1 35  GLU n 
1 36  SER n 
1 37  ASN n 
1 38  PHE n 
1 39  ASN n 
1 40  THR n 
1 41  GLN n 
1 42  ALA n 
1 43  THR n 
1 44  ASN n 
1 45  ARG n 
1 46  ASN n 
1 47  THR n 
1 48  ASP n 
1 49  GLY n 
1 50  SER n 
1 51  THR n 
1 52  ASP n 
1 53  TYR n 
1 54  GLY n 
1 55  ILE n 
1 56  LEU n 
1 57  GLN n 
1 58  ILE n 
1 59  ASN n 
1 60  SER n 
1 61  ARG n 
1 62  TRP n 
1 63  TRP n 
1 64  CYS n 
1 65  ASN n 
1 66  ASP n 
1 67  GLY n 
1 68  ARG n 
1 69  THR n 
1 70  PRO n 
1 71  GLY n 
1 72  SER n 
1 73  ARG n 
1 74  ASN n 
1 75  LEU n 
1 76  CYS n 
1 77  ASN n 
1 78  ILE n 
1 79  PRO n 
1 80  CYS n 
1 81  SER n 
1 82  ALA n 
1 83  LEU n 
1 84  LEU n 
1 85  SER n 
1 86  SER n 
1 87  ASP n 
1 88  ILE n 
1 89  THR n 
1 90  ALA n 
1 91  SER n 
1 92  VAL n 
1 93  ASN n 
1 94  CYS n 
1 95  ALA n 
1 96  LYS n 
1 97  LYS n 
1 98  ILE n 
1 99  VAL n 
1 100 SER n 
1 101 ASP n 
1 102 GLY n 
1 103 ASN n 
1 104 GLY n 
1 105 MET n 
1 106 ASN n 
1 107 ALA n 
1 108 TRP n 
1 109 VAL n 
1 110 ALA n 
1 111 TRP n 
1 112 ARG n 
1 113 ASN n 
1 114 ARG n 
1 115 CYS n 
1 116 LYS n 
1 117 GLY n 
1 118 THR n 
1 119 ASP n 
1 120 VAL n 
1 121 GLN n 
1 122 ALA n 
1 123 TRP n 
1 124 ILE n 
1 125 ARG n 
1 126 GLY n 
1 127 CYS n 
1 128 ARG n 
1 129 LEU n 
# 
_entity_src_nat.entity_id                  1 
_entity_src_nat.pdbx_src_id                1 
_entity_src_nat.pdbx_alt_source_flag       sample 
_entity_src_nat.pdbx_beg_seq_num           1 
_entity_src_nat.pdbx_end_seq_num           129 
_entity_src_nat.common_name                chicken 
_entity_src_nat.pdbx_organism_scientific   'Gallus gallus' 
_entity_src_nat.pdbx_ncbi_taxonomy_id      9031 
_entity_src_nat.genus                      ? 
_entity_src_nat.species                    ? 
_entity_src_nat.strain                     ? 
_entity_src_nat.tissue                     ? 
_entity_src_nat.tissue_fraction            ? 
_entity_src_nat.pdbx_secretion             ? 
_entity_src_nat.pdbx_fragment              ? 
_entity_src_nat.pdbx_variant               ? 
_entity_src_nat.pdbx_cell_line             ? 
_entity_src_nat.pdbx_atcc                  ? 
_entity_src_nat.pdbx_cellular_location     ? 
_entity_src_nat.pdbx_organ                 ? 
_entity_src_nat.pdbx_organelle             ? 
_entity_src_nat.pdbx_cell                  ? 
_entity_src_nat.pdbx_plasmid_name          ? 
_entity_src_nat.pdbx_plasmid_details       ? 
_entity_src_nat.details                    ? 
# 
_pdbx_entity_branch.entity_id   2 
_pdbx_entity_branch.type        oligosaccharide 
# 
loop_
_pdbx_entity_branch_descriptor.ordinal 
_pdbx_entity_branch_descriptor.entity_id 
_pdbx_entity_branch_descriptor.descriptor 
_pdbx_entity_branch_descriptor.type 
_pdbx_entity_branch_descriptor.program 
_pdbx_entity_branch_descriptor.program_version 
1 2 DGlcpNAcb1-4DGlcpNAcb1-4DGlcpNAcb1-ROH                          'Glycam Condensed Sequence' GMML       1.0   
2 2 'WURCS=2.0/1,3,2/[a2122h-1b_1-5_2*NCC/3=O]/1-1-1/a4-b1_b4-c1'   WURCS                       PDB2Glycan 1.1.0 
3 2 '[][b-D-GlcpNAc]{[(4+1)][b-D-GlcpNAc]{[(4+1)][b-D-GlcpNAc]{}}}' LINUCS                      PDB-CARE   ?     
# 
loop_
_pdbx_entity_branch_link.link_id 
_pdbx_entity_branch_link.entity_id 
_pdbx_entity_branch_link.entity_branch_list_num_1 
_pdbx_entity_branch_link.comp_id_1 
_pdbx_entity_branch_link.atom_id_1 
_pdbx_entity_branch_link.leaving_atom_id_1 
_pdbx_entity_branch_link.entity_branch_list_num_2 
_pdbx_entity_branch_link.comp_id_2 
_pdbx_entity_branch_link.atom_id_2 
_pdbx_entity_branch_link.leaving_atom_id_2 
_pdbx_entity_branch_link.value_order 
_pdbx_entity_branch_link.details 
1 2 2 NAG C1 O1 1 NAG O4 HO4 sing ? 
2 2 3 NAG C1 O1 2 NAG O4 HO4 sing ? 
# 
loop_
_chem_comp.id 
_chem_comp.type 
_chem_comp.mon_nstd_flag 
_chem_comp.name 
_chem_comp.pdbx_synonyms 
_chem_comp.formula 
_chem_comp.formula_weight 
ALA 'L-peptide linking'          y ALANINE                                  ? 'C3 H7 N O2'     89.093  
ARG 'L-peptide linking'          y ARGININE                                 ? 'C6 H15 N4 O2 1' 175.209 
ASN 'L-peptide linking'          y ASPARAGINE                               ? 'C4 H8 N2 O3'    132.118 
ASP 'L-peptide linking'          y 'ASPARTIC ACID'                          ? 'C4 H7 N O4'     133.103 
CL  non-polymer                  . 'CHLORIDE ION'                           ? 'Cl -1'          35.453  
CYS 'L-peptide linking'          y CYSTEINE                                 ? 'C3 H7 N O2 S'   121.158 
GLN 'L-peptide linking'          y GLUTAMINE                                ? 'C5 H10 N2 O3'   146.144 
GLU 'L-peptide linking'          y 'GLUTAMIC ACID'                          ? 'C5 H9 N O4'     147.129 
GLY 'peptide linking'            y GLYCINE                                  ? 'C2 H5 N O2'     75.067  
HIS 'L-peptide linking'          y HISTIDINE                                ? 'C6 H10 N3 O2 1' 156.162 
HOH non-polymer                  . WATER                                    ? 'H2 O'           18.015  
ILE 'L-peptide linking'          y ISOLEUCINE                               ? 'C6 H13 N O2'    131.173 
LEU 'L-peptide linking'          y LEUCINE                                  ? 'C6 H13 N O2'    131.173 
LYS 'L-peptide linking'          y LYSINE                                   ? 'C6 H15 N2 O2 1' 147.195 
MET 'L-peptide linking'          y METHIONINE                               ? 'C5 H11 N O2 S'  149.211 
NAG 'D-saccharide, beta linking' . 2-acetamido-2-deoxy-beta-D-glucopyranose 
;N-acetyl-beta-D-glucosamine; 2-acetamido-2-deoxy-beta-D-glucose; 2-acetamido-2-deoxy-D-glucose; 2-acetamido-2-deoxy-glucose; N-ACETYL-D-GLUCOSAMINE
;
'C8 H15 N O6'    221.208 
PHE 'L-peptide linking'          y PHENYLALANINE                            ? 'C9 H11 N O2'    165.189 
PRO 'L-peptide linking'          y PROLINE                                  ? 'C5 H9 N O2'     115.130 
SER 'L-peptide linking'          y SERINE                                   ? 'C3 H7 N O3'     105.093 
THR 'L-peptide linking'          y THREONINE                                ? 'C4 H9 N O3'     119.119 
TRP 'L-peptide linking'          y TRYPTOPHAN                               ? 'C11 H12 N2 O2'  204.225 
TYR 'L-peptide linking'          y TYROSINE                                 ? 'C9 H11 N O3'    181.189 
VAL 'L-peptide linking'          y VALINE                                   ? 'C5 H11 N O2'    117.146 
# 
loop_
_pdbx_chem_comp_identifier.comp_id 
_pdbx_chem_comp_identifier.type 
_pdbx_chem_comp_identifier.program 
_pdbx_chem_comp_identifier.program_version 
_pdbx_chem_comp_identifier.identifier 
NAG 'CONDENSED IUPAC CARBOHYDRATE SYMBOL' GMML     1.0 DGlcpNAcb                      
NAG 'COMMON NAME'                         GMML     1.0 N-acetyl-b-D-glucopyranosamine 
NAG 'IUPAC CARBOHYDRATE SYMBOL'           PDB-CARE 1.0 b-D-GlcpNAc                    
NAG 'SNFG CARBOHYDRATE SYMBOL'            GMML     1.0 GlcNAc                         
# 
loop_
_pdbx_poly_seq_scheme.asym_id 
_pdbx_poly_seq_scheme.entity_id 
_pdbx_poly_seq_scheme.seq_id 
_pdbx_poly_seq_scheme.mon_id 
_pdbx_poly_seq_scheme.ndb_seq_num 
_pdbx_poly_seq_scheme.pdb_seq_num 
_pdbx_poly_seq_scheme.auth_seq_num 
_pdbx_poly_seq_scheme.pdb_mon_id 
_pdbx_poly_seq_scheme.auth_mon_id 
_pdbx_poly_seq_scheme.pdb_strand_id 
_pdbx_poly_seq_scheme.pdb_ins_code 
_pdbx_poly_seq_scheme.hetero 
A 1 1   LYS 1   1   1   LYS LYS A . n 
A 1 2   VAL 2   2   2   VAL VAL A . n 
A 1 3   PHE 3   3   3   PHE PHE A . n 
A 1 4   GLY 4   4   4   GLY GLY A . n 
A 1 5   ARG 5   5   5   ARG ARG A . n 
A 1 6   CYS 6   6   6   CYS CYS A . n 
A 1 7   GLU 7   7   7   GLU GLU A . n 
A 1 8   LEU 8   8   8   LEU LEU A . n 
A 1 9   ALA 9   9   9   ALA ALA A . n 
A 1 10  ALA 10  10  10  ALA ALA A . n 
A 1 11  ALA 11  11  11  ALA ALA A . n 
A 1 12  MET 12  12  12  MET MET A . n 
A 1 13  LYS 13  13  13  LYS LYS A . n 
A 1 14  ARG 14  14  14  ARG ARG A . n 
A 1 15  HIS 15  15  15  HIS HIS A . n 
A 1 16  GLY 16  16  16  GLY GLY A . n 
A 1 17  LEU 17  17  17  LEU LEU A . n 
A 1 18  ASP 18  18  18  ASP ASP A . n 
A 1 19  ASN 19  19  19  ASN ASN A . n 
A 1 20  TYR 20  20  20  TYR TYR A . n 
A 1 21  ARG 21  21  21  ARG ARG A . n 
A 1 22  GLY 22  22  22  GLY GLY A . n 
A 1 23  TYR 23  23  23  TYR TYR A . n 
A 1 24  SER 24  24  24  SER SER A . n 
A 1 25  LEU 25  25  25  LEU LEU A . n 
A 1 26  GLY 26  26  26  GLY GLY A . n 
A 1 27  ASN 27  27  27  ASN ASN A . n 
A 1 28  TRP 28  28  28  TRP TRP A . n 
A 1 29  VAL 29  29  29  VAL VAL A . n 
A 1 30  CYS 30  30  30  CYS CYS A . n 
A 1 31  ALA 31  31  31  ALA ALA A . n 
A 1 32  ALA 32  32  32  ALA ALA A . n 
A 1 33  LYS 33  33  33  LYS LYS A . n 
A 1 34  PHE 34  34  34  PHE PHE A . n 
A 1 35  GLU 35  35  35  GLU GLU A . n 
A 1 36  SER 36  36  36  SER SER A . n 
A 1 37  ASN 37  37  37  ASN ASN A . n 
A 1 38  PHE 38  38  38  PHE PHE A . n 
A 1 39  ASN 39  39  39  ASN ASN A . n 
A 1 40  THR 40  40  40  THR THR A . n 
A 1 41  GLN 41  41  41  GLN GLN A . n 
A 1 42  ALA 42  42  42  ALA ALA A . n 
A 1 43  THR 43  43  43  THR THR A . n 
A 1 44  ASN 44  44  44  ASN ASN A . n 
A 1 45  ARG 45  45  45  ARG ARG A . n 
A 1 46  ASN 46  46  46  ASN ASN A . n 
A 1 47  THR 47  47  47  THR THR A . n 
A 1 48  ASP 48  48  48  ASP ASP A . n 
A 1 49  GLY 49  49  49  GLY GLY A . n 
A 1 50  SER 50  50  50  SER SER A . n 
A 1 51  THR 51  51  51  THR THR A . n 
A 1 52  ASP 52  52  52  ASP ASP A . n 
A 1 53  TYR 53  53  53  TYR TYR A . n 
A 1 54  GLY 54  54  54  GLY GLY A . n 
A 1 55  ILE 55  55  55  ILE ILE A . n 
A 1 56  LEU 56  56  56  LEU LEU A . n 
A 1 57  GLN 57  57  57  GLN GLN A . n 
A 1 58  ILE 58  58  58  ILE ILE A . n 
A 1 59  ASN 59  59  59  ASN ASN A . n 
A 1 60  SER 60  60  60  SER SER A . n 
A 1 61  ARG 61  61  61  ARG ARG A . n 
A 1 62  TRP 62  62  62  TRP TRP A . n 
A 1 63  TRP 63  63  63  TRP TRP A . n 
A 1 64  CYS 64  64  64  CYS CYS A . n 
A 1 65  ASN 65  65  65  ASN ASN A . n 
A 1 66  ASP 66  66  66  ASP ASP A . n 
A 1 67  GLY 67  67  67  GLY GLY A . n 
A 1 68  ARG 68  68  68  ARG ARG A . n 
A 1 69  THR 69  69  69  THR THR A . n 
A 1 70  PRO 70  70  70  PRO PRO A . n 
A 1 71  GLY 71  71  71  GLY GLY A . n 
A 1 72  SER 72  72  72  SER SER A . n 
A 1 73  ARG 73  73  73  ARG ARG A . n 
A 1 74  ASN 74  74  74  ASN ASN A . n 
A 1 75  LEU 75  75  75  LEU LEU A . n 
A 1 76  CYS 76  76  76  CYS CYS A . n 
A 1 77  ASN 77  77  77  ASN ASN A . n 
A 1 78  ILE 78  78  78  ILE ILE A . n 
A 1 79  PRO 79  79  79  PRO PRO A . n 
A 1 80  CYS 80  80  80  CYS CYS A . n 
A 1 81  SER 81  81  81  SER SER A . n 
A 1 82  ALA 82  82  82  ALA ALA A . n 
A 1 83  LEU 83  83  83  LEU LEU A . n 
A 1 84  LEU 84  84  84  LEU LEU A . n 
A 1 85  SER 85  85  85  SER SER A . n 
A 1 86  SER 86  86  86  SER SER A . n 
A 1 87  ASP 87  87  87  ASP ASP A . n 
A 1 88  ILE 88  88  88  ILE ILE A . n 
A 1 89  THR 89  89  89  THR THR A . n 
A 1 90  ALA 90  90  90  ALA ALA A . n 
A 1 91  SER 91  91  91  SER SER A . n 
A 1 92  VAL 92  92  92  VAL VAL A . n 
A 1 93  ASN 93  93  93  ASN ASN A . n 
A 1 94  CYS 94  94  94  CYS CYS A . n 
A 1 95  ALA 95  95  95  ALA ALA A . n 
A 1 96  LYS 96  96  96  LYS LYS A . n 
A 1 97  LYS 97  97  97  LYS LYS A . n 
A 1 98  ILE 98  98  98  ILE ILE A . n 
A 1 99  VAL 99  99  99  VAL VAL A . n 
A 1 100 SER 100 100 100 SER SER A . n 
A 1 101 ASP 101 101 101 ASP ASP A . n 
A 1 102 GLY 102 102 102 GLY GLY A . n 
A 1 103 ASN 103 103 103 ASN ASN A . n 
A 1 104 GLY 104 104 104 GLY GLY A . n 
A 1 105 MET 105 105 105 MET MET A . n 
A 1 106 ASN 106 106 106 ASN ASN A . n 
A 1 107 ALA 107 107 107 ALA ALA A . n 
A 1 108 TRP 108 108 108 TRP TRP A . n 
A 1 109 VAL 109 109 109 VAL VAL A . n 
A 1 110 ALA 110 110 110 ALA ALA A . n 
A 1 111 TRP 111 111 111 TRP TRP A . n 
A 1 112 ARG 112 112 112 ARG ARG A . n 
A 1 113 ASN 113 113 113 ASN ASN A . n 
A 1 114 ARG 114 114 114 ARG ARG A . n 
A 1 115 CYS 115 115 115 CYS CYS A . n 
A 1 116 LYS 116 116 116 LYS LYS A . n 
A 1 117 GLY 117 117 117 GLY GLY A . n 
A 1 118 THR 118 118 118 THR THR A . n 
A 1 119 ASP 119 119 119 ASP ASP A . n 
A 1 120 VAL 120 120 120 VAL VAL A . n 
A 1 121 GLN 121 121 121 GLN GLN A . n 
A 1 122 ALA 122 122 122 ALA ALA A . n 
A 1 123 TRP 123 123 123 TRP TRP A . n 
A 1 124 ILE 124 124 124 ILE ILE A . n 
A 1 125 ARG 125 125 125 ARG ARG A . n 
A 1 126 GLY 126 126 126 GLY GLY A . n 
A 1 127 CYS 127 127 127 CYS CYS A . n 
A 1 128 ARG 128 128 128 ARG ARG A . n 
A 1 129 LEU 129 129 129 LEU LEU A . n 
# 
loop_
_pdbx_branch_scheme.asym_id 
_pdbx_branch_scheme.entity_id 
_pdbx_branch_scheme.mon_id 
_pdbx_branch_scheme.num 
_pdbx_branch_scheme.pdb_asym_id 
_pdbx_branch_scheme.pdb_mon_id 
_pdbx_branch_scheme.pdb_seq_num 
_pdbx_branch_scheme.auth_asym_id 
_pdbx_branch_scheme.auth_mon_id 
_pdbx_branch_scheme.auth_seq_num 
_pdbx_branch_scheme.hetero 
B 2 NAG 1 E NAG 1 A LIG 201 n 
B 2 NAG 2 E NAG 2 A LIG 201 n 
B 2 NAG 3 E NAG 3 A LIG 201 n 
# 
_pdbx_entity_instance_feature.ordinal        1 
_pdbx_entity_instance_feature.comp_id        NAG 
_pdbx_entity_instance_feature.asym_id        ? 
_pdbx_entity_instance_feature.seq_num        ? 
_pdbx_entity_instance_feature.auth_comp_id   NAG 
_pdbx_entity_instance_feature.auth_asym_id   ? 
_pdbx_entity_instance_feature.auth_seq_num   ? 
_pdbx_entity_instance_feature.feature_type   'SUBJECT OF INVESTIGATION' 
_pdbx_entity_instance_feature.details        ? 
# 
loop_
_pdbx_nonpoly_scheme.asym_id 
_pdbx_nonpoly_scheme.entity_id 
_pdbx_nonpoly_scheme.mon_id 
_pdbx_nonpoly_scheme.ndb_seq_num 
_pdbx_nonpoly_scheme.pdb_seq_num 
_pdbx_nonpoly_scheme.auth_seq_num 
_pdbx_nonpoly_scheme.pdb_mon_id 
_pdbx_nonpoly_scheme.auth_mon_id 
_pdbx_nonpoly_scheme.pdb_strand_id 
_pdbx_nonpoly_scheme.pdb_ins_code 
C 3 CL  1   201 1   CL  CL  A . 
D 3 CL  1   202 2   CL  CL  A . 
E 3 CL  1   203 3   CL  CL  A . 
F 4 HOH 1   301 102 HOH HOH A . 
F 4 HOH 2   302 105 HOH HOH A . 
F 4 HOH 3   303 106 HOH HOH A . 
F 4 HOH 4   304 44  HOH HOH A . 
F 4 HOH 5   305 132 HOH HOH A . 
F 4 HOH 6   306 144 HOH HOH A . 
F 4 HOH 7   307 100 HOH HOH A . 
F 4 HOH 8   308 146 HOH HOH A . 
F 4 HOH 9   309 50  HOH HOH A . 
F 4 HOH 10  310 122 HOH HOH A . 
F 4 HOH 11  311 34  HOH HOH A . 
F 4 HOH 12  312 121 HOH HOH A . 
F 4 HOH 13  313 30  HOH HOH A . 
F 4 HOH 14  314 128 HOH HOH A . 
F 4 HOH 15  315 39  HOH HOH A . 
F 4 HOH 16  316 51  HOH HOH A . 
F 4 HOH 17  317 31  HOH HOH A . 
F 4 HOH 18  318 61  HOH HOH A . 
F 4 HOH 19  319 12  HOH HOH A . 
F 4 HOH 20  320 22  HOH HOH A . 
F 4 HOH 21  321 137 HOH HOH A . 
F 4 HOH 22  322 17  HOH HOH A . 
F 4 HOH 23  323 68  HOH HOH A . 
F 4 HOH 24  324 57  HOH HOH A . 
F 4 HOH 25  325 4   HOH HOH A . 
F 4 HOH 26  326 133 HOH HOH A . 
F 4 HOH 27  327 21  HOH HOH A . 
F 4 HOH 28  328 118 HOH HOH A . 
F 4 HOH 29  329 142 HOH HOH A . 
F 4 HOH 30  330 25  HOH HOH A . 
F 4 HOH 31  331 20  HOH HOH A . 
F 4 HOH 32  332 45  HOH HOH A . 
F 4 HOH 33  333 98  HOH HOH A . 
F 4 HOH 34  334 36  HOH HOH A . 
F 4 HOH 35  335 26  HOH HOH A . 
F 4 HOH 36  336 10  HOH HOH A . 
F 4 HOH 37  337 11  HOH HOH A . 
F 4 HOH 38  338 43  HOH HOH A . 
F 4 HOH 39  339 101 HOH HOH A . 
F 4 HOH 40  340 119 HOH HOH A . 
F 4 HOH 41  341 86  HOH HOH A . 
F 4 HOH 42  342 65  HOH HOH A . 
F 4 HOH 43  343 66  HOH HOH A . 
F 4 HOH 44  344 73  HOH HOH A . 
F 4 HOH 45  345 52  HOH HOH A . 
F 4 HOH 46  346 54  HOH HOH A . 
F 4 HOH 47  347 130 HOH HOH A . 
F 4 HOH 48  348 35  HOH HOH A . 
F 4 HOH 49  349 19  HOH HOH A . 
F 4 HOH 50  350 16  HOH HOH A . 
F 4 HOH 51  351 13  HOH HOH A . 
F 4 HOH 52  352 136 HOH HOH A . 
F 4 HOH 53  353 58  HOH HOH A . 
F 4 HOH 54  354 76  HOH HOH A . 
F 4 HOH 55  355 37  HOH HOH A . 
F 4 HOH 56  356 14  HOH HOH A . 
F 4 HOH 57  357 78  HOH HOH A . 
F 4 HOH 58  358 56  HOH HOH A . 
F 4 HOH 59  359 9   HOH HOH A . 
F 4 HOH 60  360 79  HOH HOH A . 
F 4 HOH 61  361 145 HOH HOH A . 
F 4 HOH 62  362 64  HOH HOH A . 
F 4 HOH 63  363 18  HOH HOH A . 
F 4 HOH 64  364 55  HOH HOH A . 
F 4 HOH 65  365 24  HOH HOH A . 
F 4 HOH 66  366 7   HOH HOH A . 
F 4 HOH 67  367 27  HOH HOH A . 
F 4 HOH 68  368 135 HOH HOH A . 
F 4 HOH 69  369 80  HOH HOH A . 
F 4 HOH 70  370 5   HOH HOH A . 
F 4 HOH 71  371 143 HOH HOH A . 
F 4 HOH 72  372 47  HOH HOH A . 
F 4 HOH 73  373 147 HOH HOH A . 
F 4 HOH 74  374 113 HOH HOH A . 
F 4 HOH 75  375 6   HOH HOH A . 
F 4 HOH 76  376 15  HOH HOH A . 
F 4 HOH 77  377 117 HOH HOH A . 
F 4 HOH 78  378 72  HOH HOH A . 
F 4 HOH 79  379 141 HOH HOH A . 
F 4 HOH 80  380 131 HOH HOH A . 
F 4 HOH 81  381 33  HOH HOH A . 
F 4 HOH 82  382 103 HOH HOH A . 
F 4 HOH 83  383 115 HOH HOH A . 
F 4 HOH 84  384 99  HOH HOH A . 
F 4 HOH 85  385 8   HOH HOH A . 
F 4 HOH 86  386 53  HOH HOH A . 
F 4 HOH 87  387 71  HOH HOH A . 
F 4 HOH 88  388 140 HOH HOH A . 
F 4 HOH 89  389 92  HOH HOH A . 
F 4 HOH 90  390 123 HOH HOH A . 
F 4 HOH 91  391 126 HOH HOH A . 
F 4 HOH 92  392 107 HOH HOH A . 
F 4 HOH 93  393 62  HOH HOH A . 
F 4 HOH 94  394 40  HOH HOH A . 
F 4 HOH 95  395 108 HOH HOH A . 
F 4 HOH 96  396 32  HOH HOH A . 
F 4 HOH 97  397 110 HOH HOH A . 
F 4 HOH 98  398 67  HOH HOH A . 
F 4 HOH 99  399 81  HOH HOH A . 
F 4 HOH 100 400 109 HOH HOH A . 
F 4 HOH 101 401 69  HOH HOH A . 
F 4 HOH 102 402 29  HOH HOH A . 
F 4 HOH 103 403 116 HOH HOH A . 
F 4 HOH 104 404 94  HOH HOH A . 
F 4 HOH 105 405 83  HOH HOH A . 
F 4 HOH 106 406 48  HOH HOH A . 
F 4 HOH 107 407 111 HOH HOH A . 
F 4 HOH 108 408 59  HOH HOH A . 
F 4 HOH 109 409 127 HOH HOH A . 
F 4 HOH 110 410 95  HOH HOH A . 
F 4 HOH 111 411 124 HOH HOH A . 
F 4 HOH 112 412 114 HOH HOH A . 
F 4 HOH 113 413 134 HOH HOH A . 
F 4 HOH 114 414 96  HOH HOH A . 
F 4 HOH 115 415 139 HOH HOH A . 
F 4 HOH 116 416 88  HOH HOH A . 
F 4 HOH 117 417 87  HOH HOH A . 
# 
loop_
_software.citation_id 
_software.classification 
_software.compiler_name 
_software.compiler_version 
_software.contact_author 
_software.contact_author_email 
_software.date 
_software.description 
_software.dependencies 
_software.hardware 
_software.language 
_software.location 
_software.mods 
_software.name 
_software.os 
_software.os_version 
_software.type 
_software.version 
_software.pdbx_reference_DOI 
_software.pdbx_ordinal 
? refinement        ? ? ? ? ? ? ? ? ? ? ? PHENIX      ? ? ? '(1.20.1_4487: ???)' ? 1 
? 'data scaling'    ? ? ? ? ? ? ? ? ? ? ? XSCALE      ? ? ? .                    ? 2 
? 'data reduction'  ? ? ? ? ? ? ? ? ? ? ? XDS         ? ? ? .                    ? 3 
? phasing           ? ? ? ? ? ? ? ? ? ? ? PHASER      ? ? ? .                    ? 4 
? 'data extraction' ? ? ? ? ? ? ? ? ? ? ? PDB_EXTRACT ? ? ? .                    ? 5 
# 
_cell.angle_alpha                  90.00 
_cell.angle_alpha_esd              ? 
_cell.angle_beta                   90.00 
_cell.angle_beta_esd               ? 
_cell.angle_gamma                  90.00 
_cell.angle_gamma_esd              ? 
_cell.entry_id                     9ORY 
_cell.details                      ? 
_cell.formula_units_Z              ? 
_cell.length_a                     76.740 
_cell.length_a_esd                 ? 
_cell.length_b                     76.740 
_cell.length_b_esd                 ? 
_cell.length_c                     37.750 
_cell.length_c_esd                 ? 
_cell.volume                       ? 
_cell.volume_esd                   ? 
_cell.Z_PDB                        8 
_cell.reciprocal_angle_alpha       ? 
_cell.reciprocal_angle_beta        ? 
_cell.reciprocal_angle_gamma       ? 
_cell.reciprocal_angle_alpha_esd   ? 
_cell.reciprocal_angle_beta_esd    ? 
_cell.reciprocal_angle_gamma_esd   ? 
_cell.reciprocal_length_a          ? 
_cell.reciprocal_length_b          ? 
_cell.reciprocal_length_c          ? 
_cell.reciprocal_length_a_esd      ? 
_cell.reciprocal_length_b_esd      ? 
_cell.reciprocal_length_c_esd      ? 
_cell.pdbx_unique_axis             ? 
_cell.pdbx_esd_method              ? 
# 
_symmetry.entry_id                         9ORY 
_symmetry.cell_setting                     ? 
_symmetry.Int_Tables_number                96 
_symmetry.space_group_name_Hall            ? 
_symmetry.space_group_name_H-M             'P 43 21 2' 
_symmetry.pdbx_full_space_group_name_H-M   ? 
# 
_exptl.absorpt_coefficient_mu     ? 
_exptl.absorpt_correction_T_max   ? 
_exptl.absorpt_correction_T_min   ? 
_exptl.absorpt_correction_type    ? 
_exptl.absorpt_process_details    ? 
_exptl.entry_id                   9ORY 
_exptl.crystals_number            1 
_exptl.details                    ? 
_exptl.method                     'X-RAY DIFFRACTION' 
_exptl.method_details             ? 
# 
_exptl_crystal.colour                       ? 
_exptl_crystal.density_diffrn               ? 
_exptl_crystal.density_Matthews             1.94 
_exptl_crystal.density_method               ? 
_exptl_crystal.density_percent_sol          36.57 
_exptl_crystal.description                  ? 
_exptl_crystal.F_000                        ? 
_exptl_crystal.id                           1 
_exptl_crystal.preparation                  ? 
_exptl_crystal.size_max                     ? 
_exptl_crystal.size_mid                     ? 
_exptl_crystal.size_min                     ? 
_exptl_crystal.size_rad                     ? 
_exptl_crystal.colour_lustre                ? 
_exptl_crystal.colour_modifier              ? 
_exptl_crystal.colour_primary               ? 
_exptl_crystal.density_meas                 ? 
_exptl_crystal.density_meas_esd             ? 
_exptl_crystal.density_meas_gt              ? 
_exptl_crystal.density_meas_lt              ? 
_exptl_crystal.density_meas_temp            ? 
_exptl_crystal.density_meas_temp_esd        ? 
_exptl_crystal.density_meas_temp_gt         ? 
_exptl_crystal.density_meas_temp_lt         ? 
_exptl_crystal.pdbx_crystal_image_url       ? 
_exptl_crystal.pdbx_crystal_image_format    ? 
_exptl_crystal.pdbx_mosaicity               ? 
_exptl_crystal.pdbx_mosaicity_esd           ? 
_exptl_crystal.pdbx_mosaic_method           ? 
_exptl_crystal.pdbx_mosaic_block_size       ? 
_exptl_crystal.pdbx_mosaic_block_size_esd   ? 
# 
_exptl_crystal_grow.apparatus       ? 
_exptl_crystal_grow.atmosphere      ? 
_exptl_crystal_grow.crystal_id      1 
_exptl_crystal_grow.details         ? 
_exptl_crystal_grow.method          'VAPOR DIFFUSION, SITTING DROP' 
_exptl_crystal_grow.method_ref      ? 
_exptl_crystal_grow.pH              ? 
_exptl_crystal_grow.pressure        ? 
_exptl_crystal_grow.pressure_esd    ? 
_exptl_crystal_grow.seeding         ? 
_exptl_crystal_grow.seeding_ref     ? 
_exptl_crystal_grow.temp_details    ? 
_exptl_crystal_grow.temp_esd        ? 
_exptl_crystal_grow.time            ? 
_exptl_crystal_grow.pdbx_details    '800 mM NaCl, 80 mM sodium acetate pH 4.8' 
_exptl_crystal_grow.pdbx_pH_range   ? 
_exptl_crystal_grow.temp            293 
# 
_diffrn.ambient_environment              ? 
_diffrn.ambient_temp                     100 
_diffrn.ambient_temp_details             ? 
_diffrn.ambient_temp_esd                 ? 
_diffrn.crystal_id                       1 
_diffrn.crystal_support                  ? 
_diffrn.crystal_treatment                ? 
_diffrn.details                          ? 
_diffrn.id                               1 
_diffrn.ambient_pressure                 ? 
_diffrn.ambient_pressure_esd             ? 
_diffrn.ambient_pressure_gt              ? 
_diffrn.ambient_pressure_lt              ? 
_diffrn.ambient_temp_gt                  ? 
_diffrn.ambient_temp_lt                  ? 
_diffrn.pdbx_serial_crystal_experiment   N 
# 
_diffrn_detector.details                      ? 
_diffrn_detector.detector                     'IMAGE PLATE' 
_diffrn_detector.diffrn_id                    1 
_diffrn_detector.type                         RIGAKU 
_diffrn_detector.area_resol_mean              ? 
_diffrn_detector.dtime                        ? 
_diffrn_detector.pdbx_frames_total            ? 
_diffrn_detector.pdbx_collection_time_total   ? 
_diffrn_detector.pdbx_collection_date         2025-05-20 
_diffrn_detector.pdbx_frequency               ? 
_diffrn_detector.id                           ? 
_diffrn_detector.number_of_axes               ? 
# 
_diffrn_radiation.collimation                      ? 
_diffrn_radiation.diffrn_id                        1 
_diffrn_radiation.filter_edge                      ? 
_diffrn_radiation.inhomogeneity                    ? 
_diffrn_radiation.monochromator                    ? 
_diffrn_radiation.polarisn_norm                    ? 
_diffrn_radiation.polarisn_ratio                   ? 
_diffrn_radiation.probe                            ? 
_diffrn_radiation.type                             ? 
_diffrn_radiation.xray_symbol                      ? 
_diffrn_radiation.wavelength_id                    1 
_diffrn_radiation.pdbx_monochromatic_or_laue_m_l   M 
_diffrn_radiation.pdbx_wavelength_list             ? 
_diffrn_radiation.pdbx_wavelength                  ? 
_diffrn_radiation.pdbx_diffrn_protocol             'SINGLE WAVELENGTH' 
_diffrn_radiation.pdbx_analyzer                    ? 
_diffrn_radiation.pdbx_scattering_type             x-ray 
# 
_diffrn_radiation_wavelength.id           1 
_diffrn_radiation_wavelength.wavelength   1.5418 
_diffrn_radiation_wavelength.wt           1.0 
# 
_diffrn_source.current                     ? 
_diffrn_source.details                     ? 
_diffrn_source.diffrn_id                   1 
_diffrn_source.power                       ? 
_diffrn_source.size                        ? 
_diffrn_source.source                      'ROTATING ANODE' 
_diffrn_source.target                      ? 
_diffrn_source.type                        'RIGAKU FR-E+' 
_diffrn_source.voltage                     ? 
_diffrn_source.take-off_angle              ? 
_diffrn_source.pdbx_wavelength_list        1.5418 
_diffrn_source.pdbx_wavelength             ? 
_diffrn_source.pdbx_synchrotron_beamline   ? 
_diffrn_source.pdbx_synchrotron_site       ? 
# 
_reflns.B_iso_Wilson_estimate                          ? 
_reflns.entry_id                                       9ORY 
_reflns.data_reduction_details                         ? 
_reflns.data_reduction_method                          ? 
_reflns.d_resolution_high                              1.4 
_reflns.d_resolution_low                               54.26 
_reflns.details                                        ? 
_reflns.limit_h_max                                    ? 
_reflns.limit_h_min                                    ? 
_reflns.limit_k_max                                    ? 
_reflns.limit_k_min                                    ? 
_reflns.limit_l_max                                    ? 
_reflns.limit_l_min                                    ? 
_reflns.number_all                                     ? 
_reflns.number_obs                                     42405 
_reflns.observed_criterion                             ? 
_reflns.observed_criterion_F_max                       ? 
_reflns.observed_criterion_F_min                       ? 
_reflns.observed_criterion_I_max                       ? 
_reflns.observed_criterion_I_min                       ? 
_reflns.observed_criterion_sigma_F                     ? 
_reflns.observed_criterion_sigma_I                     ? 
_reflns.percent_possible_obs                           99.1 
_reflns.R_free_details                                 ? 
_reflns.Rmerge_F_all                                   ? 
_reflns.Rmerge_F_obs                                   ? 
_reflns.Friedel_coverage                               ? 
_reflns.number_gt                                      ? 
_reflns.threshold_expression                           ? 
_reflns.pdbx_redundancy                                8.97 
_reflns.pdbx_netI_over_av_sigmaI                       ? 
_reflns.pdbx_netI_over_sigmaI                          27.20 
_reflns.pdbx_res_netI_over_av_sigmaI_2                 ? 
_reflns.pdbx_res_netI_over_sigmaI_2                    ? 
_reflns.pdbx_chi_squared                               ? 
_reflns.pdbx_scaling_rejects                           ? 
_reflns.pdbx_d_res_high_opt                            ? 
_reflns.pdbx_d_res_low_opt                             ? 
_reflns.pdbx_d_res_opt_method                          ? 
_reflns.phase_calculation_details                      ? 
_reflns.pdbx_Rrim_I_all                                ? 
_reflns.pdbx_Rpim_I_all                                ? 
_reflns.pdbx_d_opt                                     ? 
_reflns.pdbx_number_measured_all                       ? 
_reflns.pdbx_diffrn_id                                 1 
_reflns.pdbx_ordinal                                   1 
_reflns.pdbx_CC_half                                   1.0 
_reflns.pdbx_CC_star                                   ? 
_reflns.pdbx_R_split                                   ? 
_reflns.pdbx_Rmerge_I_obs                              0.049 
_reflns.pdbx_Rmerge_I_all                              ? 
_reflns.pdbx_Rsym_value                                ? 
_reflns.pdbx_CC_split_method                           ? 
_reflns.pdbx_aniso_diffraction_limit_axis_1_ortho[1]   ? 
_reflns.pdbx_aniso_diffraction_limit_axis_1_ortho[2]   ? 
_reflns.pdbx_aniso_diffraction_limit_axis_1_ortho[3]   ? 
_reflns.pdbx_aniso_diffraction_limit_axis_2_ortho[1]   ? 
_reflns.pdbx_aniso_diffraction_limit_axis_2_ortho[2]   ? 
_reflns.pdbx_aniso_diffraction_limit_axis_2_ortho[3]   ? 
_reflns.pdbx_aniso_diffraction_limit_axis_3_ortho[1]   ? 
_reflns.pdbx_aniso_diffraction_limit_axis_3_ortho[2]   ? 
_reflns.pdbx_aniso_diffraction_limit_axis_3_ortho[3]   ? 
_reflns.pdbx_aniso_diffraction_limit_1                 ? 
_reflns.pdbx_aniso_diffraction_limit_2                 ? 
_reflns.pdbx_aniso_diffraction_limit_3                 ? 
_reflns.pdbx_aniso_B_tensor_eigenvector_1_ortho[1]     ? 
_reflns.pdbx_aniso_B_tensor_eigenvector_1_ortho[2]     ? 
_reflns.pdbx_aniso_B_tensor_eigenvector_1_ortho[3]     ? 
_reflns.pdbx_aniso_B_tensor_eigenvector_2_ortho[1]     ? 
_reflns.pdbx_aniso_B_tensor_eigenvector_2_ortho[2]     ? 
_reflns.pdbx_aniso_B_tensor_eigenvector_2_ortho[3]     ? 
_reflns.pdbx_aniso_B_tensor_eigenvector_3_ortho[1]     ? 
_reflns.pdbx_aniso_B_tensor_eigenvector_3_ortho[2]     ? 
_reflns.pdbx_aniso_B_tensor_eigenvector_3_ortho[3]     ? 
_reflns.pdbx_aniso_B_tensor_eigenvalue_1               ? 
_reflns.pdbx_aniso_B_tensor_eigenvalue_2               ? 
_reflns.pdbx_aniso_B_tensor_eigenvalue_3               ? 
_reflns.pdbx_orthogonalization_convention              ? 
_reflns.pdbx_percent_possible_ellipsoidal              ? 
_reflns.pdbx_percent_possible_spherical                ? 
_reflns.pdbx_percent_possible_ellipsoidal_anomalous    ? 
_reflns.pdbx_percent_possible_spherical_anomalous      ? 
_reflns.pdbx_redundancy_anomalous                      ? 
_reflns.pdbx_CC_half_anomalous                         ? 
_reflns.pdbx_absDiff_over_sigma_anomalous              ? 
_reflns.pdbx_percent_possible_anomalous                ? 
_reflns.pdbx_observed_signal_threshold                 ? 
_reflns.pdbx_signal_type                               ? 
_reflns.pdbx_signal_details                            ? 
_reflns.pdbx_signal_software_id                        ? 
# 
_reflns_shell.d_res_high                                    1.4 
_reflns_shell.d_res_low                                     1.43 
_reflns_shell.meanI_over_sigI_all                           ? 
_reflns_shell.meanI_over_sigI_obs                           1.92 
_reflns_shell.number_measured_all                           ? 
_reflns_shell.number_measured_obs                           ? 
_reflns_shell.number_possible                               ? 
_reflns_shell.number_unique_all                             ? 
_reflns_shell.number_unique_obs                             2810 
_reflns_shell.percent_possible_obs                          ? 
_reflns_shell.Rmerge_F_all                                  ? 
_reflns_shell.Rmerge_F_obs                                  ? 
_reflns_shell.meanI_over_sigI_gt                            ? 
_reflns_shell.meanI_over_uI_all                             ? 
_reflns_shell.meanI_over_uI_gt                              ? 
_reflns_shell.number_measured_gt                            ? 
_reflns_shell.number_unique_gt                              ? 
_reflns_shell.percent_possible_gt                           ? 
_reflns_shell.Rmerge_F_gt                                   ? 
_reflns_shell.Rmerge_I_gt                                   ? 
_reflns_shell.pdbx_redundancy                               2.70 
_reflns_shell.pdbx_chi_squared                              ? 
_reflns_shell.pdbx_netI_over_sigmaI_all                     ? 
_reflns_shell.pdbx_netI_over_sigmaI_obs                     ? 
_reflns_shell.pdbx_Rrim_I_all                               ? 
_reflns_shell.pdbx_Rpim_I_all                               ? 
_reflns_shell.pdbx_rejects                                  ? 
_reflns_shell.pdbx_ordinal                                  1 
_reflns_shell.pdbx_diffrn_id                                1 
_reflns_shell.pdbx_CC_half                                  0.873 
_reflns_shell.pdbx_CC_star                                  ? 
_reflns_shell.pdbx_R_split                                  ? 
_reflns_shell.percent_possible_all                          89.7 
_reflns_shell.Rmerge_I_all                                  ? 
_reflns_shell.Rmerge_I_obs                                  0.287 
_reflns_shell.pdbx_Rsym_value                               ? 
_reflns_shell.pdbx_percent_possible_ellipsoidal             ? 
_reflns_shell.pdbx_percent_possible_spherical               ? 
_reflns_shell.pdbx_percent_possible_ellipsoidal_anomalous   ? 
_reflns_shell.pdbx_percent_possible_spherical_anomalous     ? 
_reflns_shell.pdbx_redundancy_anomalous                     ? 
_reflns_shell.pdbx_CC_half_anomalous                        ? 
_reflns_shell.pdbx_absDiff_over_sigma_anomalous             ? 
_reflns_shell.pdbx_percent_possible_anomalous               ? 
# 
_refine.aniso_B[1][1]                            ? 
_refine.aniso_B[1][2]                            ? 
_refine.aniso_B[1][3]                            ? 
_refine.aniso_B[2][2]                            ? 
_refine.aniso_B[2][3]                            ? 
_refine.aniso_B[3][3]                            ? 
_refine.B_iso_max                                ? 
_refine.B_iso_mean                               ? 
_refine.B_iso_min                                ? 
_refine.correlation_coeff_Fo_to_Fc               ? 
_refine.correlation_coeff_Fo_to_Fc_free          ? 
_refine.details                                  ? 
_refine.diff_density_max                         ? 
_refine.diff_density_max_esd                     ? 
_refine.diff_density_min                         ? 
_refine.diff_density_min_esd                     ? 
_refine.diff_density_rms                         ? 
_refine.diff_density_rms_esd                     ? 
_refine.entry_id                                 9ORY 
_refine.pdbx_refine_id                           'X-RAY DIFFRACTION' 
_refine.ls_abs_structure_details                 ? 
_refine.ls_abs_structure_Flack                   ? 
_refine.ls_abs_structure_Flack_esd               ? 
_refine.ls_abs_structure_Rogers                  ? 
_refine.ls_abs_structure_Rogers_esd              ? 
_refine.ls_d_res_high                            1.40 
_refine.ls_d_res_low                             54.26 
_refine.ls_extinction_coef                       ? 
_refine.ls_extinction_coef_esd                   ? 
_refine.ls_extinction_expression                 ? 
_refine.ls_extinction_method                     ? 
_refine.ls_goodness_of_fit_all                   ? 
_refine.ls_goodness_of_fit_all_esd               ? 
_refine.ls_goodness_of_fit_obs                   ? 
_refine.ls_goodness_of_fit_obs_esd               ? 
_refine.ls_hydrogen_treatment                    ? 
_refine.ls_matrix_type                           ? 
_refine.ls_number_constraints                    ? 
_refine.ls_number_parameters                     ? 
_refine.ls_number_reflns_all                     ? 
_refine.ls_number_reflns_obs                     22667 
_refine.ls_number_reflns_R_free                  1134 
_refine.ls_number_reflns_R_work                  ? 
_refine.ls_number_restraints                     ? 
_refine.ls_percent_reflns_obs                    99.58 
_refine.ls_percent_reflns_R_free                 5.00 
_refine.ls_R_factor_all                          ? 
_refine.ls_R_factor_obs                          0.1907 
_refine.ls_R_factor_R_free                       0.2154 
_refine.ls_R_factor_R_free_error                 ? 
_refine.ls_R_factor_R_free_error_details         ? 
_refine.ls_R_factor_R_work                       0.1893 
_refine.ls_R_Fsqd_factor_obs                     ? 
_refine.ls_R_I_factor_obs                        ? 
_refine.ls_redundancy_reflns_all                 ? 
_refine.ls_redundancy_reflns_obs                 ? 
_refine.ls_restrained_S_all                      ? 
_refine.ls_restrained_S_obs                      ? 
_refine.ls_shift_over_esd_max                    ? 
_refine.ls_shift_over_esd_mean                   ? 
_refine.ls_structure_factor_coef                 ? 
_refine.ls_weighting_details                     ? 
_refine.ls_weighting_scheme                      ? 
_refine.ls_wR_factor_all                         ? 
_refine.ls_wR_factor_obs                         ? 
_refine.ls_wR_factor_R_free                      ? 
_refine.ls_wR_factor_R_work                      ? 
_refine.occupancy_max                            ? 
_refine.occupancy_min                            ? 
_refine.solvent_model_details                    'FLAT BULK SOLVENT MODEL' 
_refine.solvent_model_param_bsol                 ? 
_refine.solvent_model_param_ksol                 ? 
_refine.correlation_coeff_I_to_Fcsqd_work        ? 
_refine.correlation_coeff_I_to_Fcsqd_free        ? 
_refine.pdbx_R_complete                          ? 
_refine.ls_R_factor_gt                           ? 
_refine.ls_goodness_of_fit_gt                    ? 
_refine.ls_goodness_of_fit_ref                   ? 
_refine.ls_shift_over_su_max                     ? 
_refine.ls_shift_over_su_max_lt                  ? 
_refine.ls_shift_over_su_mean                    ? 
_refine.ls_shift_over_su_mean_lt                 ? 
_refine.pdbx_ls_sigma_I                          ? 
_refine.pdbx_ls_sigma_F                          1.36 
_refine.pdbx_ls_sigma_Fsqd                       ? 
_refine.pdbx_data_cutoff_high_absF               ? 
_refine.pdbx_data_cutoff_high_rms_absF           ? 
_refine.pdbx_data_cutoff_low_absF                ? 
_refine.pdbx_isotropic_thermal_model             ? 
_refine.pdbx_ls_cross_valid_method               'FREE R-VALUE' 
_refine.pdbx_method_to_determine_struct          'MOLECULAR REPLACEMENT' 
_refine.pdbx_starting_model                      ? 
_refine.pdbx_stereochemistry_target_values       ML 
_refine.pdbx_R_Free_selection_details            ? 
_refine.pdbx_stereochem_target_val_spec_case     ? 
_refine.pdbx_overall_ESU_R                       ? 
_refine.pdbx_overall_ESU_R_Free                  ? 
_refine.pdbx_solvent_vdw_probe_radii             1.10 
_refine.pdbx_solvent_ion_probe_radii             ? 
_refine.pdbx_solvent_shrinkage_radii             0.90 
_refine.pdbx_real_space_R                        ? 
_refine.pdbx_density_correlation                 ? 
_refine.pdbx_pd_number_of_powder_patterns        ? 
_refine.pdbx_pd_number_of_points                 ? 
_refine.pdbx_pd_meas_number_of_points            ? 
_refine.pdbx_pd_proc_ls_prof_R_factor            ? 
_refine.pdbx_pd_proc_ls_prof_wR_factor           ? 
_refine.pdbx_pd_Marquardt_correlation_coeff      ? 
_refine.pdbx_pd_Fsqrd_R_factor                   ? 
_refine.pdbx_pd_ls_matrix_band_width             ? 
_refine.pdbx_overall_phase_error                 22.77 
_refine.pdbx_overall_SU_R_free_Cruickshank_DPI   ? 
_refine.pdbx_overall_SU_R_free_Blow_DPI          ? 
_refine.pdbx_overall_SU_R_Blow_DPI               ? 
_refine.pdbx_TLS_residual_ADP_flag               ? 
_refine.pdbx_diffrn_id                           1 
_refine.overall_SU_B                             ? 
_refine.overall_SU_ML                            0.20 
_refine.overall_SU_R_Cruickshank_DPI             ? 
_refine.overall_SU_R_free                        ? 
_refine.overall_FOM_free_R_set                   ? 
_refine.overall_FOM_work_R_set                   ? 
_refine.pdbx_average_fsc_overall                 ? 
_refine.pdbx_average_fsc_work                    ? 
_refine.pdbx_average_fsc_free                    ? 
# 
_refine_hist.pdbx_refine_id                   'X-RAY DIFFRACTION' 
_refine_hist.cycle_id                         LAST 
_refine_hist.details                          ? 
_refine_hist.d_res_high                       1.40 
_refine_hist.d_res_low                        54.26 
_refine_hist.number_atoms_solvent             117 
_refine_hist.number_atoms_total               1163 
_refine_hist.number_reflns_all                ? 
_refine_hist.number_reflns_obs                ? 
_refine_hist.number_reflns_R_free             ? 
_refine_hist.number_reflns_R_work             ? 
_refine_hist.R_factor_all                     ? 
_refine_hist.R_factor_obs                     ? 
_refine_hist.R_factor_R_free                  ? 
_refine_hist.R_factor_R_work                  ? 
_refine_hist.pdbx_number_residues_total       ? 
_refine_hist.pdbx_B_iso_mean_ligand           ? 
_refine_hist.pdbx_B_iso_mean_solvent          ? 
_refine_hist.pdbx_number_atoms_protein        1043 
_refine_hist.pdbx_number_atoms_nucleic_acid   0 
_refine_hist.pdbx_number_atoms_ligand         3 
_refine_hist.pdbx_number_atoms_lipid          ? 
_refine_hist.pdbx_number_atoms_carb           ? 
_refine_hist.pdbx_pseudo_atom_details         ? 
# 
loop_
_refine_ls_restr.pdbx_refine_id 
_refine_ls_restr.criterion 
_refine_ls_restr.dev_ideal 
_refine_ls_restr.dev_ideal_target 
_refine_ls_restr.number 
_refine_ls_restr.rejects 
_refine_ls_restr.type 
_refine_ls_restr.weight 
_refine_ls_restr.pdbx_Zscore 
_refine_ls_restr.pdbx_restraint_function 
'X-RAY DIFFRACTION' ? 0.005  ? 1110 ? f_bond_d           ? ? ? 
'X-RAY DIFFRACTION' ? 0.828  ? 1513 ? f_angle_d          ? ? ? 
'X-RAY DIFFRACTION' ? 18.170 ? 197  ? f_dihedral_angle_d ? ? ? 
'X-RAY DIFFRACTION' ? 0.080  ? 165  ? f_chiral_restr     ? ? ? 
'X-RAY DIFFRACTION' ? 0.008  ? 196  ? f_plane_restr      ? ? ? 
# 
loop_
_refine_ls_shell.pdbx_refine_id 
_refine_ls_shell.d_res_high 
_refine_ls_shell.d_res_low 
_refine_ls_shell.number_reflns_all 
_refine_ls_shell.number_reflns_obs 
_refine_ls_shell.number_reflns_R_free 
_refine_ls_shell.number_reflns_R_work 
_refine_ls_shell.percent_reflns_obs 
_refine_ls_shell.percent_reflns_R_free 
_refine_ls_shell.R_factor_all 
_refine_ls_shell.R_factor_obs 
_refine_ls_shell.R_factor_R_free_error 
_refine_ls_shell.R_factor_R_work 
_refine_ls_shell.redundancy_reflns_all 
_refine_ls_shell.redundancy_reflns_obs 
_refine_ls_shell.wR_factor_all 
_refine_ls_shell.wR_factor_obs 
_refine_ls_shell.wR_factor_R_free 
_refine_ls_shell.wR_factor_R_work 
_refine_ls_shell.pdbx_R_complete 
_refine_ls_shell.correlation_coeff_Fo_to_Fc 
_refine_ls_shell.correlation_coeff_Fo_to_Fc_free 
_refine_ls_shell.correlation_coeff_I_to_Fcsqd_work 
_refine_ls_shell.correlation_coeff_I_to_Fcsqd_free 
_refine_ls_shell.pdbx_total_number_of_bins_used 
_refine_ls_shell.pdbx_phase_error 
_refine_ls_shell.pdbx_fsc_work 
_refine_ls_shell.pdbx_fsc_free 
_refine_ls_shell.R_factor_R_free 
'X-RAY DIFFRACTION' 1.40 1.46  . . 134 2552 97.00  . . . . 0.3536 . . . . . . . . . . . . . . . 0.4121 
'X-RAY DIFFRACTION' 1.46 1.54  . . 140 2647 100.00 . . . . 0.2240 . . . . . . . . . . . . . . . 0.2467 
'X-RAY DIFFRACTION' 1.54 1.64  . . 140 2665 100.00 . . . . 0.2038 . . . . . . . . . . . . . . . 0.2450 
'X-RAY DIFFRACTION' 1.64 1.76  . . 140 2662 100.00 . . . . 0.2150 . . . . . . . . . . . . . . . 0.2584 
'X-RAY DIFFRACTION' 1.76 1.94  . . 142 2689 100.00 . . . . 0.1961 . . . . . . . . . . . . . . . 0.2305 
'X-RAY DIFFRACTION' 1.94 2.22  . . 142 2693 100.00 . . . . 0.1876 . . . . . . . . . . . . . . . 0.2149 
'X-RAY DIFFRACTION' 2.22 2.80  . . 143 2734 100.00 . . . . 0.1883 . . . . . . . . . . . . . . . 0.2209 
'X-RAY DIFFRACTION' 2.80 54.26 . . 153 2891 100.00 . . . . 0.1684 . . . . . . . . . . . . . . . 0.1823 
# 
_struct.entry_id                     9ORY 
_struct.title                        
;X-ray diffraction structure of lysozyme soaked with N,N',N"-triacetylchitotriose
;
_struct.pdbx_model_details           ? 
_struct.pdbx_formula_weight          ? 
_struct.pdbx_formula_weight_method   ? 
_struct.pdbx_model_type_details      ? 
_struct.pdbx_CASP_flag               N 
# 
_struct_keywords.entry_id        9ORY 
_struct_keywords.text            'enzyme, ligand, complex, HYDROLASE' 
_struct_keywords.pdbx_keywords   HYDROLASE 
# 
loop_
_struct_asym.id 
_struct_asym.pdbx_blank_PDB_chainid_flag 
_struct_asym.pdbx_modified 
_struct_asym.entity_id 
_struct_asym.details 
A N N 1 ? 
B N N 2 ? 
C N N 3 ? 
D N N 3 ? 
E N N 3 ? 
F N N 4 ? 
# 
_struct_ref.id                         1 
_struct_ref.db_name                    UNP 
_struct_ref.db_code                    LYSC_CHICK 
_struct_ref.pdbx_db_accession          P00698 
_struct_ref.pdbx_db_isoform            ? 
_struct_ref.entity_id                  1 
_struct_ref.pdbx_seq_one_letter_code   
;KVFGRCELAAAMKRHGLDNYRGYSLGNWVCAAKFESNFNTQATNRNTDGSTDYGILQINSRWWCNDGRTPGSRNLCNIPC
SALLSSDITASVNCAKKIVSDGNGMNAWVAWRNRCKGTDVQAWIRGCRL
;
_struct_ref.pdbx_align_begin           19 
# 
_struct_ref_seq.align_id                      1 
_struct_ref_seq.ref_id                        1 
_struct_ref_seq.pdbx_PDB_id_code              9ORY 
_struct_ref_seq.pdbx_strand_id                A 
_struct_ref_seq.seq_align_beg                 1 
_struct_ref_seq.pdbx_seq_align_beg_ins_code   ? 
_struct_ref_seq.seq_align_end                 129 
_struct_ref_seq.pdbx_seq_align_end_ins_code   ? 
_struct_ref_seq.pdbx_db_accession             P00698 
_struct_ref_seq.db_align_beg                  19 
_struct_ref_seq.pdbx_db_align_beg_ins_code    ? 
_struct_ref_seq.db_align_end                  147 
_struct_ref_seq.pdbx_db_align_end_ins_code    ? 
_struct_ref_seq.pdbx_auth_seq_align_beg       1 
_struct_ref_seq.pdbx_auth_seq_align_end       129 
# 
_pdbx_struct_assembly.id                   1 
_pdbx_struct_assembly.details              author_defined_assembly 
_pdbx_struct_assembly.method_details       ? 
_pdbx_struct_assembly.oligomeric_details   monomeric 
_pdbx_struct_assembly.oligomeric_count     1 
# 
_pdbx_struct_assembly_gen.assembly_id       1 
_pdbx_struct_assembly_gen.oper_expression   1 
_pdbx_struct_assembly_gen.asym_id_list      A,B,C,D,E,F 
# 
_pdbx_struct_assembly_auth_evidence.id                     1 
_pdbx_struct_assembly_auth_evidence.assembly_id            1 
_pdbx_struct_assembly_auth_evidence.experimental_support   none 
_pdbx_struct_assembly_auth_evidence.details                ? 
# 
_pdbx_struct_oper_list.id                   1 
_pdbx_struct_oper_list.type                 'identity operation' 
_pdbx_struct_oper_list.name                 1_555 
_pdbx_struct_oper_list.symmetry_operation   x,y,z 
_pdbx_struct_oper_list.matrix[1][1]         1.0000000000 
_pdbx_struct_oper_list.matrix[1][2]         0.0000000000 
_pdbx_struct_oper_list.matrix[1][3]         0.0000000000 
_pdbx_struct_oper_list.vector[1]            0.0000000000 
_pdbx_struct_oper_list.matrix[2][1]         0.0000000000 
_pdbx_struct_oper_list.matrix[2][2]         1.0000000000 
_pdbx_struct_oper_list.matrix[2][3]         0.0000000000 
_pdbx_struct_oper_list.vector[2]            0.0000000000 
_pdbx_struct_oper_list.matrix[3][1]         0.0000000000 
_pdbx_struct_oper_list.matrix[3][2]         0.0000000000 
_pdbx_struct_oper_list.matrix[3][3]         1.0000000000 
_pdbx_struct_oper_list.vector[3]            0.0000000000 
# 
loop_
_struct_conf.conf_type_id 
_struct_conf.id 
_struct_conf.pdbx_PDB_helix_id 
_struct_conf.beg_label_comp_id 
_struct_conf.beg_label_asym_id 
_struct_conf.beg_label_seq_id 
_struct_conf.pdbx_beg_PDB_ins_code 
_struct_conf.end_label_comp_id 
_struct_conf.end_label_asym_id 
_struct_conf.end_label_seq_id 
_struct_conf.pdbx_end_PDB_ins_code 
_struct_conf.beg_auth_comp_id 
_struct_conf.beg_auth_asym_id 
_struct_conf.beg_auth_seq_id 
_struct_conf.end_auth_comp_id 
_struct_conf.end_auth_asym_id 
_struct_conf.end_auth_seq_id 
_struct_conf.pdbx_PDB_helix_class 
_struct_conf.details 
_struct_conf.pdbx_PDB_helix_length 
HELX_P HELX_P1 AA1 GLY A 4   ? HIS A 15  ? GLY A 4   HIS A 15  1 ? 12 
HELX_P HELX_P2 AA2 ASN A 19  ? TYR A 23  ? ASN A 19  TYR A 23  5 ? 5  
HELX_P HELX_P3 AA3 SER A 24  ? ASN A 37  ? SER A 24  ASN A 37  1 ? 14 
HELX_P HELX_P4 AA4 PRO A 79  ? SER A 85  ? PRO A 79  SER A 85  5 ? 7  
HELX_P HELX_P5 AA5 ILE A 88  ? SER A 100 ? ILE A 88  SER A 100 1 ? 13 
HELX_P HELX_P6 AA6 ASN A 103 ? ALA A 107 ? ASN A 103 ALA A 107 5 ? 5  
HELX_P HELX_P7 AA7 TRP A 108 ? CYS A 115 ? TRP A 108 CYS A 115 1 ? 8  
HELX_P HELX_P8 AA8 ASP A 119 ? ARG A 125 ? ASP A 119 ARG A 125 5 ? 7  
# 
_struct_conf_type.id          HELX_P 
_struct_conf_type.criteria    ? 
_struct_conf_type.reference   ? 
# 
loop_
_struct_conn.id 
_struct_conn.conn_type_id 
_struct_conn.pdbx_leaving_atom_flag 
_struct_conn.pdbx_PDB_id 
_struct_conn.ptnr1_label_asym_id 
_struct_conn.ptnr1_label_comp_id 
_struct_conn.ptnr1_label_seq_id 
_struct_conn.ptnr1_label_atom_id 
_struct_conn.pdbx_ptnr1_label_alt_id 
_struct_conn.pdbx_ptnr1_PDB_ins_code 
_struct_conn.pdbx_ptnr1_standard_comp_id 
_struct_conn.ptnr1_symmetry 
_struct_conn.ptnr2_label_asym_id 
_struct_conn.ptnr2_label_comp_id 
_struct_conn.ptnr2_label_seq_id 
_struct_conn.ptnr2_label_atom_id 
_struct_conn.pdbx_ptnr2_label_alt_id 
_struct_conn.pdbx_ptnr2_PDB_ins_code 
_struct_conn.ptnr1_auth_asym_id 
_struct_conn.ptnr1_auth_comp_id 
_struct_conn.ptnr1_auth_seq_id 
_struct_conn.ptnr2_auth_asym_id 
_struct_conn.ptnr2_auth_comp_id 
_struct_conn.ptnr2_auth_seq_id 
_struct_conn.ptnr2_symmetry 
_struct_conn.pdbx_ptnr3_label_atom_id 
_struct_conn.pdbx_ptnr3_label_seq_id 
_struct_conn.pdbx_ptnr3_label_comp_id 
_struct_conn.pdbx_ptnr3_label_asym_id 
_struct_conn.pdbx_ptnr3_label_alt_id 
_struct_conn.pdbx_ptnr3_PDB_ins_code 
_struct_conn.details 
_struct_conn.pdbx_dist_value 
_struct_conn.pdbx_value_order 
_struct_conn.pdbx_role 
disulf1 disulf ?    ? A CYS 6  SG ? ? ? 1_555 A CYS 127 SG ? ? A CYS 6  A CYS 127 1_555 ? ? ? ? ? ? ? 2.041 ? ? 
disulf2 disulf ?    ? A CYS 30 SG ? ? ? 1_555 A CYS 115 SG ? ? A CYS 30 A CYS 115 1_555 ? ? ? ? ? ? ? 2.060 ? ? 
disulf3 disulf ?    ? A CYS 64 SG ? ? ? 1_555 A CYS 80  SG ? ? A CYS 64 A CYS 80  1_555 ? ? ? ? ? ? ? 2.029 ? ? 
disulf4 disulf ?    ? A CYS 76 SG ? ? ? 1_555 A CYS 94  SG ? ? A CYS 76 A CYS 94  1_555 ? ? ? ? ? ? ? 2.041 ? ? 
covale1 covale both ? B NAG .  O4 ? ? ? 1_555 B NAG .   C1 ? ? E NAG 1  E NAG 2   1_555 ? ? ? ? ? ? ? 1.398 ? ? 
covale2 covale both ? B NAG .  O4 ? ? ? 1_555 B NAG .   C1 ? ? E NAG 2  E NAG 3   1_555 ? ? ? ? ? ? ? 1.402 ? ? 
# 
loop_
_struct_conn_type.id 
_struct_conn_type.criteria 
_struct_conn_type.reference 
disulf ? ? 
covale ? ? 
# 
loop_
_pdbx_modification_feature.ordinal 
_pdbx_modification_feature.label_comp_id 
_pdbx_modification_feature.label_asym_id 
_pdbx_modification_feature.label_seq_id 
_pdbx_modification_feature.label_alt_id 
_pdbx_modification_feature.modified_residue_label_comp_id 
_pdbx_modification_feature.modified_residue_label_asym_id 
_pdbx_modification_feature.modified_residue_label_seq_id 
_pdbx_modification_feature.modified_residue_label_alt_id 
_pdbx_modification_feature.auth_comp_id 
_pdbx_modification_feature.auth_asym_id 
_pdbx_modification_feature.auth_seq_id 
_pdbx_modification_feature.PDB_ins_code 
_pdbx_modification_feature.symmetry 
_pdbx_modification_feature.modified_residue_auth_comp_id 
_pdbx_modification_feature.modified_residue_auth_asym_id 
_pdbx_modification_feature.modified_residue_auth_seq_id 
_pdbx_modification_feature.modified_residue_PDB_ins_code 
_pdbx_modification_feature.modified_residue_symmetry 
_pdbx_modification_feature.comp_id_linking_atom 
_pdbx_modification_feature.modified_residue_id_linking_atom 
_pdbx_modification_feature.modified_residue_id 
_pdbx_modification_feature.ref_pcm_id 
_pdbx_modification_feature.ref_comp_id 
_pdbx_modification_feature.type 
_pdbx_modification_feature.category 
1 CYS A 6  ? CYS A 127 ? CYS A 6  ? 1_555 CYS A 127 ? 1_555 SG SG . . . None 'Disulfide bridge' 
2 CYS A 30 ? CYS A 115 ? CYS A 30 ? 1_555 CYS A 115 ? 1_555 SG SG . . . None 'Disulfide bridge' 
3 CYS A 64 ? CYS A 80  ? CYS A 64 ? 1_555 CYS A 80  ? 1_555 SG SG . . . None 'Disulfide bridge' 
4 CYS A 76 ? CYS A 94  ? CYS A 76 ? 1_555 CYS A 94  ? 1_555 SG SG . . . None 'Disulfide bridge' 
# 
_struct_sheet.id               AA1 
_struct_sheet.type             ? 
_struct_sheet.number_strands   3 
_struct_sheet.details          ? 
# 
loop_
_struct_sheet_order.sheet_id 
_struct_sheet_order.range_id_1 
_struct_sheet_order.range_id_2 
_struct_sheet_order.offset 
_struct_sheet_order.sense 
AA1 1 2 ? anti-parallel 
AA1 2 3 ? anti-parallel 
# 
loop_
_struct_sheet_range.sheet_id 
_struct_sheet_range.id 
_struct_sheet_range.beg_label_comp_id 
_struct_sheet_range.beg_label_asym_id 
_struct_sheet_range.beg_label_seq_id 
_struct_sheet_range.pdbx_beg_PDB_ins_code 
_struct_sheet_range.end_label_comp_id 
_struct_sheet_range.end_label_asym_id 
_struct_sheet_range.end_label_seq_id 
_struct_sheet_range.pdbx_end_PDB_ins_code 
_struct_sheet_range.beg_auth_comp_id 
_struct_sheet_range.beg_auth_asym_id 
_struct_sheet_range.beg_auth_seq_id 
_struct_sheet_range.end_auth_comp_id 
_struct_sheet_range.end_auth_asym_id 
_struct_sheet_range.end_auth_seq_id 
AA1 1 THR A 43 ? ARG A 45 ? THR A 43 ARG A 45 
AA1 2 THR A 51 ? TYR A 53 ? THR A 51 TYR A 53 
AA1 3 ILE A 58 ? ASN A 59 ? ILE A 58 ASN A 59 
# 
loop_
_pdbx_struct_sheet_hbond.sheet_id 
_pdbx_struct_sheet_hbond.range_id_1 
_pdbx_struct_sheet_hbond.range_id_2 
_pdbx_struct_sheet_hbond.range_1_label_atom_id 
_pdbx_struct_sheet_hbond.range_1_label_comp_id 
_pdbx_struct_sheet_hbond.range_1_label_asym_id 
_pdbx_struct_sheet_hbond.range_1_label_seq_id 
_pdbx_struct_sheet_hbond.range_1_PDB_ins_code 
_pdbx_struct_sheet_hbond.range_1_auth_atom_id 
_pdbx_struct_sheet_hbond.range_1_auth_comp_id 
_pdbx_struct_sheet_hbond.range_1_auth_asym_id 
_pdbx_struct_sheet_hbond.range_1_auth_seq_id 
_pdbx_struct_sheet_hbond.range_2_label_atom_id 
_pdbx_struct_sheet_hbond.range_2_label_comp_id 
_pdbx_struct_sheet_hbond.range_2_label_asym_id 
_pdbx_struct_sheet_hbond.range_2_label_seq_id 
_pdbx_struct_sheet_hbond.range_2_PDB_ins_code 
_pdbx_struct_sheet_hbond.range_2_auth_atom_id 
_pdbx_struct_sheet_hbond.range_2_auth_comp_id 
_pdbx_struct_sheet_hbond.range_2_auth_asym_id 
_pdbx_struct_sheet_hbond.range_2_auth_seq_id 
AA1 1 2 N ASN A 44 ? N ASN A 44 O ASP A 52 ? O ASP A 52 
AA1 2 3 N TYR A 53 ? N TYR A 53 O ILE A 58 ? O ILE A 58 
# 
_pdbx_entry_details.entry_id                   9ORY 
_pdbx_entry_details.nonpolymer_details         ? 
_pdbx_entry_details.sequence_details           ? 
_pdbx_entry_details.compound_details           ? 
_pdbx_entry_details.source_details             ? 
_pdbx_entry_details.has_ligand_of_interest     Y 
_pdbx_entry_details.has_protein_modification   Y 
# 
loop_
_pdbx_struct_special_symmetry.id 
_pdbx_struct_special_symmetry.PDB_model_num 
_pdbx_struct_special_symmetry.auth_asym_id 
_pdbx_struct_special_symmetry.auth_comp_id 
_pdbx_struct_special_symmetry.auth_seq_id 
_pdbx_struct_special_symmetry.PDB_ins_code 
_pdbx_struct_special_symmetry.label_asym_id 
_pdbx_struct_special_symmetry.label_comp_id 
_pdbx_struct_special_symmetry.label_seq_id 
1 1 A CL  203 ? E CL  . 
2 1 A HOH 361 ? F HOH . 
# 
loop_
_chem_comp_atom.comp_id 
_chem_comp_atom.atom_id 
_chem_comp_atom.type_symbol 
_chem_comp_atom.pdbx_aromatic_flag 
_chem_comp_atom.pdbx_stereo_config 
_chem_comp_atom.pdbx_ordinal 
ALA N    N  N N 1   
ALA CA   C  N S 2   
ALA C    C  N N 3   
ALA O    O  N N 4   
ALA CB   C  N N 5   
ALA OXT  O  N N 6   
ALA H    H  N N 7   
ALA H2   H  N N 8   
ALA HA   H  N N 9   
ALA HB1  H  N N 10  
ALA HB2  H  N N 11  
ALA HB3  H  N N 12  
ALA HXT  H  N N 13  
ARG N    N  N N 14  
ARG CA   C  N S 15  
ARG C    C  N N 16  
ARG O    O  N N 17  
ARG CB   C  N N 18  
ARG CG   C  N N 19  
ARG CD   C  N N 20  
ARG NE   N  N N 21  
ARG CZ   C  N N 22  
ARG NH1  N  N N 23  
ARG NH2  N  N N 24  
ARG OXT  O  N N 25  
ARG H    H  N N 26  
ARG H2   H  N N 27  
ARG HA   H  N N 28  
ARG HB2  H  N N 29  
ARG HB3  H  N N 30  
ARG HG2  H  N N 31  
ARG HG3  H  N N 32  
ARG HD2  H  N N 33  
ARG HD3  H  N N 34  
ARG HE   H  N N 35  
ARG HH11 H  N N 36  
ARG HH12 H  N N 37  
ARG HH21 H  N N 38  
ARG HH22 H  N N 39  
ARG HXT  H  N N 40  
ASN N    N  N N 41  
ASN CA   C  N S 42  
ASN C    C  N N 43  
ASN O    O  N N 44  
ASN CB   C  N N 45  
ASN CG   C  N N 46  
ASN OD1  O  N N 47  
ASN ND2  N  N N 48  
ASN OXT  O  N N 49  
ASN H    H  N N 50  
ASN H2   H  N N 51  
ASN HA   H  N N 52  
ASN HB2  H  N N 53  
ASN HB3  H  N N 54  
ASN HD21 H  N N 55  
ASN HD22 H  N N 56  
ASN HXT  H  N N 57  
ASP N    N  N N 58  
ASP CA   C  N S 59  
ASP C    C  N N 60  
ASP O    O  N N 61  
ASP CB   C  N N 62  
ASP CG   C  N N 63  
ASP OD1  O  N N 64  
ASP OD2  O  N N 65  
ASP OXT  O  N N 66  
ASP H    H  N N 67  
ASP H2   H  N N 68  
ASP HA   H  N N 69  
ASP HB2  H  N N 70  
ASP HB3  H  N N 71  
ASP HD2  H  N N 72  
ASP HXT  H  N N 73  
CL  CL   CL N N 74  
CYS N    N  N N 75  
CYS CA   C  N R 76  
CYS C    C  N N 77  
CYS O    O  N N 78  
CYS CB   C  N N 79  
CYS SG   S  N N 80  
CYS OXT  O  N N 81  
CYS H    H  N N 82  
CYS H2   H  N N 83  
CYS HA   H  N N 84  
CYS HB2  H  N N 85  
CYS HB3  H  N N 86  
CYS HG   H  N N 87  
CYS HXT  H  N N 88  
GLN N    N  N N 89  
GLN CA   C  N S 90  
GLN C    C  N N 91  
GLN O    O  N N 92  
GLN CB   C  N N 93  
GLN CG   C  N N 94  
GLN CD   C  N N 95  
GLN OE1  O  N N 96  
GLN NE2  N  N N 97  
GLN OXT  O  N N 98  
GLN H    H  N N 99  
GLN H2   H  N N 100 
GLN HA   H  N N 101 
GLN HB2  H  N N 102 
GLN HB3  H  N N 103 
GLN HG2  H  N N 104 
GLN HG3  H  N N 105 
GLN HE21 H  N N 106 
GLN HE22 H  N N 107 
GLN HXT  H  N N 108 
GLU N    N  N N 109 
GLU CA   C  N S 110 
GLU C    C  N N 111 
GLU O    O  N N 112 
GLU CB   C  N N 113 
GLU CG   C  N N 114 
GLU CD   C  N N 115 
GLU OE1  O  N N 116 
GLU OE2  O  N N 117 
GLU OXT  O  N N 118 
GLU H    H  N N 119 
GLU H2   H  N N 120 
GLU HA   H  N N 121 
GLU HB2  H  N N 122 
GLU HB3  H  N N 123 
GLU HG2  H  N N 124 
GLU HG3  H  N N 125 
GLU HE2  H  N N 126 
GLU HXT  H  N N 127 
GLY N    N  N N 128 
GLY CA   C  N N 129 
GLY C    C  N N 130 
GLY O    O  N N 131 
GLY OXT  O  N N 132 
GLY H    H  N N 133 
GLY H2   H  N N 134 
GLY HA2  H  N N 135 
GLY HA3  H  N N 136 
GLY HXT  H  N N 137 
HIS N    N  N N 138 
HIS CA   C  N S 139 
HIS C    C  N N 140 
HIS O    O  N N 141 
HIS CB   C  N N 142 
HIS CG   C  Y N 143 
HIS ND1  N  Y N 144 
HIS CD2  C  Y N 145 
HIS CE1  C  Y N 146 
HIS NE2  N  Y N 147 
HIS OXT  O  N N 148 
HIS H    H  N N 149 
HIS H2   H  N N 150 
HIS HA   H  N N 151 
HIS HB2  H  N N 152 
HIS HB3  H  N N 153 
HIS HD1  H  N N 154 
HIS HD2  H  N N 155 
HIS HE1  H  N N 156 
HIS HE2  H  N N 157 
HIS HXT  H  N N 158 
HOH O    O  N N 159 
HOH H1   H  N N 160 
HOH H2   H  N N 161 
ILE N    N  N N 162 
ILE CA   C  N S 163 
ILE C    C  N N 164 
ILE O    O  N N 165 
ILE CB   C  N S 166 
ILE CG1  C  N N 167 
ILE CG2  C  N N 168 
ILE CD1  C  N N 169 
ILE OXT  O  N N 170 
ILE H    H  N N 171 
ILE H2   H  N N 172 
ILE HA   H  N N 173 
ILE HB   H  N N 174 
ILE HG12 H  N N 175 
ILE HG13 H  N N 176 
ILE HG21 H  N N 177 
ILE HG22 H  N N 178 
ILE HG23 H  N N 179 
ILE HD11 H  N N 180 
ILE HD12 H  N N 181 
ILE HD13 H  N N 182 
ILE HXT  H  N N 183 
LEU N    N  N N 184 
LEU CA   C  N S 185 
LEU C    C  N N 186 
LEU O    O  N N 187 
LEU CB   C  N N 188 
LEU CG   C  N N 189 
LEU CD1  C  N N 190 
LEU CD2  C  N N 191 
LEU OXT  O  N N 192 
LEU H    H  N N 193 
LEU H2   H  N N 194 
LEU HA   H  N N 195 
LEU HB2  H  N N 196 
LEU HB3  H  N N 197 
LEU HG   H  N N 198 
LEU HD11 H  N N 199 
LEU HD12 H  N N 200 
LEU HD13 H  N N 201 
LEU HD21 H  N N 202 
LEU HD22 H  N N 203 
LEU HD23 H  N N 204 
LEU HXT  H  N N 205 
LYS N    N  N N 206 
LYS CA   C  N S 207 
LYS C    C  N N 208 
LYS O    O  N N 209 
LYS CB   C  N N 210 
LYS CG   C  N N 211 
LYS CD   C  N N 212 
LYS CE   C  N N 213 
LYS NZ   N  N N 214 
LYS OXT  O  N N 215 
LYS H    H  N N 216 
LYS H2   H  N N 217 
LYS HA   H  N N 218 
LYS HB2  H  N N 219 
LYS HB3  H  N N 220 
LYS HG2  H  N N 221 
LYS HG3  H  N N 222 
LYS HD2  H  N N 223 
LYS HD3  H  N N 224 
LYS HE2  H  N N 225 
LYS HE3  H  N N 226 
LYS HZ1  H  N N 227 
LYS HZ2  H  N N 228 
LYS HZ3  H  N N 229 
LYS HXT  H  N N 230 
MET N    N  N N 231 
MET CA   C  N S 232 
MET C    C  N N 233 
MET O    O  N N 234 
MET CB   C  N N 235 
MET CG   C  N N 236 
MET SD   S  N N 237 
MET CE   C  N N 238 
MET OXT  O  N N 239 
MET H    H  N N 240 
MET H2   H  N N 241 
MET HA   H  N N 242 
MET HB2  H  N N 243 
MET HB3  H  N N 244 
MET HG2  H  N N 245 
MET HG3  H  N N 246 
MET HE1  H  N N 247 
MET HE2  H  N N 248 
MET HE3  H  N N 249 
MET HXT  H  N N 250 
NAG C1   C  N R 251 
NAG C2   C  N R 252 
NAG C3   C  N R 253 
NAG C4   C  N S 254 
NAG C5   C  N R 255 
NAG C6   C  N N 256 
NAG C7   C  N N 257 
NAG C8   C  N N 258 
NAG N2   N  N N 259 
NAG O1   O  N N 260 
NAG O3   O  N N 261 
NAG O4   O  N N 262 
NAG O5   O  N N 263 
NAG O6   O  N N 264 
NAG O7   O  N N 265 
NAG H1   H  N N 266 
NAG H2   H  N N 267 
NAG H3   H  N N 268 
NAG H4   H  N N 269 
NAG H5   H  N N 270 
NAG H61  H  N N 271 
NAG H62  H  N N 272 
NAG H81  H  N N 273 
NAG H82  H  N N 274 
NAG H83  H  N N 275 
NAG HN2  H  N N 276 
NAG HO1  H  N N 277 
NAG HO3  H  N N 278 
NAG HO4  H  N N 279 
NAG HO6  H  N N 280 
PHE N    N  N N 281 
PHE CA   C  N S 282 
PHE C    C  N N 283 
PHE O    O  N N 284 
PHE CB   C  N N 285 
PHE CG   C  Y N 286 
PHE CD1  C  Y N 287 
PHE CD2  C  Y N 288 
PHE CE1  C  Y N 289 
PHE CE2  C  Y N 290 
PHE CZ   C  Y N 291 
PHE OXT  O  N N 292 
PHE H    H  N N 293 
PHE H2   H  N N 294 
PHE HA   H  N N 295 
PHE HB2  H  N N 296 
PHE HB3  H  N N 297 
PHE HD1  H  N N 298 
PHE HD2  H  N N 299 
PHE HE1  H  N N 300 
PHE HE2  H  N N 301 
PHE HZ   H  N N 302 
PHE HXT  H  N N 303 
PRO N    N  N N 304 
PRO CA   C  N S 305 
PRO C    C  N N 306 
PRO O    O  N N 307 
PRO CB   C  N N 308 
PRO CG   C  N N 309 
PRO CD   C  N N 310 
PRO OXT  O  N N 311 
PRO H    H  N N 312 
PRO HA   H  N N 313 
PRO HB2  H  N N 314 
PRO HB3  H  N N 315 
PRO HG2  H  N N 316 
PRO HG3  H  N N 317 
PRO HD2  H  N N 318 
PRO HD3  H  N N 319 
PRO HXT  H  N N 320 
SER N    N  N N 321 
SER CA   C  N S 322 
SER C    C  N N 323 
SER O    O  N N 324 
SER CB   C  N N 325 
SER OG   O  N N 326 
SER OXT  O  N N 327 
SER H    H  N N 328 
SER H2   H  N N 329 
SER HA   H  N N 330 
SER HB2  H  N N 331 
SER HB3  H  N N 332 
SER HG   H  N N 333 
SER HXT  H  N N 334 
THR N    N  N N 335 
THR CA   C  N S 336 
THR C    C  N N 337 
THR O    O  N N 338 
THR CB   C  N R 339 
THR OG1  O  N N 340 
THR CG2  C  N N 341 
THR OXT  O  N N 342 
THR H    H  N N 343 
THR H2   H  N N 344 
THR HA   H  N N 345 
THR HB   H  N N 346 
THR HG1  H  N N 347 
THR HG21 H  N N 348 
THR HG22 H  N N 349 
THR HG23 H  N N 350 
THR HXT  H  N N 351 
TRP N    N  N N 352 
TRP CA   C  N S 353 
TRP C    C  N N 354 
TRP O    O  N N 355 
TRP CB   C  N N 356 
TRP CG   C  Y N 357 
TRP CD1  C  Y N 358 
TRP CD2  C  Y N 359 
TRP NE1  N  Y N 360 
TRP CE2  C  Y N 361 
TRP CE3  C  Y N 362 
TRP CZ2  C  Y N 363 
TRP CZ3  C  Y N 364 
TRP CH2  C  Y N 365 
TRP OXT  O  N N 366 
TRP H    H  N N 367 
TRP H2   H  N N 368 
TRP HA   H  N N 369 
TRP HB2  H  N N 370 
TRP HB3  H  N N 371 
TRP HD1  H  N N 372 
TRP HE1  H  N N 373 
TRP HE3  H  N N 374 
TRP HZ2  H  N N 375 
TRP HZ3  H  N N 376 
TRP HH2  H  N N 377 
TRP HXT  H  N N 378 
TYR N    N  N N 379 
TYR CA   C  N S 380 
TYR C    C  N N 381 
TYR O    O  N N 382 
TYR CB   C  N N 383 
TYR CG   C  Y N 384 
TYR CD1  C  Y N 385 
TYR CD2  C  Y N 386 
TYR CE1  C  Y N 387 
TYR CE2  C  Y N 388 
TYR CZ   C  Y N 389 
TYR OH   O  N N 390 
TYR OXT  O  N N 391 
TYR H    H  N N 392 
TYR H2   H  N N 393 
TYR HA   H  N N 394 
TYR HB2  H  N N 395 
TYR HB3  H  N N 396 
TYR HD1  H  N N 397 
TYR HD2  H  N N 398 
TYR HE1  H  N N 399 
TYR HE2  H  N N 400 
TYR HH   H  N N 401 
TYR HXT  H  N N 402 
VAL N    N  N N 403 
VAL CA   C  N S 404 
VAL C    C  N N 405 
VAL O    O  N N 406 
VAL CB   C  N N 407 
VAL CG1  C  N N 408 
VAL CG2  C  N N 409 
VAL OXT  O  N N 410 
VAL H    H  N N 411 
VAL H2   H  N N 412 
VAL HA   H  N N 413 
VAL HB   H  N N 414 
VAL HG11 H  N N 415 
VAL HG12 H  N N 416 
VAL HG13 H  N N 417 
VAL HG21 H  N N 418 
VAL HG22 H  N N 419 
VAL HG23 H  N N 420 
VAL HXT  H  N N 421 
# 
loop_
_chem_comp_bond.comp_id 
_chem_comp_bond.atom_id_1 
_chem_comp_bond.atom_id_2 
_chem_comp_bond.value_order 
_chem_comp_bond.pdbx_aromatic_flag 
_chem_comp_bond.pdbx_stereo_config 
_chem_comp_bond.pdbx_ordinal 
ALA N   CA   sing N N 1   
ALA N   H    sing N N 2   
ALA N   H2   sing N N 3   
ALA CA  C    sing N N 4   
ALA CA  CB   sing N N 5   
ALA CA  HA   sing N N 6   
ALA C   O    doub N N 7   
ALA C   OXT  sing N N 8   
ALA CB  HB1  sing N N 9   
ALA CB  HB2  sing N N 10  
ALA CB  HB3  sing N N 11  
ALA OXT HXT  sing N N 12  
ARG N   CA   sing N N 13  
ARG N   H    sing N N 14  
ARG N   H2   sing N N 15  
ARG CA  C    sing N N 16  
ARG CA  CB   sing N N 17  
ARG CA  HA   sing N N 18  
ARG C   O    doub N N 19  
ARG C   OXT  sing N N 20  
ARG CB  CG   sing N N 21  
ARG CB  HB2  sing N N 22  
ARG CB  HB3  sing N N 23  
ARG CG  CD   sing N N 24  
ARG CG  HG2  sing N N 25  
ARG CG  HG3  sing N N 26  
ARG CD  NE   sing N N 27  
ARG CD  HD2  sing N N 28  
ARG CD  HD3  sing N N 29  
ARG NE  CZ   sing N N 30  
ARG NE  HE   sing N N 31  
ARG CZ  NH1  sing N N 32  
ARG CZ  NH2  doub N N 33  
ARG NH1 HH11 sing N N 34  
ARG NH1 HH12 sing N N 35  
ARG NH2 HH21 sing N N 36  
ARG NH2 HH22 sing N N 37  
ARG OXT HXT  sing N N 38  
ASN N   CA   sing N N 39  
ASN N   H    sing N N 40  
ASN N   H2   sing N N 41  
ASN CA  C    sing N N 42  
ASN CA  CB   sing N N 43  
ASN CA  HA   sing N N 44  
ASN C   O    doub N N 45  
ASN C   OXT  sing N N 46  
ASN CB  CG   sing N N 47  
ASN CB  HB2  sing N N 48  
ASN CB  HB3  sing N N 49  
ASN CG  OD1  doub N N 50  
ASN CG  ND2  sing N N 51  
ASN ND2 HD21 sing N N 52  
ASN ND2 HD22 sing N N 53  
ASN OXT HXT  sing N N 54  
ASP N   CA   sing N N 55  
ASP N   H    sing N N 56  
ASP N   H2   sing N N 57  
ASP CA  C    sing N N 58  
ASP CA  CB   sing N N 59  
ASP CA  HA   sing N N 60  
ASP C   O    doub N N 61  
ASP C   OXT  sing N N 62  
ASP CB  CG   sing N N 63  
ASP CB  HB2  sing N N 64  
ASP CB  HB3  sing N N 65  
ASP CG  OD1  doub N N 66  
ASP CG  OD2  sing N N 67  
ASP OD2 HD2  sing N N 68  
ASP OXT HXT  sing N N 69  
CYS N   CA   sing N N 70  
CYS N   H    sing N N 71  
CYS N   H2   sing N N 72  
CYS CA  C    sing N N 73  
CYS CA  CB   sing N N 74  
CYS CA  HA   sing N N 75  
CYS C   O    doub N N 76  
CYS C   OXT  sing N N 77  
CYS CB  SG   sing N N 78  
CYS CB  HB2  sing N N 79  
CYS CB  HB3  sing N N 80  
CYS SG  HG   sing N N 81  
CYS OXT HXT  sing N N 82  
GLN N   CA   sing N N 83  
GLN N   H    sing N N 84  
GLN N   H2   sing N N 85  
GLN CA  C    sing N N 86  
GLN CA  CB   sing N N 87  
GLN CA  HA   sing N N 88  
GLN C   O    doub N N 89  
GLN C   OXT  sing N N 90  
GLN CB  CG   sing N N 91  
GLN CB  HB2  sing N N 92  
GLN CB  HB3  sing N N 93  
GLN CG  CD   sing N N 94  
GLN CG  HG2  sing N N 95  
GLN CG  HG3  sing N N 96  
GLN CD  OE1  doub N N 97  
GLN CD  NE2  sing N N 98  
GLN NE2 HE21 sing N N 99  
GLN NE2 HE22 sing N N 100 
GLN OXT HXT  sing N N 101 
GLU N   CA   sing N N 102 
GLU N   H    sing N N 103 
GLU N   H2   sing N N 104 
GLU CA  C    sing N N 105 
GLU CA  CB   sing N N 106 
GLU CA  HA   sing N N 107 
GLU C   O    doub N N 108 
GLU C   OXT  sing N N 109 
GLU CB  CG   sing N N 110 
GLU CB  HB2  sing N N 111 
GLU CB  HB3  sing N N 112 
GLU CG  CD   sing N N 113 
GLU CG  HG2  sing N N 114 
GLU CG  HG3  sing N N 115 
GLU CD  OE1  doub N N 116 
GLU CD  OE2  sing N N 117 
GLU OE2 HE2  sing N N 118 
GLU OXT HXT  sing N N 119 
GLY N   CA   sing N N 120 
GLY N   H    sing N N 121 
GLY N   H2   sing N N 122 
GLY CA  C    sing N N 123 
GLY CA  HA2  sing N N 124 
GLY CA  HA3  sing N N 125 
GLY C   O    doub N N 126 
GLY C   OXT  sing N N 127 
GLY OXT HXT  sing N N 128 
HIS N   CA   sing N N 129 
HIS N   H    sing N N 130 
HIS N   H2   sing N N 131 
HIS CA  C    sing N N 132 
HIS CA  CB   sing N N 133 
HIS CA  HA   sing N N 134 
HIS C   O    doub N N 135 
HIS C   OXT  sing N N 136 
HIS CB  CG   sing N N 137 
HIS CB  HB2  sing N N 138 
HIS CB  HB3  sing N N 139 
HIS CG  ND1  sing Y N 140 
HIS CG  CD2  doub Y N 141 
HIS ND1 CE1  doub Y N 142 
HIS ND1 HD1  sing N N 143 
HIS CD2 NE2  sing Y N 144 
HIS CD2 HD2  sing N N 145 
HIS CE1 NE2  sing Y N 146 
HIS CE1 HE1  sing N N 147 
HIS NE2 HE2  sing N N 148 
HIS OXT HXT  sing N N 149 
HOH O   H1   sing N N 150 
HOH O   H2   sing N N 151 
ILE N   CA   sing N N 152 
ILE N   H    sing N N 153 
ILE N   H2   sing N N 154 
ILE CA  C    sing N N 155 
ILE CA  CB   sing N N 156 
ILE CA  HA   sing N N 157 
ILE C   O    doub N N 158 
ILE C   OXT  sing N N 159 
ILE CB  CG1  sing N N 160 
ILE CB  CG2  sing N N 161 
ILE CB  HB   sing N N 162 
ILE CG1 CD1  sing N N 163 
ILE CG1 HG12 sing N N 164 
ILE CG1 HG13 sing N N 165 
ILE CG2 HG21 sing N N 166 
ILE CG2 HG22 sing N N 167 
ILE CG2 HG23 sing N N 168 
ILE CD1 HD11 sing N N 169 
ILE CD1 HD12 sing N N 170 
ILE CD1 HD13 sing N N 171 
ILE OXT HXT  sing N N 172 
LEU N   CA   sing N N 173 
LEU N   H    sing N N 174 
LEU N   H2   sing N N 175 
LEU CA  C    sing N N 176 
LEU CA  CB   sing N N 177 
LEU CA  HA   sing N N 178 
LEU C   O    doub N N 179 
LEU C   OXT  sing N N 180 
LEU CB  CG   sing N N 181 
LEU CB  HB2  sing N N 182 
LEU CB  HB3  sing N N 183 
LEU CG  CD1  sing N N 184 
LEU CG  CD2  sing N N 185 
LEU CG  HG   sing N N 186 
LEU CD1 HD11 sing N N 187 
LEU CD1 HD12 sing N N 188 
LEU CD1 HD13 sing N N 189 
LEU CD2 HD21 sing N N 190 
LEU CD2 HD22 sing N N 191 
LEU CD2 HD23 sing N N 192 
LEU OXT HXT  sing N N 193 
LYS N   CA   sing N N 194 
LYS N   H    sing N N 195 
LYS N   H2   sing N N 196 
LYS CA  C    sing N N 197 
LYS CA  CB   sing N N 198 
LYS CA  HA   sing N N 199 
LYS C   O    doub N N 200 
LYS C   OXT  sing N N 201 
LYS CB  CG   sing N N 202 
LYS CB  HB2  sing N N 203 
LYS CB  HB3  sing N N 204 
LYS CG  CD   sing N N 205 
LYS CG  HG2  sing N N 206 
LYS CG  HG3  sing N N 207 
LYS CD  CE   sing N N 208 
LYS CD  HD2  sing N N 209 
LYS CD  HD3  sing N N 210 
LYS CE  NZ   sing N N 211 
LYS CE  HE2  sing N N 212 
LYS CE  HE3  sing N N 213 
LYS NZ  HZ1  sing N N 214 
LYS NZ  HZ2  sing N N 215 
LYS NZ  HZ3  sing N N 216 
LYS OXT HXT  sing N N 217 
MET N   CA   sing N N 218 
MET N   H    sing N N 219 
MET N   H2   sing N N 220 
MET CA  C    sing N N 221 
MET CA  CB   sing N N 222 
MET CA  HA   sing N N 223 
MET C   O    doub N N 224 
MET C   OXT  sing N N 225 
MET CB  CG   sing N N 226 
MET CB  HB2  sing N N 227 
MET CB  HB3  sing N N 228 
MET CG  SD   sing N N 229 
MET CG  HG2  sing N N 230 
MET CG  HG3  sing N N 231 
MET SD  CE   sing N N 232 
MET CE  HE1  sing N N 233 
MET CE  HE2  sing N N 234 
MET CE  HE3  sing N N 235 
MET OXT HXT  sing N N 236 
NAG C1  C2   sing N N 237 
NAG C1  O1   sing N N 238 
NAG C1  O5   sing N N 239 
NAG C1  H1   sing N N 240 
NAG C2  C3   sing N N 241 
NAG C2  N2   sing N N 242 
NAG C2  H2   sing N N 243 
NAG C3  C4   sing N N 244 
NAG C3  O3   sing N N 245 
NAG C3  H3   sing N N 246 
NAG C4  C5   sing N N 247 
NAG C4  O4   sing N N 248 
NAG C4  H4   sing N N 249 
NAG C5  C6   sing N N 250 
NAG C5  O5   sing N N 251 
NAG C5  H5   sing N N 252 
NAG C6  O6   sing N N 253 
NAG C6  H61  sing N N 254 
NAG C6  H62  sing N N 255 
NAG C7  C8   sing N N 256 
NAG C7  N2   sing N N 257 
NAG C7  O7   doub N N 258 
NAG C8  H81  sing N N 259 
NAG C8  H82  sing N N 260 
NAG C8  H83  sing N N 261 
NAG N2  HN2  sing N N 262 
NAG O1  HO1  sing N N 263 
NAG O3  HO3  sing N N 264 
NAG O4  HO4  sing N N 265 
NAG O6  HO6  sing N N 266 
PHE N   CA   sing N N 267 
PHE N   H    sing N N 268 
PHE N   H2   sing N N 269 
PHE CA  C    sing N N 270 
PHE CA  CB   sing N N 271 
PHE CA  HA   sing N N 272 
PHE C   O    doub N N 273 
PHE C   OXT  sing N N 274 
PHE CB  CG   sing N N 275 
PHE CB  HB2  sing N N 276 
PHE CB  HB3  sing N N 277 
PHE CG  CD1  doub Y N 278 
PHE CG  CD2  sing Y N 279 
PHE CD1 CE1  sing Y N 280 
PHE CD1 HD1  sing N N 281 
PHE CD2 CE2  doub Y N 282 
PHE CD2 HD2  sing N N 283 
PHE CE1 CZ   doub Y N 284 
PHE CE1 HE1  sing N N 285 
PHE CE2 CZ   sing Y N 286 
PHE CE2 HE2  sing N N 287 
PHE CZ  HZ   sing N N 288 
PHE OXT HXT  sing N N 289 
PRO N   CA   sing N N 290 
PRO N   CD   sing N N 291 
PRO N   H    sing N N 292 
PRO CA  C    sing N N 293 
PRO CA  CB   sing N N 294 
PRO CA  HA   sing N N 295 
PRO C   O    doub N N 296 
PRO C   OXT  sing N N 297 
PRO CB  CG   sing N N 298 
PRO CB  HB2  sing N N 299 
PRO CB  HB3  sing N N 300 
PRO CG  CD   sing N N 301 
PRO CG  HG2  sing N N 302 
PRO CG  HG3  sing N N 303 
PRO CD  HD2  sing N N 304 
PRO CD  HD3  sing N N 305 
PRO OXT HXT  sing N N 306 
SER N   CA   sing N N 307 
SER N   H    sing N N 308 
SER N   H2   sing N N 309 
SER CA  C    sing N N 310 
SER CA  CB   sing N N 311 
SER CA  HA   sing N N 312 
SER C   O    doub N N 313 
SER C   OXT  sing N N 314 
SER CB  OG   sing N N 315 
SER CB  HB2  sing N N 316 
SER CB  HB3  sing N N 317 
SER OG  HG   sing N N 318 
SER OXT HXT  sing N N 319 
THR N   CA   sing N N 320 
THR N   H    sing N N 321 
THR N   H2   sing N N 322 
THR CA  C    sing N N 323 
THR CA  CB   sing N N 324 
THR CA  HA   sing N N 325 
THR C   O    doub N N 326 
THR C   OXT  sing N N 327 
THR CB  OG1  sing N N 328 
THR CB  CG2  sing N N 329 
THR CB  HB   sing N N 330 
THR OG1 HG1  sing N N 331 
THR CG2 HG21 sing N N 332 
THR CG2 HG22 sing N N 333 
THR CG2 HG23 sing N N 334 
THR OXT HXT  sing N N 335 
TRP N   CA   sing N N 336 
TRP N   H    sing N N 337 
TRP N   H2   sing N N 338 
TRP CA  C    sing N N 339 
TRP CA  CB   sing N N 340 
TRP CA  HA   sing N N 341 
TRP C   O    doub N N 342 
TRP C   OXT  sing N N 343 
TRP CB  CG   sing N N 344 
TRP CB  HB2  sing N N 345 
TRP CB  HB3  sing N N 346 
TRP CG  CD1  doub Y N 347 
TRP CG  CD2  sing Y N 348 
TRP CD1 NE1  sing Y N 349 
TRP CD1 HD1  sing N N 350 
TRP CD2 CE2  doub Y N 351 
TRP CD2 CE3  sing Y N 352 
TRP NE1 CE2  sing Y N 353 
TRP NE1 HE1  sing N N 354 
TRP CE2 CZ2  sing Y N 355 
TRP CE3 CZ3  doub Y N 356 
TRP CE3 HE3  sing N N 357 
TRP CZ2 CH2  doub Y N 358 
TRP CZ2 HZ2  sing N N 359 
TRP CZ3 CH2  sing Y N 360 
TRP CZ3 HZ3  sing N N 361 
TRP CH2 HH2  sing N N 362 
TRP OXT HXT  sing N N 363 
TYR N   CA   sing N N 364 
TYR N   H    sing N N 365 
TYR N   H2   sing N N 366 
TYR CA  C    sing N N 367 
TYR CA  CB   sing N N 368 
TYR CA  HA   sing N N 369 
TYR C   O    doub N N 370 
TYR C   OXT  sing N N 371 
TYR CB  CG   sing N N 372 
TYR CB  HB2  sing N N 373 
TYR CB  HB3  sing N N 374 
TYR CG  CD1  doub Y N 375 
TYR CG  CD2  sing Y N 376 
TYR CD1 CE1  sing Y N 377 
TYR CD1 HD1  sing N N 378 
TYR CD2 CE2  doub Y N 379 
TYR CD2 HD2  sing N N 380 
TYR CE1 CZ   doub Y N 381 
TYR CE1 HE1  sing N N 382 
TYR CE2 CZ   sing Y N 383 
TYR CE2 HE2  sing N N 384 
TYR CZ  OH   sing N N 385 
TYR OH  HH   sing N N 386 
TYR OXT HXT  sing N N 387 
VAL N   CA   sing N N 388 
VAL N   H    sing N N 389 
VAL N   H2   sing N N 390 
VAL CA  C    sing N N 391 
VAL CA  CB   sing N N 392 
VAL CA  HA   sing N N 393 
VAL C   O    doub N N 394 
VAL C   OXT  sing N N 395 
VAL CB  CG1  sing N N 396 
VAL CB  CG2  sing N N 397 
VAL CB  HB   sing N N 398 
VAL CG1 HG11 sing N N 399 
VAL CG1 HG12 sing N N 400 
VAL CG1 HG13 sing N N 401 
VAL CG2 HG21 sing N N 402 
VAL CG2 HG22 sing N N 403 
VAL CG2 HG23 sing N N 404 
VAL OXT HXT  sing N N 405 
# 
loop_
_pdbx_audit_support.funding_organization 
_pdbx_audit_support.country 
_pdbx_audit_support.grant_number 
_pdbx_audit_support.ordinal 
'Howard Hughes Medical Institute (HHMI)'           'United States' HHMI-EPI          1 
'National Science Foundation (NSF, United States)' 'United States' DMR-1548924       2 
'Department of Energy (DOE, United States)'        'United States' DE-FC02-02ER63421 3 
# 
loop_
_pdbx_entity_branch_list.entity_id 
_pdbx_entity_branch_list.comp_id 
_pdbx_entity_branch_list.num 
_pdbx_entity_branch_list.hetero 
2 NAG 1 n 
2 NAG 2 n 
2 NAG 3 n 
# 
_pdbx_initial_refinement_model.id               1 
_pdbx_initial_refinement_model.entity_id_list   ? 
_pdbx_initial_refinement_model.type             'experimental model' 
_pdbx_initial_refinement_model.source_name      PDB 
_pdbx_initial_refinement_model.accession_code   193L 
_pdbx_initial_refinement_model.details          ? 
# 
_atom_sites.entry_id                    9ORY 
_atom_sites.Cartn_transf_matrix[1][1]   ? 
_atom_sites.Cartn_transf_matrix[1][2]   ? 
_atom_sites.Cartn_transf_matrix[1][3]   ? 
_atom_sites.Cartn_transf_matrix[2][1]   ? 
_atom_sites.Cartn_transf_matrix[2][2]   ? 
_atom_sites.Cartn_transf_matrix[2][3]   ? 
_atom_sites.Cartn_transf_matrix[3][1]   ? 
_atom_sites.Cartn_transf_matrix[3][2]   ? 
_atom_sites.Cartn_transf_matrix[3][3]   ? 
_atom_sites.Cartn_transf_vector[1]      ? 
_atom_sites.Cartn_transf_vector[2]      ? 
_atom_sites.Cartn_transf_vector[3]      ? 
_atom_sites.Cartn_transform_axes        ? 
_atom_sites.fract_transf_matrix[1][1]   0.01141628 
_atom_sites.fract_transf_matrix[1][2]   -0.00103916 
_atom_sites.fract_transf_matrix[1][3]   -0.00619643 
_atom_sites.fract_transf_matrix[2][1]   0.00349921 
_atom_sites.fract_transf_matrix[2][2]   0.01172549 
_atom_sites.fract_transf_matrix[2][3]   0.00448054 
_atom_sites.fract_transf_matrix[3][1]   0.01060808 
_atom_sites.fract_transf_matrix[3][2]   -0.01136212 
_atom_sites.fract_transf_matrix[3][3]   0.02144974 
_atom_sites.fract_transf_vector[1]      0.019223 
_atom_sites.fract_transf_vector[2]      -0.251392 
_atom_sites.fract_transf_vector[3]      0.017058 
_atom_sites.solution_primary            ? 
_atom_sites.solution_secondary          ? 
_atom_sites.solution_hydrogens          ? 
_atom_sites.special_details             ? 
# 
loop_
_atom_type.symbol 
C  
CL 
N  
O  
S  
# 
loop_
_atom_site.group_PDB 
_atom_site.id 
_atom_site.type_symbol 
_atom_site.label_atom_id 
_atom_site.label_alt_id 
_atom_site.label_comp_id 
_atom_site.label_asym_id 
_atom_site.label_entity_id 
_atom_site.label_seq_id 
_atom_site.pdbx_PDB_ins_code 
_atom_site.Cartn_x 
_atom_site.Cartn_y 
_atom_site.Cartn_z 
_atom_site.occupancy 
_atom_site.B_iso_or_equiv 
_atom_site.pdbx_formal_charge 
_atom_site.auth_seq_id 
_atom_site.auth_comp_id 
_atom_site.auth_asym_id 
_atom_site.auth_atom_id 
_atom_site.pdbx_PDB_model_num 
ATOM   1    N  N   . LYS A 1 1   ? -4.200  13.536  -2.398  1.00 20.23 ? 1   LYS A N   1 
ATOM   2    C  CA  . LYS A 1 1   ? -3.869  13.433  -3.816  1.00 20.29 ? 1   LYS A CA  1 
ATOM   3    C  C   . LYS A 1 1   ? -4.458  12.166  -4.411  1.00 17.06 ? 1   LYS A C   1 
ATOM   4    O  O   . LYS A 1 1   ? -4.290  11.087  -3.848  1.00 18.65 ? 1   LYS A O   1 
ATOM   5    C  CB  . LYS A 1 1   ? -2.344  13.432  -3.995  1.00 19.51 ? 1   LYS A CB  1 
ATOM   6    C  CG  . LYS A 1 1   ? -1.846  13.236  -5.428  1.00 24.10 ? 1   LYS A CG  1 
ATOM   7    C  CD  A LYS A 1 1   ? -0.337  13.411  -5.498  0.93 23.66 ? 1   LYS A CD  1 
ATOM   8    C  CE  A LYS A 1 1   ? 0.222   13.132  -6.895  0.93 22.22 ? 1   LYS A CE  1 
ATOM   9    N  NZ  A LYS A 1 1   ? -0.366  14.030  -7.927  0.93 31.32 ? 1   LYS A NZ  1 
ATOM   10   N  N   . VAL A 1 2   ? -5.169  12.301  -5.524  1.00 18.18 ? 2   VAL A N   1 
ATOM   11   C  CA  . VAL A 1 2   ? -5.606  11.157  -6.317  1.00 15.13 ? 2   VAL A CA  1 
ATOM   12   C  C   . VAL A 1 2   ? -4.599  10.999  -7.445  1.00 16.91 ? 2   VAL A C   1 
ATOM   13   O  O   . VAL A 1 2   ? -4.566  11.808  -8.377  1.00 19.32 ? 2   VAL A O   1 
ATOM   14   C  CB  . VAL A 1 2   ? -7.031  11.345  -6.851  1.00 18.58 ? 2   VAL A CB  1 
ATOM   15   C  CG1 . VAL A 1 2   ? -7.410  10.191  -7.761  1.00 24.60 ? 2   VAL A CG1 1 
ATOM   16   C  CG2 . VAL A 1 2   ? -8.015  11.440  -5.696  1.00 20.65 ? 2   VAL A CG2 1 
ATOM   17   N  N   . PHE A 1 3   ? -3.771  9.958   -7.348  1.00 15.72 ? 3   PHE A N   1 
ATOM   18   C  CA  . PHE A 1 3   ? -2.792  9.659   -8.381  1.00 14.57 ? 3   PHE A CA  1 
ATOM   19   C  C   . PHE A 1 3   ? -3.472  9.137   -9.637  1.00 15.44 ? 3   PHE A C   1 
ATOM   20   O  O   . PHE A 1 3   ? -4.481  8.421   -9.586  1.00 16.83 ? 3   PHE A O   1 
ATOM   21   C  CB  . PHE A 1 3   ? -1.835  8.570   -7.896  1.00 17.26 ? 3   PHE A CB  1 
ATOM   22   C  CG  . PHE A 1 3   ? -0.627  9.074   -7.151  1.00 16.68 ? 3   PHE A CG  1 
ATOM   23   C  CD1 . PHE A 1 3   ? -0.708  9.407   -5.807  1.00 16.31 ? 3   PHE A CD1 1 
ATOM   24   C  CD2 . PHE A 1 3   ? 0.601   9.179   -7.783  1.00 15.77 ? 3   PHE A CD2 1 
ATOM   25   C  CE1 . PHE A 1 3   ? 0.408   9.855   -5.115  1.00 17.59 ? 3   PHE A CE1 1 
ATOM   26   C  CE2 . PHE A 1 3   ? 1.710   9.619   -7.096  1.00 17.66 ? 3   PHE A CE2 1 
ATOM   27   C  CZ  . PHE A 1 3   ? 1.623   9.962   -5.764  1.00 15.75 ? 3   PHE A CZ  1 
ATOM   28   N  N   . GLY A 1 4   ? -2.895  9.496   -10.788 1.00 16.47 ? 4   GLY A N   1 
ATOM   29   C  CA  . GLY A 1 4   ? -3.182  8.756   -11.994 1.00 15.16 ? 4   GLY A CA  1 
ATOM   30   C  C   . GLY A 1 4   ? -2.522  7.391   -11.955 1.00 15.04 ? 4   GLY A C   1 
ATOM   31   O  O   . GLY A 1 4   ? -1.591  7.148   -11.184 1.00 14.88 ? 4   GLY A O   1 
ATOM   32   N  N   . ARG A 1 5   ? -3.014  6.489   -12.803 1.00 16.39 ? 5   ARG A N   1 
ATOM   33   C  CA  . ARG A 1 5   ? -2.501  5.122   -12.818 1.00 15.20 ? 5   ARG A CA  1 
ATOM   34   C  C   . ARG A 1 5   ? -1.008  5.086   -13.157 1.00 14.39 ? 5   ARG A C   1 
ATOM   35   O  O   . ARG A 1 5   ? -0.196  4.548   -12.399 1.00 14.50 ? 5   ARG A O   1 
ATOM   36   C  CB  . ARG A 1 5   ? -3.315  4.290   -13.803 1.00 17.22 ? 5   ARG A CB  1 
ATOM   37   C  CG  . ARG A 1 5   ? -2.847  2.859   -13.927 1.00 16.48 ? 5   ARG A CG  1 
ATOM   38   C  CD  . ARG A 1 5   ? -3.778  2.056   -14.828 1.00 19.62 ? 5   ARG A CD  1 
ATOM   39   N  NE  . ARG A 1 5   ? -3.938  2.653   -16.150 1.00 19.51 ? 5   ARG A NE  1 
ATOM   40   C  CZ  . ARG A 1 5   ? -3.091  2.476   -17.155 1.00 21.86 ? 5   ARG A CZ  1 
ATOM   41   N  NH1 . ARG A 1 5   ? -1.977  1.777   -17.008 1.00 18.04 ? 5   ARG A NH1 1 
ATOM   42   N  NH2 . ARG A 1 5   ? -3.376  3.004   -18.344 1.00 23.15 ? 5   ARG A NH2 1 
ATOM   43   N  N   . CYS A 1 6   ? -0.624  5.674   -14.295 1.00 15.33 ? 6   CYS A N   1 
ATOM   44   C  CA  . CYS A 1 6   ? 0.784   5.681   -14.684 1.00 15.82 ? 6   CYS A CA  1 
ATOM   45   C  C   . CYS A 1 6   ? 1.616   6.580   -13.781 1.00 15.38 ? 6   CYS A C   1 
ATOM   46   O  O   . CYS A 1 6   ? 2.782   6.280   -13.516 1.00 15.13 ? 6   CYS A O   1 
ATOM   47   C  CB  . CYS A 1 6   ? 0.931   6.108   -16.145 1.00 16.11 ? 6   CYS A CB  1 
ATOM   48   S  SG  . CYS A 1 6   ? 0.338   4.857   -17.318 1.00 21.44 ? 6   CYS A SG  1 
ATOM   49   N  N   . GLU A 1 7   ? 1.019   7.664   -13.285 1.00 15.28 ? 7   GLU A N   1 
ATOM   50   C  CA  . GLU A 1 7   ? 1.688   8.498   -12.295 1.00 18.56 ? 7   GLU A CA  1 
ATOM   51   C  C   . GLU A 1 7   ? 2.087   7.686   -11.071 1.00 16.37 ? 7   GLU A C   1 
ATOM   52   O  O   . GLU A 1 7   ? 3.228   7.764   -10.599 1.00 17.79 ? 7   GLU A O   1 
ATOM   53   C  CB  . GLU A 1 7   ? 0.777   9.657   -11.904 1.00 16.40 ? 7   GLU A CB  1 
ATOM   54   C  CG  . GLU A 1 7   ? 1.434   10.658  -10.965 1.00 18.46 ? 7   GLU A CG  1 
ATOM   55   C  CD  . GLU A 1 7   ? 0.472   11.730  -10.510 1.00 20.36 ? 7   GLU A CD  1 
ATOM   56   O  OE1 . GLU A 1 7   ? -0.762  11.532  -10.613 1.00 19.23 ? 7   GLU A OE1 1 
ATOM   57   O  OE2 . GLU A 1 7   ? 0.948   12.791  -10.046 1.00 22.30 ? 7   GLU A OE2 1 
ATOM   58   N  N   . LEU A 1 8   ? 1.163   6.879   -10.549 1.00 15.53 ? 8   LEU A N   1 
ATOM   59   C  CA  . LEU A 1 8   ? 1.499   6.048   -9.401  1.00 14.90 ? 8   LEU A CA  1 
ATOM   60   C  C   . LEU A 1 8   ? 2.506   4.967   -9.777  1.00 14.61 ? 8   LEU A C   1 
ATOM   61   O  O   . LEU A 1 8   ? 3.430   4.676   -9.011  1.00 13.79 ? 8   LEU A O   1 
ATOM   62   C  CB  . LEU A 1 8   ? 0.227   5.425   -8.826  1.00 15.80 ? 8   LEU A CB  1 
ATOM   63   C  CG  . LEU A 1 8   ? 0.457   4.584   -7.570  1.00 14.55 ? 8   LEU A CG  1 
ATOM   64   C  CD1 . LEU A 1 8   ? 1.032   5.395   -6.421  1.00 16.95 ? 8   LEU A CD1 1 
ATOM   65   C  CD2 . LEU A 1 8   ? -0.851  3.910   -7.154  1.00 17.46 ? 8   LEU A CD2 1 
ATOM   66   N  N   . ALA A 1 9   ? 2.342   4.361   -10.951 1.00 14.98 ? 9   ALA A N   1 
ATOM   67   C  CA  . ALA A 1 9   ? 3.295   3.353   -11.393 1.00 16.86 ? 9   ALA A CA  1 
ATOM   68   C  C   . ALA A 1 9   ? 4.713   3.902   -11.394 1.00 17.22 ? 9   ALA A C   1 
ATOM   69   O  O   . ALA A 1 9   ? 5.637   3.246   -10.902 1.00 15.99 ? 9   ALA A O   1 
ATOM   70   C  CB  . ALA A 1 9   ? 2.905   2.829   -12.777 1.00 15.18 ? 9   ALA A CB  1 
ATOM   71   N  N   . ALA A 1 10  ? 4.899   5.128   -11.908 1.00 14.79 ? 10  ALA A N   1 
ATOM   72   C  CA  . ALA A 1 10  ? 6.240   5.707   -11.975 1.00 16.26 ? 10  ALA A CA  1 
ATOM   73   C  C   . ALA A 1 10  ? 6.791   6.001   -10.588 1.00 16.66 ? 10  ALA A C   1 
ATOM   74   O  O   . ALA A 1 10  ? 7.981   5.786   -10.330 1.00 18.14 ? 10  ALA A O   1 
ATOM   75   C  CB  . ALA A 1 10  ? 6.208   6.984   -12.817 1.00 19.16 ? 10  ALA A CB  1 
ATOM   76   N  N   . ALA A 1 11  ? 5.941   6.470   -9.675  1.00 14.80 ? 11  ALA A N   1 
ATOM   77   C  CA  . ALA A 1 11  ? 6.411   6.766   -8.327  1.00 17.70 ? 11  ALA A CA  1 
ATOM   78   C  C   . ALA A 1 11  ? 6.791   5.493   -7.583  1.00 17.49 ? 11  ALA A C   1 
ATOM   79   O  O   . ALA A 1 11  ? 7.804   5.449   -6.878  1.00 17.77 ? 11  ALA A O   1 
ATOM   80   C  CB  . ALA A 1 11  ? 5.327   7.516   -7.557  1.00 16.58 ? 11  ALA A CB  1 
ATOM   81   N  N   . MET A 1 12  ? 5.965   4.456   -7.712  1.00 15.59 ? 12  MET A N   1 
ATOM   82   C  CA  . MET A 1 12  ? 6.239   3.169   -7.088  1.00 18.20 ? 12  MET A CA  1 
ATOM   83   C  C   . MET A 1 12  ? 7.542   2.585   -7.616  1.00 15.88 ? 12  MET A C   1 
ATOM   84   O  O   . MET A 1 12  ? 8.362   2.070   -6.844  1.00 18.76 ? 12  MET A O   1 
ATOM   85   C  CB  . MET A 1 12  ? 5.044   2.310   -7.453  1.00 16.40 ? 12  MET A CB  1 
ATOM   86   C  CG  . MET A 1 12  ? 3.863   2.581   -6.532  1.00 14.36 ? 12  MET A CG  1 
ATOM   87   S  SD  . MET A 1 12  ? 2.561   1.363   -6.731  1.00 15.01 ? 12  MET A SD  1 
ATOM   88   C  CE  . MET A 1 12  ? 1.633   1.499   -5.204  1.00 17.86 ? 12  MET A CE  1 
ATOM   89   N  N   . LYS A 1 13  ? 7.760   2.691   -8.930  1.00 15.53 ? 13  LYS A N   1 
ATOM   90   C  CA  . LYS A 1 13  ? 8.992   2.177   -9.522  1.00 18.66 ? 13  LYS A CA  1 
ATOM   91   C  C   . LYS A 1 13  ? 10.209  2.966   -9.060  1.00 19.80 ? 13  LYS A C   1 
ATOM   92   O  O   . LYS A 1 13  ? 11.251  2.376   -8.739  1.00 19.71 ? 13  LYS A O   1 
ATOM   93   C  CB  . LYS A 1 13  ? 8.858   2.133   -11.034 1.00 18.32 ? 13  LYS A CB  1 
ATOM   94   C  CG  . LYS A 1 13  ? 10.114  1.692   -11.766 1.00 19.98 ? 13  LYS A CG  1 
ATOM   95   C  CD  . LYS A 1 13  ? 9.785   1.547   -13.238 1.00 23.08 ? 13  LYS A CD  1 
ATOM   96   C  CE  . LYS A 1 13  ? 10.834  0.741   -13.982 1.00 38.77 ? 13  LYS A CE  1 
ATOM   97   N  NZ  . LYS A 1 13  ? 10.972  1.183   -15.377 1.00 46.13 ? 13  LYS A NZ  1 
ATOM   98   N  N   A ARG A 1 14  ? 10.088  4.294   -8.991  0.50 16.46 ? 14  ARG A N   1 
ATOM   99   N  N   B ARG A 1 14  ? 10.085  4.288   -8.972  0.50 16.46 ? 14  ARG A N   1 
ATOM   100  C  CA  A ARG A 1 14  ? 11.182  5.121   -8.485  0.50 17.31 ? 14  ARG A CA  1 
ATOM   101  C  CA  B ARG A 1 14  ? 11.200  5.096   -8.487  0.50 17.30 ? 14  ARG A CA  1 
ATOM   102  C  C   A ARG A 1 14  ? 11.586  4.707   -7.076  0.50 19.82 ? 14  ARG A C   1 
ATOM   103  C  C   B ARG A 1 14  ? 11.591  4.710   -7.068  0.50 19.83 ? 14  ARG A C   1 
ATOM   104  O  O   A ARG A 1 14  ? 12.778  4.662   -6.751  0.50 22.76 ? 14  ARG A O   1 
ATOM   105  O  O   B ARG A 1 14  ? 12.778  4.706   -6.723  0.50 22.76 ? 14  ARG A O   1 
ATOM   106  C  CB  A ARG A 1 14  ? 10.771  6.594   -8.509  0.50 19.26 ? 14  ARG A CB  1 
ATOM   107  C  CB  B ARG A 1 14  ? 10.827  6.569   -8.539  0.50 19.28 ? 14  ARG A CB  1 
ATOM   108  C  CG  A ARG A 1 14  ? 11.511  7.451   -7.498  0.50 26.30 ? 14  ARG A CG  1 
ATOM   109  C  CG  B ARG A 1 14  ? 11.939  7.451   -8.076  0.50 18.48 ? 14  ARG A CG  1 
ATOM   110  C  CD  A ARG A 1 14  ? 11.122  8.913   -7.625  0.50 27.89 ? 14  ARG A CD  1 
ATOM   111  C  CD  B ARG A 1 14  ? 11.523  8.875   -8.164  0.50 24.79 ? 14  ARG A CD  1 
ATOM   112  N  NE  A ARG A 1 14  ? 10.573  9.475   -6.395  0.50 26.00 ? 14  ARG A NE  1 
ATOM   113  N  NE  B ARG A 1 14  ? 10.620  9.293   -7.097  0.50 25.40 ? 14  ARG A NE  1 
ATOM   114  C  CZ  A ARG A 1 14  ? 9.307   9.836   -6.232  0.50 20.69 ? 14  ARG A CZ  1 
ATOM   115  C  CZ  B ARG A 1 14  ? 11.015  9.610   -5.869  0.50 22.26 ? 14  ARG A CZ  1 
ATOM   116  N  NH1 A ARG A 1 14  ? 8.416   9.677   -7.192  0.50 12.15 ? 14  ARG A NH1 1 
ATOM   117  N  NH1 B ARG A 1 14  ? 12.267  9.435   -5.479  0.50 27.98 ? 14  ARG A NH1 1 
ATOM   118  N  NH2 A ARG A 1 14  ? 8.933   10.391  -5.084  0.50 28.66 ? 14  ARG A NH2 1 
ATOM   119  N  NH2 B ARG A 1 14  ? 10.138  10.126  -5.016  0.50 22.29 ? 14  ARG A NH2 1 
ATOM   120  N  N   . HIS A 1 15  ? 10.607  4.386   -6.228  1.00 18.30 ? 15  HIS A N   1 
ATOM   121  C  CA  . HIS A 1 15  ? 10.858  3.972   -4.853  1.00 19.13 ? 15  HIS A CA  1 
ATOM   122  C  C   . HIS A 1 15  ? 11.243  2.506   -4.715  1.00 22.71 ? 15  HIS A C   1 
ATOM   123  O  O   . HIS A 1 15  ? 11.354  2.024   -3.581  1.00 26.11 ? 15  HIS A O   1 
ATOM   124  C  CB  . HIS A 1 15  ? 9.637   4.256   -3.987  1.00 25.23 ? 15  HIS A CB  1 
ATOM   125  C  CG  . HIS A 1 15  ? 9.502   5.691   -3.611  1.00 22.35 ? 15  HIS A CG  1 
ATOM   126  N  ND1 . HIS A 1 15  ? 8.589   6.536   -4.204  1.00 22.20 ? 15  HIS A ND1 1 
ATOM   127  C  CD2 . HIS A 1 15  ? 10.183  6.440   -2.715  1.00 22.97 ? 15  HIS A CD2 1 
ATOM   128  C  CE1 . HIS A 1 15  ? 8.701   7.741   -3.673  1.00 21.89 ? 15  HIS A CE1 1 
ATOM   129  N  NE2 . HIS A 1 15  ? 9.663   7.709   -2.770  1.00 25.64 ? 15  HIS A NE2 1 
ATOM   130  N  N   . GLY A 1 16  ? 11.429  1.793   -5.818  1.00 20.90 ? 16  GLY A N   1 
ATOM   131  C  CA  . GLY A 1 16  ? 11.956  0.444   -5.763  1.00 22.46 ? 16  GLY A CA  1 
ATOM   132  C  C   . GLY A 1 16  ? 10.955  -0.660  -5.494  1.00 25.85 ? 16  GLY A C   1 
ATOM   133  O  O   . GLY A 1 16  ? 11.364  -1.748  -5.070  1.00 24.64 ? 16  GLY A O   1 
ATOM   134  N  N   . LEU A 1 17  ? 9.657   -0.425  -5.728  1.00 22.95 ? 17  LEU A N   1 
ATOM   135  C  CA  . LEU A 1 17  ? 8.662   -1.481  -5.545  1.00 20.94 ? 17  LEU A CA  1 
ATOM   136  C  C   . LEU A 1 17  ? 8.583   -2.456  -6.707  1.00 22.06 ? 17  LEU A C   1 
ATOM   137  O  O   . LEU A 1 17  ? 8.110   -3.581  -6.515  1.00 21.01 ? 17  LEU A O   1 
ATOM   138  C  CB  . LEU A 1 17  ? 7.276   -0.882  -5.327  1.00 20.63 ? 17  LEU A CB  1 
ATOM   139  C  CG  . LEU A 1 17  ? 6.962   -0.416  -3.918  1.00 19.57 ? 17  LEU A CG  1 
ATOM   140  C  CD1 . LEU A 1 17  ? 5.495   -0.041  -3.836  1.00 20.95 ? 17  LEU A CD1 1 
ATOM   141  C  CD2 . LEU A 1 17  ? 7.295   -1.501  -2.890  1.00 19.30 ? 17  LEU A CD2 1 
ATOM   142  N  N   A ASP A 1 18  ? 8.993   -2.061  -7.915  0.54 22.16 ? 18  ASP A N   1 
ATOM   143  N  N   B ASP A 1 18  ? 9.041   -2.062  -7.892  0.46 22.22 ? 18  ASP A N   1 
ATOM   144  C  CA  A ASP A 1 18  ? 8.954   -2.981  -9.048  0.54 22.81 ? 18  ASP A CA  1 
ATOM   145  C  CA  B ASP A 1 18  ? 9.034   -2.948  -9.044  0.46 22.85 ? 18  ASP A CA  1 
ATOM   146  C  C   A ASP A 1 18  ? 9.831   -4.191  -8.762  0.54 26.22 ? 18  ASP A C   1 
ATOM   147  C  C   B ASP A 1 18  ? 9.860   -4.197  -8.757  0.46 26.22 ? 18  ASP A C   1 
ATOM   148  O  O   A ASP A 1 18  ? 11.054  -4.076  -8.635  0.54 25.25 ? 18  ASP A O   1 
ATOM   149  O  O   B ASP A 1 18  ? 11.085  -4.119  -8.617  0.46 25.23 ? 18  ASP A O   1 
ATOM   150  C  CB  A ASP A 1 18  ? 9.375   -2.298  -10.356 0.54 23.04 ? 18  ASP A CB  1 
ATOM   151  C  CB  B ASP A 1 18  ? 9.554   -2.206  -10.281 0.46 23.48 ? 18  ASP A CB  1 
ATOM   152  C  CG  A ASP A 1 18  ? 9.146   -3.178  -11.592 0.54 23.88 ? 18  ASP A CG  1 
ATOM   153  C  CG  B ASP A 1 18  ? 10.842  -1.416  -10.012 0.46 23.83 ? 18  ASP A CG  1 
ATOM   154  O  OD1 A ASP A 1 18  ? 8.488   -4.239  -11.493 0.54 22.00 ? 18  ASP A OD1 1 
ATOM   155  O  OD1 B ASP A 1 18  ? 10.939  -0.658  -9.010  0.46 16.15 ? 18  ASP A OD1 1 
ATOM   156  O  OD2 A ASP A 1 18  ? 9.635   -2.804  -12.683 0.54 23.56 ? 18  ASP A OD2 1 
ATOM   157  O  OD2 B ASP A 1 18  ? 11.777  -1.567  -10.825 0.46 30.44 ? 18  ASP A OD2 1 
ATOM   158  N  N   . ASN A 1 19  ? 9.194   -5.349  -8.638  1.00 22.16 ? 19  ASN A N   1 
ATOM   159  C  CA  . ASN A 1 19  ? 9.825   -6.629  -8.329  1.00 20.22 ? 19  ASN A CA  1 
ATOM   160  C  C   . ASN A 1 19  ? 10.331  -6.740  -6.894  1.00 18.84 ? 19  ASN A C   1 
ATOM   161  O  O   . ASN A 1 19  ? 11.101  -7.656  -6.582  1.00 21.46 ? 19  ASN A O   1 
ATOM   162  C  CB  . ASN A 1 19  ? 10.876  -7.068  -9.358  1.00 27.07 ? 19  ASN A CB  1 
ATOM   163  C  CG  . ASN A 1 19  ? 10.277  -7.920  -10.450 1.00 38.46 ? 19  ASN A CG  1 
ATOM   164  O  OD1 . ASN A 1 19  ? 9.759   -7.402  -11.442 1.00 45.13 ? 19  ASN A OD1 1 
ATOM   165  N  ND2 . ASN A 1 19  ? 10.324  -9.238  -10.266 1.00 43.55 ? 19  ASN A ND2 1 
ATOM   166  N  N   . TYR A 1 20  ? 9.895   -5.849  -6.000  1.00 18.64 ? 20  TYR A N   1 
ATOM   167  C  CA  . TYR A 1 20  ? 10.270  -5.966  -4.599  1.00 17.75 ? 20  TYR A CA  1 
ATOM   168  C  C   . TYR A 1 20  ? 9.653   -7.235  -4.019  1.00 20.07 ? 20  TYR A C   1 
ATOM   169  O  O   . TYR A 1 20  ? 8.453   -7.487  -4.179  1.00 17.83 ? 20  TYR A O   1 
ATOM   170  C  CB  . TYR A 1 20  ? 9.830   -4.738  -3.802  1.00 20.99 ? 20  TYR A CB  1 
ATOM   171  C  CG  . TYR A 1 20  ? 10.444  -4.718  -2.434  1.00 18.34 ? 20  TYR A CG  1 
ATOM   172  C  CD1 . TYR A 1 20  ? 11.695  -4.152  -2.218  1.00 20.66 ? 20  TYR A CD1 1 
ATOM   173  C  CD2 . TYR A 1 20  ? 9.794   -5.300  -1.354  1.00 20.24 ? 20  TYR A CD2 1 
ATOM   174  C  CE1 . TYR A 1 20  ? 12.268  -4.155  -0.956  1.00 22.16 ? 20  TYR A CE1 1 
ATOM   175  C  CE2 . TYR A 1 20  ? 10.356  -5.306  -0.102  1.00 20.18 ? 20  TYR A CE2 1 
ATOM   176  C  CZ  . TYR A 1 20  ? 11.593  -4.742  0.097   1.00 23.44 ? 20  TYR A CZ  1 
ATOM   177  O  OH  . TYR A 1 20  ? 12.142  -4.754  1.359   1.00 24.17 ? 20  TYR A OH  1 
ATOM   178  N  N   . ARG A 1 21  ? 10.493  -8.064  -3.391  1.00 20.34 ? 21  ARG A N   1 
ATOM   179  C  CA  . ARG A 1 21  ? 10.075  -9.389  -2.920  1.00 19.68 ? 21  ARG A CA  1 
ATOM   180  C  C   . ARG A 1 21  ? 9.453   -10.230 -4.038  1.00 20.11 ? 21  ARG A C   1 
ATOM   181  O  O   . ARG A 1 21  ? 8.638   -11.126 -3.790  1.00 21.25 ? 21  ARG A O   1 
ATOM   182  C  CB  . ARG A 1 21  ? 9.174   -9.308  -1.683  1.00 22.56 ? 21  ARG A CB  1 
ATOM   183  C  CG  . ARG A 1 21  ? 9.920   -9.010  -0.407  1.00 28.40 ? 21  ARG A CG  1 
ATOM   184  C  CD  . ARG A 1 21  ? 11.241  -9.758  -0.395  1.00 41.77 ? 21  ARG A CD  1 
ATOM   185  N  NE  . ARG A 1 21  ? 11.573  -10.242 0.937   1.00 56.01 ? 21  ARG A NE  1 
ATOM   186  C  CZ  . ARG A 1 21  ? 12.262  -9.538  1.824   1.00 51.35 ? 21  ARG A CZ  1 
ATOM   187  N  NH1 . ARG A 1 21  ? 12.665  -8.307  1.560   1.00 33.70 ? 21  ARG A NH1 1 
ATOM   188  N  NH2 . ARG A 1 21  ? 12.545  -10.082 3.006   1.00 47.63 ? 21  ARG A NH2 1 
ATOM   189  N  N   . GLY A 1 22  ? 9.838   -9.946  -5.280  1.00 19.21 ? 22  GLY A N   1 
ATOM   190  C  CA  . GLY A 1 22  ? 9.354   -10.677 -6.425  1.00 15.64 ? 22  GLY A CA  1 
ATOM   191  C  C   . GLY A 1 22  ? 8.011   -10.245 -6.973  1.00 17.00 ? 22  GLY A C   1 
ATOM   192  O  O   . GLY A 1 22  ? 7.483   -10.903 -7.879  1.00 16.50 ? 22  GLY A O   1 
ATOM   193  N  N   . TYR A 1 23  ? 7.442   -9.157  -6.465  1.00 16.40 ? 23  TYR A N   1 
ATOM   194  C  CA  . TYR A 1 23  ? 6.125   -8.694  -6.896  1.00 17.24 ? 23  TYR A CA  1 
ATOM   195  C  C   . TYR A 1 23  ? 6.304   -7.602  -7.948  1.00 13.69 ? 23  TYR A C   1 
ATOM   196  O  O   . TYR A 1 23  ? 6.778   -6.501  -7.640  1.00 16.09 ? 23  TYR A O   1 
ATOM   197  C  CB  . TYR A 1 23  ? 5.319   -8.199  -5.697  1.00 15.69 ? 23  TYR A CB  1 
ATOM   198  C  CG  . TYR A 1 23  ? 4.868   -9.322  -4.786  1.00 12.07 ? 23  TYR A CG  1 
ATOM   199  C  CD1 . TYR A 1 23  ? 3.716   -10.051 -5.067  1.00 11.68 ? 23  TYR A CD1 1 
ATOM   200  C  CD2 . TYR A 1 23  ? 5.624   -9.691  -3.679  1.00 12.16 ? 23  TYR A CD2 1 
ATOM   201  C  CE1 . TYR A 1 23  ? 3.307   -11.078 -4.242  1.00 10.82 ? 23  TYR A CE1 1 
ATOM   202  C  CE2 . TYR A 1 23  ? 5.226   -10.737 -2.843  1.00 11.80 ? 23  TYR A CE2 1 
ATOM   203  C  CZ  . TYR A 1 23  ? 4.058   -11.415 -3.136  1.00 13.86 ? 23  TYR A CZ  1 
ATOM   204  O  OH  . TYR A 1 23  ? 3.630   -12.446 -2.329  1.00 14.45 ? 23  TYR A OH  1 
ATOM   205  N  N   . SER A 1 24  ? 5.886   -7.896  -9.177  1.00 14.45 ? 24  SER A N   1 
ATOM   206  C  CA  . SER A 1 24  ? 6.027   -6.950  -10.273 1.00 15.22 ? 24  SER A CA  1 
ATOM   207  C  C   . SER A 1 24  ? 5.184   -5.701  -10.036 1.00 15.62 ? 24  SER A C   1 
ATOM   208  O  O   . SER A 1 24  ? 4.202   -5.706  -9.285  1.00 15.06 ? 24  SER A O   1 
ATOM   209  C  CB  . SER A 1 24  ? 5.611   -7.592  -11.601 1.00 17.95 ? 24  SER A CB  1 
ATOM   210  O  OG  . SER A 1 24  ? 4.220   -7.870  -11.615 1.00 18.63 ? 24  SER A OG  1 
ATOM   211  N  N   . LEU A 1 25  ? 5.568   -4.635  -10.736 1.00 13.88 ? 25  LEU A N   1 
ATOM   212  C  CA  . LEU A 1 25  ? 4.949   -3.325  -10.556 1.00 14.98 ? 25  LEU A CA  1 
ATOM   213  C  C   . LEU A 1 25  ? 3.431   -3.378  -10.666 1.00 15.25 ? 25  LEU A C   1 
ATOM   214  O  O   . LEU A 1 25  ? 2.722   -2.720  -9.894  1.00 12.21 ? 25  LEU A O   1 
ATOM   215  C  CB  . LEU A 1 25  ? 5.540   -2.349  -11.577 1.00 16.02 ? 25  LEU A CB  1 
ATOM   216  C  CG  . LEU A 1 25  ? 5.177   -0.884  -11.360 1.00 16.16 ? 25  LEU A CG  1 
ATOM   217  C  CD1 . LEU A 1 25  ? 5.577   -0.433  -9.967  1.00 19.93 ? 25  LEU A CD1 1 
ATOM   218  C  CD2 . LEU A 1 25  ? 5.915   -0.076  -12.408 1.00 15.76 ? 25  LEU A CD2 1 
ATOM   219  N  N   . GLY A 1 26  ? 2.910   -4.162  -11.604 1.00 13.50 ? 26  GLY A N   1 
ATOM   220  C  CA  . GLY A 1 26  ? 1.471   -4.228  -11.792 1.00 12.67 ? 26  GLY A CA  1 
ATOM   221  C  C   . GLY A 1 26  ? 0.722   -4.739  -10.569 1.00 12.40 ? 26  GLY A C   1 
ATOM   222  O  O   . GLY A 1 26  ? -0.419  -4.328  -10.315 1.00 14.15 ? 26  GLY A O   1 
ATOM   223  N  N   . ASN A 1 27  ? 1.352   -5.628  -9.790  1.00 13.58 ? 27  ASN A N   1 
ATOM   224  C  CA  . ASN A 1 27  ? 0.748   -6.099  -8.543  1.00 13.30 ? 27  ASN A CA  1 
ATOM   225  C  C   . ASN A 1 27  ? 0.532   -4.952  -7.573  1.00 13.31 ? 27  ASN A C   1 
ATOM   226  O  O   . ASN A 1 27  ? -0.511  -4.876  -6.917  1.00 12.37 ? 27  ASN A O   1 
ATOM   227  C  CB  . ASN A 1 27  ? 1.640   -7.150  -7.887  1.00 12.10 ? 27  ASN A CB  1 
ATOM   228  C  CG  . ASN A 1 27  ? 1.500   -8.500  -8.524  1.00 13.95 ? 27  ASN A CG  1 
ATOM   229  O  OD1 . ASN A 1 27  ? 0.515   -9.192  -8.323  1.00 14.86 ? 27  ASN A OD1 1 
ATOM   230  N  ND2 . ASN A 1 27  ? 2.512   -8.886  -9.302  1.00 16.84 ? 27  ASN A ND2 1 
ATOM   231  N  N   . TRP A 1 28  ? 1.512   -4.054  -7.468  1.00 11.72 ? 28  TRP A N   1 
ATOM   232  C  CA  . TRP A 1 28  ? 1.411   -2.944  -6.530  1.00 10.62 ? 28  TRP A CA  1 
ATOM   233  C  C   . TRP A 1 28  ? 0.411   -1.901  -7.010  1.00 12.26 ? 28  TRP A C   1 
ATOM   234  O  O   . TRP A 1 28  ? -0.338  -1.330  -6.202  1.00 12.90 ? 28  TRP A O   1 
ATOM   235  C  CB  . TRP A 1 28  ? 2.798   -2.312  -6.358  1.00 13.06 ? 28  TRP A CB  1 
ATOM   236  C  CG  . TRP A 1 28  ? 3.801   -3.249  -5.732  1.00 11.79 ? 28  TRP A CG  1 
ATOM   237  C  CD1 . TRP A 1 28  ? 4.801   -3.961  -6.359  1.00 12.97 ? 28  TRP A CD1 1 
ATOM   238  C  CD2 . TRP A 1 28  ? 3.876   -3.591  -4.349  1.00 12.88 ? 28  TRP A CD2 1 
ATOM   239  N  NE1 . TRP A 1 28  ? 5.503   -4.693  -5.439  1.00 13.68 ? 28  TRP A NE1 1 
ATOM   240  C  CE2 . TRP A 1 28  ? 4.955   -4.493  -4.197  1.00 15.05 ? 28  TRP A CE2 1 
ATOM   241  C  CE3 . TRP A 1 28  ? 3.144   -3.198  -3.213  1.00 14.11 ? 28  TRP A CE3 1 
ATOM   242  C  CZ2 . TRP A 1 28  ? 5.317   -5.022  -2.959  1.00 15.44 ? 28  TRP A CZ2 1 
ATOM   243  C  CZ3 . TRP A 1 28  ? 3.508   -3.726  -1.979  1.00 16.60 ? 28  TRP A CZ3 1 
ATOM   244  C  CH2 . TRP A 1 28  ? 4.576   -4.645  -1.866  1.00 15.21 ? 28  TRP A CH2 1 
ATOM   245  N  N   . VAL A 1 29  ? 0.370   -1.646  -8.318  1.00 13.20 ? 29  VAL A N   1 
ATOM   246  C  CA  . VAL A 1 29  ? -0.614  -0.713  -8.860  1.00 12.22 ? 29  VAL A CA  1 
ATOM   247  C  C   . VAL A 1 29  ? -2.025  -1.263  -8.687  1.00 12.70 ? 29  VAL A C   1 
ATOM   248  O  O   . VAL A 1 29  ? -2.944  -0.542  -8.296  1.00 13.35 ? 29  VAL A O   1 
ATOM   249  C  CB  . VAL A 1 29  ? -0.282  -0.361  -10.328 1.00 12.44 ? 29  VAL A CB  1 
ATOM   250  C  CG1 . VAL A 1 29  ? -1.365  0.512   -10.935 1.00 13.92 ? 29  VAL A CG1 1 
ATOM   251  C  CG2 . VAL A 1 29  ? 1.059   0.367   -10.423 1.00 15.10 ? 29  VAL A CG2 1 
ATOM   252  N  N   . CYS A 1 30  ? -2.225  -2.543  -8.994  1.00 13.47 ? 30  CYS A N   1 
ATOM   253  C  CA  . CYS A 1 30  ? -3.521  -3.172  -8.784  1.00 12.69 ? 30  CYS A CA  1 
ATOM   254  C  C   . CYS A 1 30  ? -3.935  -3.118  -7.313  1.00 9.89  ? 30  CYS A C   1 
ATOM   255  O  O   . CYS A 1 30  ? -5.097  -2.816  -7.000  1.00 11.10 ? 30  CYS A O   1 
ATOM   256  C  CB  . CYS A 1 30  ? -3.450  -4.619  -9.290  1.00 12.47 ? 30  CYS A CB  1 
ATOM   257  S  SG  . CYS A 1 30  ? -4.999  -5.533  -9.213  1.00 14.12 ? 30  CYS A SG  1 
ATOM   258  N  N   . ALA A 1 31  ? -3.011  -3.430  -6.406  1.00 11.79 ? 31  ALA A N   1 
ATOM   259  C  CA  . ALA A 1 31  ? -3.329  -3.362  -4.983  1.00 11.83 ? 31  ALA A CA  1 
ATOM   260  C  C   . ALA A 1 31  ? -3.786  -1.966  -4.606  1.00 11.18 ? 31  ALA A C   1 
ATOM   261  O  O   . ALA A 1 31  ? -4.804  -1.809  -3.925  1.00 11.95 ? 31  ALA A O   1 
ATOM   262  C  CB  . ALA A 1 31  ? -2.140  -3.791  -4.122  1.00 13.11 ? 31  ALA A CB  1 
ATOM   263  N  N   . ALA A 1 32  ? -3.044  -0.933  -5.025  1.00 11.43 ? 32  ALA A N   1 
ATOM   264  C  CA  . ALA A 1 32  ? -3.432  0.430   -4.672  1.00 10.62 ? 32  ALA A CA  1 
ATOM   265  C  C   . ALA A 1 32  ? -4.783  0.803   -5.264  1.00 13.01 ? 32  ALA A C   1 
ATOM   266  O  O   . ALA A 1 32  ? -5.579  1.502   -4.624  1.00 13.40 ? 32  ALA A O   1 
ATOM   267  C  CB  . ALA A 1 32  ? -2.356  1.404   -5.142  1.00 11.76 ? 32  ALA A CB  1 
ATOM   268  N  N   . LYS A 1 33  ? -5.079  0.338   -6.479  1.00 13.07 ? 33  LYS A N   1 
ATOM   269  C  CA  . LYS A 1 33  ? -6.350  0.687   -7.094  1.00 12.66 ? 33  LYS A CA  1 
ATOM   270  C  C   . LYS A 1 33  ? -7.508  0.185   -6.246  1.00 12.27 ? 33  LYS A C   1 
ATOM   271  O  O   . LYS A 1 33  ? -8.434  0.939   -5.914  1.00 13.78 ? 33  LYS A O   1 
ATOM   272  C  CB  . LYS A 1 33  ? -6.430  0.057   -8.479  1.00 13.75 ? 33  LYS A CB  1 
ATOM   273  C  CG  . LYS A 1 33  ? -7.806  0.145   -9.123  1.00 17.07 ? 33  LYS A CG  1 
ATOM   274  C  CD  . LYS A 1 33  ? -8.184  1.568   -9.433  1.00 22.43 ? 33  LYS A CD  1 
ATOM   275  C  CE  . LYS A 1 33  ? -9.585  1.637   -10.034 1.00 31.29 ? 33  LYS A CE  1 
ATOM   276  N  NZ  . LYS A 1 33  ? -9.859  2.975   -10.613 1.00 31.51 ? 33  LYS A NZ  1 
ATOM   277  N  N   . PHE A 1 34  ? -7.448  -1.086  -5.839  1.00 13.35 ? 34  PHE A N   1 
ATOM   278  C  CA  . PHE A 1 34  ? -8.551  -1.681  -5.095  1.00 12.73 ? 34  PHE A CA  1 
ATOM   279  C  C   . PHE A 1 34  ? -8.505  -1.391  -3.600  1.00 14.35 ? 34  PHE A C   1 
ATOM   280  O  O   . PHE A 1 34  ? -9.547  -1.481  -2.937  1.00 18.55 ? 34  PHE A O   1 
ATOM   281  C  CB  . PHE A 1 34  ? -8.649  -3.166  -5.421  1.00 13.60 ? 34  PHE A CB  1 
ATOM   282  C  CG  . PHE A 1 34  ? -9.019  -3.425  -6.848  1.00 12.44 ? 34  PHE A CG  1 
ATOM   283  C  CD1 . PHE A 1 34  ? -10.052 -2.722  -7.448  1.00 14.51 ? 34  PHE A CD1 1 
ATOM   284  C  CD2 . PHE A 1 34  ? -8.274  -4.309  -7.617  1.00 14.64 ? 34  PHE A CD2 1 
ATOM   285  C  CE1 . PHE A 1 34  ? -10.385 -2.945  -8.768  1.00 14.93 ? 34  PHE A CE1 1 
ATOM   286  C  CE2 . PHE A 1 34  ? -8.608  -4.536  -8.950  1.00 17.21 ? 34  PHE A CE2 1 
ATOM   287  C  CZ  . PHE A 1 34  ? -9.659  -3.841  -9.522  1.00 17.81 ? 34  PHE A CZ  1 
ATOM   288  N  N   . GLU A 1 35  ? -7.353  -1.005  -3.054  1.00 13.11 ? 35  GLU A N   1 
ATOM   289  C  CA  . GLU A 1 35  ? -7.301  -0.628  -1.646  1.00 12.83 ? 35  GLU A CA  1 
ATOM   290  C  C   . GLU A 1 35  ? -7.791  0.801   -1.434  1.00 14.82 ? 35  GLU A C   1 
ATOM   291  O  O   . GLU A 1 35  ? -8.595  1.056   -0.531  1.00 15.51 ? 35  GLU A O   1 
ATOM   292  C  CB  . GLU A 1 35  ? -5.883  -0.805  -1.099  1.00 12.35 ? 35  GLU A CB  1 
ATOM   293  C  CG  . GLU A 1 35  ? -5.430  -2.269  -0.991  1.00 14.21 ? 35  GLU A CG  1 
ATOM   294  C  CD  . GLU A 1 35  ? -6.099  -3.008  0.156   1.00 14.63 ? 35  GLU A CD  1 
ATOM   295  O  OE1 . GLU A 1 35  ? -6.836  -2.354  0.931   1.00 17.42 ? 35  GLU A OE1 1 
ATOM   296  O  OE2 . GLU A 1 35  ? -5.939  -4.243  0.274   1.00 16.94 ? 35  GLU A OE2 1 
ATOM   297  N  N   . SER A 1 36  ? -7.328  1.745   -2.256  1.00 14.35 ? 36  SER A N   1 
ATOM   298  C  CA  . SER A 1 36  ? -7.547  3.162   -1.998  1.00 13.63 ? 36  SER A CA  1 
ATOM   299  C  C   . SER A 1 36  ? -8.114  3.918   -3.185  1.00 14.95 ? 36  SER A C   1 
ATOM   300  O  O   . SER A 1 36  ? -8.335  5.136   -3.073  1.00 15.26 ? 36  SER A O   1 
ATOM   301  C  CB  . SER A 1 36  ? -6.228  3.831   -1.621  1.00 14.61 ? 36  SER A CB  1 
ATOM   302  O  OG  . SER A 1 36  ? -5.364  3.871   -2.762  1.00 13.31 ? 36  SER A OG  1 
ATOM   303  N  N   . ASN A 1 37  ? -8.313  3.264   -4.326  1.00 14.96 ? 37  ASN A N   1 
ATOM   304  C  CA  . ASN A 1 37  ? -8.684  3.966   -5.552  1.00 15.80 ? 37  ASN A CA  1 
ATOM   305  C  C   . ASN A 1 37  ? -7.665  5.047   -5.909  1.00 13.78 ? 37  ASN A C   1 
ATOM   306  O  O   . ASN A 1 37  ? -8.012  6.088   -6.478  1.00 16.04 ? 37  ASN A O   1 
ATOM   307  C  CB  . ASN A 1 37  ? -10.111 4.512   -5.484  1.00 19.31 ? 37  ASN A CB  1 
ATOM   308  C  CG  . ASN A 1 37  ? -10.727 4.646   -6.841  1.00 21.19 ? 37  ASN A CG  1 
ATOM   309  O  OD1 . ASN A 1 37  ? -10.234 4.075   -7.811  1.00 24.69 ? 37  ASN A OD1 1 
ATOM   310  N  ND2 . ASN A 1 37  ? -11.809 5.406   -6.929  1.00 28.48 ? 37  ASN A ND2 1 
ATOM   311  N  N   . PHE A 1 38  ? -6.407  4.827   -5.536  1.00 12.63 ? 38  PHE A N   1 
ATOM   312  C  CA  . PHE A 1 38  ? -5.296  5.712   -5.863  1.00 13.39 ? 38  PHE A CA  1 
ATOM   313  C  C   . PHE A 1 38  ? -5.321  7.010   -5.061  1.00 14.48 ? 38  PHE A C   1 
ATOM   314  O  O   . PHE A 1 38  ? -4.635  7.968   -5.422  1.00 14.79 ? 38  PHE A O   1 
ATOM   315  C  CB  . PHE A 1 38  ? -5.214  6.040   -7.363  1.00 14.80 ? 38  PHE A CB  1 
ATOM   316  C  CG  . PHE A 1 38  ? -4.951  4.850   -8.277  1.00 12.29 ? 38  PHE A CG  1 
ATOM   317  C  CD1 . PHE A 1 38  ? -4.184  3.749   -7.887  1.00 12.23 ? 38  PHE A CD1 1 
ATOM   318  C  CD2 . PHE A 1 38  ? -5.465  4.872   -9.560  1.00 16.51 ? 38  PHE A CD2 1 
ATOM   319  C  CE1 . PHE A 1 38  ? -3.957  2.690   -8.780  1.00 12.72 ? 38  PHE A CE1 1 
ATOM   320  C  CE2 . PHE A 1 38  ? -5.249  3.821   -10.442 1.00 13.78 ? 38  PHE A CE2 1 
ATOM   321  C  CZ  . PHE A 1 38  ? -4.487  2.738   -10.045 1.00 13.90 ? 38  PHE A CZ  1 
ATOM   322  N  N   . ASN A 1 39  ? -6.074  7.048   -3.964  1.00 14.72 ? 39  ASN A N   1 
ATOM   323  C  CA  . ASN A 1 39  ? -6.289  8.265   -3.181  1.00 12.70 ? 39  ASN A CA  1 
ATOM   324  C  C   . ASN A 1 39  ? -5.432  8.182   -1.923  1.00 13.70 ? 39  ASN A C   1 
ATOM   325  O  O   . ASN A 1 39  ? -5.689  7.348   -1.046  1.00 14.77 ? 39  ASN A O   1 
ATOM   326  C  CB  . ASN A 1 39  ? -7.767  8.375   -2.823  1.00 14.44 ? 39  ASN A CB  1 
ATOM   327  C  CG  . ASN A 1 39  ? -8.103  9.661   -2.074  1.00 14.59 ? 39  ASN A CG  1 
ATOM   328  O  OD1 . ASN A 1 39  ? -7.227  10.422  -1.685  1.00 15.23 ? 39  ASN A OD1 1 
ATOM   329  N  ND2 . ASN A 1 39  ? -9.392  9.898   -1.880  1.00 22.19 ? 39  ASN A ND2 1 
ATOM   330  N  N   . THR A 1 40  ? -4.425  9.055   -1.826  1.00 13.82 ? 40  THR A N   1 
ATOM   331  C  CA  . THR A 1 40  ? -3.532  9.044   -0.672  1.00 13.26 ? 40  THR A CA  1 
ATOM   332  C  C   . THR A 1 40  ? -4.249  9.351   0.637   1.00 12.84 ? 40  THR A C   1 
ATOM   333  O  O   . THR A 1 40  ? -3.732  9.002   1.700   1.00 15.21 ? 40  THR A O   1 
ATOM   334  C  CB  . THR A 1 40  ? -2.359  10.023  -0.845  1.00 15.19 ? 40  THR A CB  1 
ATOM   335  O  OG1 . THR A 1 40  ? -2.839  11.374  -0.898  1.00 18.75 ? 40  THR A OG1 1 
ATOM   336  C  CG2 . THR A 1 40  ? -1.523  9.719   -2.105  1.00 15.78 ? 40  THR A CG2 1 
ATOM   337  N  N   . GLN A 1 41  ? -5.420  9.980   0.591   1.00 13.21 ? 41  GLN A N   1 
ATOM   338  C  CA  . GLN A 1 41  ? -6.100  10.374  1.822   1.00 14.26 ? 41  GLN A CA  1 
ATOM   339  C  C   . GLN A 1 41  ? -7.073  9.324   2.335   1.00 13.29 ? 41  GLN A C   1 
ATOM   340  O  O   . GLN A 1 41  ? -7.697  9.545   3.372   1.00 16.04 ? 41  GLN A O   1 
ATOM   341  C  CB  . GLN A 1 41  ? -6.841  11.699  1.616   1.00 14.15 ? 41  GLN A CB  1 
ATOM   342  C  CG  . GLN A 1 41  ? -5.928  12.865  1.288   1.00 15.88 ? 41  GLN A CG  1 
ATOM   343  C  CD  . GLN A 1 41  ? -6.621  14.203  1.462   1.00 17.52 ? 41  GLN A CD  1 
ATOM   344  O  OE1 . GLN A 1 41  ? -6.831  14.668  2.588   1.00 19.70 ? 41  GLN A OE1 1 
ATOM   345  N  NE2 . GLN A 1 41  ? -7.007  14.814  0.362   1.00 14.97 ? 41  GLN A NE2 1 
ATOM   346  N  N   . ALA A 1 42  ? -7.200  8.182   1.655   1.00 13.05 ? 42  ALA A N   1 
ATOM   347  C  CA  . ALA A 1 42  ? -8.219  7.198   1.997   1.00 13.34 ? 42  ALA A CA  1 
ATOM   348  C  C   . ALA A 1 42  ? -7.980  6.621   3.392   1.00 11.30 ? 42  ALA A C   1 
ATOM   349  O  O   . ALA A 1 42  ? -6.852  6.292   3.758   1.00 13.00 ? 42  ALA A O   1 
ATOM   350  C  CB  . ALA A 1 42  ? -8.187  6.069   0.956   1.00 14.21 ? 42  ALA A CB  1 
ATOM   351  N  N   . THR A 1 43  ? -9.050  6.542   4.186   1.00 15.59 ? 43  THR A N   1 
ATOM   352  C  CA  . THR A 1 43  ? -9.031  5.919   5.506   1.00 14.79 ? 43  THR A CA  1 
ATOM   353  C  C   . THR A 1 43  ? -10.279 5.057   5.631   1.00 15.41 ? 43  THR A C   1 
ATOM   354  O  O   . THR A 1 43  ? -11.361 5.454   5.182   1.00 14.94 ? 43  THR A O   1 
ATOM   355  C  CB  . THR A 1 43  ? -9.023  6.967   6.651   1.00 14.48 ? 43  THR A CB  1 
ATOM   356  O  OG1 . THR A 1 43  ? -10.212 7.766   6.591   1.00 17.13 ? 43  THR A OG1 1 
ATOM   357  C  CG2 . THR A 1 43  ? -7.805  7.876   6.592   1.00 15.07 ? 43  THR A CG2 1 
ATOM   358  N  N   . ASN A 1 44  ? -10.133 3.876   6.237   1.00 14.15 ? 44  ASN A N   1 
ATOM   359  C  CA  . ASN A 1 44  ? -11.269 2.975   6.412   1.00 14.76 ? 44  ASN A CA  1 
ATOM   360  C  C   . ASN A 1 44  ? -11.145 2.240   7.738   1.00 15.05 ? 44  ASN A C   1 
ATOM   361  O  O   . ASN A 1 44  ? -10.113 1.624   8.018   1.00 15.07 ? 44  ASN A O   1 
ATOM   362  C  CB  . ASN A 1 44  ? -11.397 1.976   5.245   1.00 16.26 ? 44  ASN A CB  1 
ATOM   363  C  CG  . ASN A 1 44  ? -11.791 2.651   3.933   1.00 19.05 ? 44  ASN A CG  1 
ATOM   364  O  OD1 . ASN A 1 44  ? -12.939 3.089   3.754   1.00 23.56 ? 44  ASN A OD1 1 
ATOM   365  N  ND2 . ASN A 1 44  ? -10.834 2.768   3.018   1.00 18.77 ? 44  ASN A ND2 1 
ATOM   366  N  N   . ARG A 1 45  ? -12.192 2.322   8.559   1.00 16.72 ? 45  ARG A N   1 
ATOM   367  C  CA  . ARG A 1 45  ? -12.200 1.640   9.842   1.00 17.72 ? 45  ARG A CA  1 
ATOM   368  C  C   . ARG A 1 45  ? -12.493 0.157   9.638   1.00 18.02 ? 45  ARG A C   1 
ATOM   369  O  O   . ARG A 1 45  ? -13.247 -0.232  8.740   1.00 24.54 ? 45  ARG A O   1 
ATOM   370  C  CB  . ARG A 1 45  ? -13.282 2.239   10.745  1.00 18.86 ? 45  ARG A CB  1 
ATOM   371  C  CG  . ARG A 1 45  ? -13.247 1.687   12.153  1.00 25.64 ? 45  ARG A CG  1 
ATOM   372  C  CD  . ARG A 1 45  ? -12.202 2.397   12.974  1.00 27.46 ? 45  ARG A CD  1 
ATOM   373  N  NE  . ARG A 1 45  ? -12.697 3.644   13.550  1.00 35.70 ? 45  ARG A NE  1 
ATOM   374  C  CZ  . ARG A 1 45  ? -12.713 3.911   14.850  1.00 27.18 ? 45  ARG A CZ  1 
ATOM   375  N  NH1 . ARG A 1 45  ? -12.134 3.105   15.729  1.00 32.35 ? 45  ARG A NH1 1 
ATOM   376  N  NH2 . ARG A 1 45  ? -13.286 5.033   15.274  1.00 32.39 ? 45  ARG A NH2 1 
ATOM   377  N  N   . ASN A 1 46  ? -11.899 -0.670  10.495  1.00 17.35 ? 46  ASN A N   1 
ATOM   378  C  CA  . ASN A 1 46  ? -12.102 -2.111  10.495  1.00 17.94 ? 46  ASN A CA  1 
ATOM   379  C  C   . ASN A 1 46  ? -12.860 -2.528  11.752  1.00 19.24 ? 46  ASN A C   1 
ATOM   380  O  O   . ASN A 1 46  ? -12.879 -1.814  12.760  1.00 19.34 ? 46  ASN A O   1 
ATOM   381  C  CB  . ASN A 1 46  ? -10.750 -2.842  10.448  1.00 19.30 ? 46  ASN A CB  1 
ATOM   382  C  CG  . ASN A 1 46  ? -9.857  -2.361  9.316   1.00 20.64 ? 46  ASN A CG  1 
ATOM   383  O  OD1 . ASN A 1 46  ? -8.696  -2.004  9.541   1.00 25.42 ? 46  ASN A OD1 1 
ATOM   384  N  ND2 . ASN A 1 46  ? -10.386 -2.350  8.102   1.00 22.40 ? 46  ASN A ND2 1 
ATOM   385  N  N   . THR A 1 47  ? -13.472 -3.714  11.688  1.00 22.56 ? 47  THR A N   1 
ATOM   386  C  CA  . THR A 1 47  ? -14.291 -4.201  12.800  1.00 23.09 ? 47  THR A CA  1 
ATOM   387  C  C   . THR A 1 47  ? -13.490 -4.386  14.086  1.00 22.33 ? 47  THR A C   1 
ATOM   388  O  O   . THR A 1 47  ? -14.057 -4.293  15.183  1.00 24.88 ? 47  THR A O   1 
ATOM   389  C  CB  . THR A 1 47  ? -14.993 -5.507  12.420  1.00 33.70 ? 47  THR A CB  1 
ATOM   390  O  OG1 . THR A 1 47  ? -14.015 -6.511  12.115  1.00 30.46 ? 47  THR A OG1 1 
ATOM   391  C  CG2 . THR A 1 47  ? -15.906 -5.301  11.222  1.00 32.55 ? 47  THR A CG2 1 
ATOM   392  N  N   . ASP A 1 48  ? -12.185 -4.657  13.988  1.00 19.60 ? 48  ASP A N   1 
ATOM   393  C  CA  . ASP A 1 48  ? -11.388 -4.882  15.186  1.00 18.18 ? 48  ASP A CA  1 
ATOM   394  C  C   . ASP A 1 48  ? -11.012 -3.590  15.901  1.00 19.41 ? 48  ASP A C   1 
ATOM   395  O  O   . ASP A 1 48  ? -10.306 -3.646  16.911  1.00 21.56 ? 48  ASP A O   1 
ATOM   396  C  CB  . ASP A 1 48  ? -10.147 -5.749  14.880  1.00 19.86 ? 48  ASP A CB  1 
ATOM   397  C  CG  . ASP A 1 48  ? -9.120  -5.048  13.990  1.00 19.67 ? 48  ASP A CG  1 
ATOM   398  O  OD1 . ASP A 1 48  ? -9.342  -3.898  13.552  1.00 19.79 ? 48  ASP A OD1 1 
ATOM   399  O  OD2 . ASP A 1 48  ? -8.057  -5.654  13.738  1.00 22.54 ? 48  ASP A OD2 1 
ATOM   400  N  N   . GLY A 1 49  ? -11.453 -2.436  15.396  1.00 17.31 ? 49  GLY A N   1 
ATOM   401  C  CA  . GLY A 1 49  ? -11.096 -1.157  15.971  1.00 19.44 ? 49  GLY A CA  1 
ATOM   402  C  C   . GLY A 1 49  ? -9.904  -0.486  15.326  1.00 16.42 ? 49  GLY A C   1 
ATOM   403  O  O   . GLY A 1 49  ? -9.630  0.683   15.623  1.00 19.39 ? 49  GLY A O   1 
ATOM   404  N  N   . SER A 1 50  ? -9.169  -1.195  14.478  1.00 13.88 ? 50  SER A N   1 
ATOM   405  C  CA  . SER A 1 50  ? -8.077  -0.576  13.752  1.00 15.30 ? 50  SER A CA  1 
ATOM   406  C  C   . SER A 1 50  ? -8.626  0.193   12.556  1.00 13.26 ? 50  SER A C   1 
ATOM   407  O  O   . SER A 1 50  ? -9.810  0.101   12.215  1.00 15.18 ? 50  SER A O   1 
ATOM   408  C  CB  . SER A 1 50  ? -7.096  -1.640  13.273  1.00 15.79 ? 50  SER A CB  1 
ATOM   409  O  OG  . SER A 1 50  ? -7.705  -2.458  12.295  1.00 15.49 ? 50  SER A OG  1 
ATOM   410  N  N   . THR A 1 51  ? -7.734  0.940   11.904  1.00 13.66 ? 51  THR A N   1 
ATOM   411  C  CA  . THR A 1 51  ? -8.071  1.705   10.719  1.00 11.56 ? 51  THR A CA  1 
ATOM   412  C  C   . THR A 1 51  ? -6.962  1.472   9.698   1.00 12.95 ? 51  THR A C   1 
ATOM   413  O  O   . THR A 1 51  ? -5.792  1.307   10.065  1.00 13.31 ? 51  THR A O   1 
ATOM   414  C  CB  . THR A 1 51  ? -8.224  3.204   11.084  1.00 10.32 ? 51  THR A CB  1 
ATOM   415  O  OG1 . THR A 1 51  ? -9.289  3.350   12.029  1.00 13.17 ? 51  THR A OG1 1 
ATOM   416  C  CG2 . THR A 1 51  ? -8.554  4.054   9.874   1.00 13.93 ? 51  THR A CG2 1 
ATOM   417  N  N   . ASP A 1 52  ? -7.340  1.475   8.418   1.00 12.98 ? 52  ASP A N   1 
ATOM   418  C  CA  . ASP A 1 52  ? -6.392  1.370   7.313   1.00 12.67 ? 52  ASP A CA  1 
ATOM   419  C  C   . ASP A 1 52  ? -6.184  2.744   6.698   1.00 13.39 ? 52  ASP A C   1 
ATOM   420  O  O   . ASP A 1 52  ? -7.150  3.483   6.486   1.00 13.94 ? 52  ASP A O   1 
ATOM   421  C  CB  . ASP A 1 52  ? -6.911  0.408   6.242   1.00 14.02 ? 52  ASP A CB  1 
ATOM   422  C  CG  . ASP A 1 52  ? -7.015  -1.028  6.748   1.00 20.16 ? 52  ASP A CG  1 
ATOM   423  O  OD1 . ASP A 1 52  ? -6.194  -1.409  7.603   1.00 19.85 ? 52  ASP A OD1 1 
ATOM   424  O  OD2 . ASP A 1 52  ? -7.904  -1.768  6.277   1.00 26.96 ? 52  ASP A OD2 1 
ATOM   425  N  N   . TYR A 1 53  ? -4.925  3.080   6.405   1.00 12.96 ? 53  TYR A N   1 
ATOM   426  C  CA  . TYR A 1 53  ? -4.537  4.430   6.019   1.00 12.71 ? 53  TYR A CA  1 
ATOM   427  C  C   . TYR A 1 53  ? -3.801  4.465   4.691   1.00 13.89 ? 53  TYR A C   1 
ATOM   428  O  O   . TYR A 1 53  ? -2.811  3.748   4.500   1.00 13.46 ? 53  TYR A O   1 
ATOM   429  C  CB  . TYR A 1 53  ? -3.618  5.039   7.082   1.00 14.15 ? 53  TYR A CB  1 
ATOM   430  C  CG  . TYR A 1 53  ? -4.314  5.269   8.392   1.00 13.61 ? 53  TYR A CG  1 
ATOM   431  C  CD1 . TYR A 1 53  ? -4.409  4.253   9.330   1.00 14.46 ? 53  TYR A CD1 1 
ATOM   432  C  CD2 . TYR A 1 53  ? -4.891  6.501   8.692   1.00 13.17 ? 53  TYR A CD2 1 
ATOM   433  C  CE1 . TYR A 1 53  ? -5.059  4.451   10.537  1.00 14.39 ? 53  TYR A CE1 1 
ATOM   434  C  CE2 . TYR A 1 53  ? -5.554  6.710   9.891   1.00 13.37 ? 53  TYR A CE2 1 
ATOM   435  C  CZ  . TYR A 1 53  ? -5.621  5.682   10.814  1.00 14.46 ? 53  TYR A CZ  1 
ATOM   436  O  OH  . TYR A 1 53  ? -6.279  5.894   12.009  1.00 14.54 ? 53  TYR A OH  1 
ATOM   437  N  N   . GLY A 1 54  ? -4.243  5.356   3.809   1.00 12.94 ? 54  GLY A N   1 
ATOM   438  C  CA  . GLY A 1 54  ? -3.434  5.789   2.699   1.00 13.29 ? 54  GLY A CA  1 
ATOM   439  C  C   . GLY A 1 54  ? -3.595  4.947   1.456   1.00 12.28 ? 54  GLY A C   1 
ATOM   440  O  O   . GLY A 1 54  ? -4.478  4.102   1.309   1.00 12.66 ? 54  GLY A O   1 
ATOM   441  N  N   . ILE A 1 55  ? -2.672  5.218   0.531   1.00 14.84 ? 55  ILE A N   1 
ATOM   442  C  CA  . ILE A 1 55  ? -2.703  4.657   -0.816  1.00 14.77 ? 55  ILE A CA  1 
ATOM   443  C  C   . ILE A 1 55  ? -2.665  3.133   -0.783  1.00 15.69 ? 55  ILE A C   1 
ATOM   444  O  O   . ILE A 1 55  ? -3.230  2.472   -1.664  1.00 14.77 ? 55  ILE A O   1 
ATOM   445  C  CB  . ILE A 1 55  ? -1.529  5.258   -1.619  1.00 16.97 ? 55  ILE A CB  1 
ATOM   446  C  CG1 . ILE A 1 55  ? -1.583  4.829   -3.082  1.00 28.20 ? 55  ILE A CG1 1 
ATOM   447  C  CG2 . ILE A 1 55  ? -0.196  4.857   -1.023  1.00 19.79 ? 55  ILE A CG2 1 
ATOM   448  C  CD1 . ILE A 1 55  ? -2.294  5.793   -3.944  1.00 22.11 ? 55  ILE A CD1 1 
ATOM   449  N  N   . LEU A 1 56  ? -2.004  2.550   0.220   1.00 13.67 ? 56  LEU A N   1 
ATOM   450  C  CA  . LEU A 1 56  ? -1.924  1.097   0.348   1.00 15.57 ? 56  LEU A CA  1 
ATOM   451  C  C   . LEU A 1 56  ? -2.625  0.581   1.596   1.00 15.90 ? 56  LEU A C   1 
ATOM   452  O  O   . LEU A 1 56  ? -2.444  -0.577  1.969   1.00 15.25 ? 56  LEU A O   1 
ATOM   453  C  CB  . LEU A 1 56  ? -0.480  0.602   0.281   1.00 16.07 ? 56  LEU A CB  1 
ATOM   454  C  CG  . LEU A 1 56  ? 0.155   0.611   -1.118  1.00 16.05 ? 56  LEU A CG  1 
ATOM   455  C  CD1 . LEU A 1 56  ? 1.690   0.464   -1.035  1.00 19.52 ? 56  LEU A CD1 1 
ATOM   456  C  CD2 . LEU A 1 56  ? -0.432  -0.490  -1.988  1.00 19.10 ? 56  LEU A CD2 1 
ATOM   457  N  N   . GLN A 1 57  ? -3.453  1.410   2.235   1.00 13.77 ? 57  GLN A N   1 
ATOM   458  C  CA  . GLN A 1 57  ? -4.372  0.961   3.286   1.00 13.29 ? 57  GLN A CA  1 
ATOM   459  C  C   . GLN A 1 57  ? -3.643  0.181   4.383   1.00 13.62 ? 57  GLN A C   1 
ATOM   460  O  O   . GLN A 1 57  ? -4.010  -0.942  4.736   1.00 16.06 ? 57  GLN A O   1 
ATOM   461  C  CB  . GLN A 1 57  ? -5.542  0.184   2.695   1.00 13.17 ? 57  GLN A CB  1 
ATOM   462  C  CG  . GLN A 1 57  ? -6.534  1.066   1.937   1.00 11.78 ? 57  GLN A CG  1 
ATOM   463  C  CD  . GLN A 1 57  ? -7.249  2.048   2.843   1.00 12.62 ? 57  GLN A CD  1 
ATOM   464  O  OE1 . GLN A 1 57  ? -8.246  1.702   3.467   1.00 15.65 ? 57  GLN A OE1 1 
ATOM   465  N  NE2 . GLN A 1 57  ? -6.740  3.287   2.922   1.00 14.72 ? 57  GLN A NE2 1 
ATOM   466  N  N   . ILE A 1 58  ? -2.616  0.805   4.925   1.00 13.48 ? 58  ILE A N   1 
ATOM   467  C  CA  . ILE A 1 58  ? -1.769  0.196   5.947   1.00 14.67 ? 58  ILE A CA  1 
ATOM   468  C  C   . ILE A 1 58  ? -2.464  0.273   7.308   1.00 16.02 ? 58  ILE A C   1 
ATOM   469  O  O   . ILE A 1 58  ? -3.000  1.319   7.709   1.00 15.25 ? 58  ILE A O   1 
ATOM   470  C  CB  . ILE A 1 58  ? -0.386  0.869   5.918   1.00 17.05 ? 58  ILE A CB  1 
ATOM   471  C  CG1 . ILE A 1 58  ? 0.352   0.424   4.641   1.00 20.22 ? 58  ILE A CG1 1 
ATOM   472  C  CG2 . ILE A 1 58  ? 0.432   0.534   7.148   1.00 15.73 ? 58  ILE A CG2 1 
ATOM   473  C  CD1 . ILE A 1 58  ? 1.562   1.256   4.310   1.00 21.89 ? 58  ILE A CD1 1 
ATOM   474  N  N   . ASN A 1 59  ? -2.437  -0.837  8.037   1.00 13.94 ? 59  ASN A N   1 
ATOM   475  C  CA  . ASN A 1 59  ? -3.314  -1.044  9.182   1.00 13.91 ? 59  ASN A CA  1 
ATOM   476  C  C   . ASN A 1 59  ? -2.681  -0.570  10.494  1.00 15.36 ? 59  ASN A C   1 
ATOM   477  O  O   . ASN A 1 59  ? -1.485  -0.769  10.743  1.00 18.61 ? 59  ASN A O   1 
ATOM   478  C  CB  . ASN A 1 59  ? -3.695  -2.530  9.252   1.00 17.22 ? 59  ASN A CB  1 
ATOM   479  C  CG  A ASN A 1 59  ? -4.715  -2.814  10.317  0.94 17.21 ? 59  ASN A CG  1 
ATOM   480  O  OD1 A ASN A 1 59  ? -4.360  -3.203  11.417  0.94 21.93 ? 59  ASN A OD1 1 
ATOM   481  N  ND2 A ASN A 1 59  ? -5.982  -2.606  10.001  0.94 20.75 ? 59  ASN A ND2 1 
ATOM   482  N  N   . SER A 1 60  ? -3.503  0.041   11.351  1.00 15.74 ? 60  SER A N   1 
ATOM   483  C  CA  . SER A 1 60  ? -3.048  0.588   12.625  1.00 15.00 ? 60  SER A CA  1 
ATOM   484  C  C   . SER A 1 60  ? -2.924  -0.453  13.736  1.00 18.80 ? 60  SER A C   1 
ATOM   485  O  O   . SER A 1 60  ? -2.461  -0.098  14.828  1.00 21.60 ? 60  SER A O   1 
ATOM   486  C  CB  . SER A 1 60  ? -4.003  1.687   13.094  1.00 14.47 ? 60  SER A CB  1 
ATOM   487  O  OG  . SER A 1 60  ? -5.279  1.140   13.374  1.00 14.71 ? 60  SER A OG  1 
ATOM   488  N  N   . ARG A 1 61  ? -3.319  -1.709  13.502  1.00 15.84 ? 61  ARG A N   1 
ATOM   489  C  CA  . ARG A 1 61  ? -3.131  -2.744  14.518  1.00 18.49 ? 61  ARG A CA  1 
ATOM   490  C  C   . ARG A 1 61  ? -1.694  -3.236  14.521  1.00 24.97 ? 61  ARG A C   1 
ATOM   491  O  O   . ARG A 1 61  ? -1.175  -3.635  15.570  1.00 23.05 ? 61  ARG A O   1 
ATOM   492  C  CB  . ARG A 1 61  ? -4.113  -3.901  14.283  1.00 22.23 ? 61  ARG A CB  1 
ATOM   493  C  CG  . ARG A 1 61  ? -3.811  -5.206  15.029  1.00 27.40 ? 61  ARG A CG  1 
ATOM   494  C  CD  . ARG A 1 61  ? -3.926  -5.034  16.533  1.00 36.54 ? 61  ARG A CD  1 
ATOM   495  N  NE  . ARG A 1 61  ? -3.810  -6.312  17.227  1.00 49.02 ? 61  ARG A NE  1 
ATOM   496  C  CZ  . ARG A 1 61  ? -2.664  -6.924  17.498  1.00 48.39 ? 61  ARG A CZ  1 
ATOM   497  N  NH1 . ARG A 1 61  ? -1.498  -6.394  17.164  1.00 42.57 ? 61  ARG A NH1 1 
ATOM   498  N  NH2 . ARG A 1 61  ? -2.690  -8.103  18.113  1.00 46.91 ? 61  ARG A NH2 1 
ATOM   499  N  N   . TRP A 1 62  ? -1.025  -3.165  13.379  1.00 17.77 ? 62  TRP A N   1 
ATOM   500  C  CA  . TRP A 1 62  ? 0.323   -3.701  13.271  1.00 18.79 ? 62  TRP A CA  1 
ATOM   501  C  C   . TRP A 1 62  ? 1.380   -2.674  12.907  1.00 16.70 ? 62  TRP A C   1 
ATOM   502  O  O   . TRP A 1 62  ? 2.501   -2.750  13.418  1.00 18.60 ? 62  TRP A O   1 
ATOM   503  C  CB  . TRP A 1 62  ? 0.348   -4.812  12.218  1.00 16.88 ? 62  TRP A CB  1 
ATOM   504  C  CG  . TRP A 1 62  ? -0.538  -5.971  12.537  1.00 21.70 ? 62  TRP A CG  1 
ATOM   505  C  CD1 . TRP A 1 62  ? -1.813  -6.170  12.099  1.00 22.62 ? 62  TRP A CD1 1 
ATOM   506  C  CD2 . TRP A 1 62  ? -0.217  -7.090  13.365  1.00 22.45 ? 62  TRP A CD2 1 
ATOM   507  N  NE1 . TRP A 1 62  ? -2.306  -7.352  12.595  1.00 24.96 ? 62  TRP A NE1 1 
ATOM   508  C  CE2 . TRP A 1 62  ? -1.349  -7.932  13.383  1.00 26.27 ? 62  TRP A CE2 1 
ATOM   509  C  CE3 . TRP A 1 62  ? 0.916   -7.465  14.090  1.00 29.00 ? 62  TRP A CE3 1 
ATOM   510  C  CZ2 . TRP A 1 62  ? -1.378  -9.129  14.095  1.00 29.67 ? 62  TRP A CZ2 1 
ATOM   511  C  CZ3 . TRP A 1 62  ? 0.882   -8.656  14.801  1.00 30.99 ? 62  TRP A CZ3 1 
ATOM   512  C  CH2 . TRP A 1 62  ? -0.256  -9.469  14.798  1.00 33.60 ? 62  TRP A CH2 1 
ATOM   513  N  N   . TRP A 1 63  ? 1.069   -1.709  12.039  1.00 15.39 ? 63  TRP A N   1 
ATOM   514  C  CA  . TRP A 1 63  ? 2.116   -1.032  11.280  1.00 15.55 ? 63  TRP A CA  1 
ATOM   515  C  C   . TRP A 1 63  ? 2.329   0.431   11.628  1.00 16.62 ? 63  TRP A C   1 
ATOM   516  O  O   . TRP A 1 63  ? 3.463   0.904   11.553  1.00 16.52 ? 63  TRP A O   1 
ATOM   517  C  CB  . TRP A 1 63  ? 1.866   -1.189  9.770   1.00 14.95 ? 63  TRP A CB  1 
ATOM   518  C  CG  . TRP A 1 63  ? 1.725   -2.630  9.384   1.00 15.37 ? 63  TRP A CG  1 
ATOM   519  C  CD1 . TRP A 1 63  ? 0.586   -3.257  8.971   1.00 15.42 ? 63  TRP A CD1 1 
ATOM   520  C  CD2 . TRP A 1 63  ? 2.743   -3.635  9.440   1.00 17.07 ? 63  TRP A CD2 1 
ATOM   521  N  NE1 . TRP A 1 63  ? 0.834   -4.597  8.747   1.00 16.10 ? 63  TRP A NE1 1 
ATOM   522  C  CE2 . TRP A 1 63  ? 2.154   -4.846  9.021   1.00 18.48 ? 63  TRP A CE2 1 
ATOM   523  C  CE3 . TRP A 1 63  ? 4.094   -3.620  9.774   1.00 17.70 ? 63  TRP A CE3 1 
ATOM   524  C  CZ2 . TRP A 1 63  ? 2.873   -6.036  8.939   1.00 19.94 ? 63  TRP A CZ2 1 
ATOM   525  C  CZ3 . TRP A 1 63  ? 4.813   -4.815  9.686   1.00 19.12 ? 63  TRP A CZ3 1 
ATOM   526  C  CH2 . TRP A 1 63  ? 4.192   -5.997  9.284   1.00 19.49 ? 63  TRP A CH2 1 
ATOM   527  N  N   . CYS A 1 64  ? 1.282   1.166   11.989  1.00 17.12 ? 64  CYS A N   1 
ATOM   528  C  CA  . CYS A 1 64  ? 1.422   2.584   12.284  1.00 15.39 ? 64  CYS A CA  1 
ATOM   529  C  C   . CYS A 1 64  ? 0.629   2.905   13.537  1.00 15.24 ? 64  CYS A C   1 
ATOM   530  O  O   . CYS A 1 64  ? -0.248  2.142   13.948  1.00 17.29 ? 64  CYS A O   1 
ATOM   531  C  CB  . CYS A 1 64  ? 0.957   3.452   11.098  1.00 15.97 ? 64  CYS A CB  1 
ATOM   532  S  SG  . CYS A 1 64  ? -0.786  3.246   10.663  1.00 16.54 ? 64  CYS A SG  1 
ATOM   533  N  N   . ASN A 1 65  ? 0.940   4.050   14.146  1.00 16.27 ? 65  ASN A N   1 
ATOM   534  C  CA  . ASN A 1 65  ? 0.242   4.466   15.356  1.00 15.82 ? 65  ASN A CA  1 
ATOM   535  C  C   . ASN A 1 65  ? -0.809  5.531   15.046  1.00 17.21 ? 65  ASN A C   1 
ATOM   536  O  O   . ASN A 1 65  ? -0.480  6.600   14.516  1.00 16.69 ? 65  ASN A O   1 
ATOM   537  C  CB  . ASN A 1 65  ? 1.193   4.999   16.419  1.00 18.48 ? 65  ASN A CB  1 
ATOM   538  C  CG  . ASN A 1 65  ? 0.432   5.513   17.615  1.00 21.24 ? 65  ASN A CG  1 
ATOM   539  O  OD1 . ASN A 1 65  ? -0.281  4.754   18.265  1.00 21.27 ? 65  ASN A OD1 1 
ATOM   540  N  ND2 . ASN A 1 65  ? 0.534   6.811   17.882  1.00 28.48 ? 65  ASN A ND2 1 
ATOM   541  N  N   . ASP A 1 66  ? -2.060  5.249   15.408  1.00 14.34 ? 66  ASP A N   1 
ATOM   542  C  CA  . ASP A 1 66  ? -3.123  6.252   15.335  1.00 16.00 ? 66  ASP A CA  1 
ATOM   543  C  C   . ASP A 1 66  ? -3.697  6.646   16.687  1.00 17.55 ? 66  ASP A C   1 
ATOM   544  O  O   . ASP A 1 66  ? -4.662  7.420   16.727  1.00 18.02 ? 66  ASP A O   1 
ATOM   545  C  CB  . ASP A 1 66  ? -4.240  5.869   14.344  1.00 14.57 ? 66  ASP A CB  1 
ATOM   546  C  CG  . ASP A 1 66  ? -5.102  4.681   14.808  1.00 13.47 ? 66  ASP A CG  1 
ATOM   547  O  OD1 . ASP A 1 66  ? -4.894  4.181   15.935  1.00 15.26 ? 66  ASP A OD1 1 
ATOM   548  O  OD2 . ASP A 1 66  ? -5.988  4.254   14.024  1.00 13.87 ? 66  ASP A OD2 1 
ATOM   549  N  N   . GLY A 1 67  ? -3.142  6.137   17.782  1.00 16.66 ? 67  GLY A N   1 
ATOM   550  C  CA  . GLY A 1 67  ? -3.564  6.504   19.120  1.00 17.89 ? 67  GLY A CA  1 
ATOM   551  C  C   . GLY A 1 67  ? -4.905  5.963   19.562  1.00 20.37 ? 67  GLY A C   1 
ATOM   552  O  O   . GLY A 1 67  ? -5.302  6.211   20.709  1.00 21.66 ? 67  GLY A O   1 
ATOM   553  N  N   . ARG A 1 68  ? -5.621  5.226   18.716  1.00 16.65 ? 68  ARG A N   1 
ATOM   554  C  CA  . ARG A 1 68  ? -6.942  4.744   19.102  1.00 17.73 ? 68  ARG A CA  1 
ATOM   555  C  C   . ARG A 1 68  ? -7.142  3.255   18.830  1.00 17.92 ? 68  ARG A C   1 
ATOM   556  O  O   . ARG A 1 68  ? -8.281  2.774   18.837  1.00 20.53 ? 68  ARG A O   1 
ATOM   557  C  CB  . ARG A 1 68  ? -8.045  5.568   18.445  1.00 17.98 ? 68  ARG A CB  1 
ATOM   558  C  CG  . ARG A 1 68  ? -8.135  5.348   16.953  1.00 16.69 ? 68  ARG A CG  1 
ATOM   559  C  CD  . ARG A 1 68  ? -9.317  6.081   16.371  1.00 20.39 ? 68  ARG A CD  1 
ATOM   560  N  NE  . ARG A 1 68  ? -9.568  5.648   15.003  1.00 16.41 ? 68  ARG A NE  1 
ATOM   561  C  CZ  . ARG A 1 68  ? -10.444 6.222   14.190  1.00 16.17 ? 68  ARG A CZ  1 
ATOM   562  N  NH1 . ARG A 1 68  ? -11.157 7.270   14.571  1.00 16.50 ? 68  ARG A NH1 1 
ATOM   563  N  NH2 . ARG A 1 68  ? -10.582 5.760   12.950  1.00 16.46 ? 68  ARG A NH2 1 
ATOM   564  N  N   . THR A 1 69  ? -6.061  2.509   18.601  1.00 16.63 ? 69  THR A N   1 
ATOM   565  C  CA  . THR A 1 69  ? -6.156  1.080   18.320  1.00 18.77 ? 69  THR A CA  1 
ATOM   566  C  C   . THR A 1 69  ? -5.534  0.304   19.476  1.00 22.08 ? 69  THR A C   1 
ATOM   567  O  O   . THR A 1 69  ? -4.308  0.137   19.525  1.00 21.24 ? 69  THR A O   1 
ATOM   568  C  CB  . THR A 1 69  ? -5.441  0.758   17.004  1.00 17.85 ? 69  THR A CB  1 
ATOM   569  O  OG1 . THR A 1 69  ? -5.928  1.634   15.972  1.00 17.33 ? 69  THR A OG1 1 
ATOM   570  C  CG2 . THR A 1 69  ? -5.662  -0.695  16.599  1.00 18.61 ? 69  THR A CG2 1 
ATOM   571  N  N   . PRO A 1 70  ? -6.326  -0.198  20.421  1.00 34.13 ? 70  PRO A N   1 
ATOM   572  C  CA  . PRO A 1 70  ? -5.743  -0.790  21.629  1.00 40.74 ? 70  PRO A CA  1 
ATOM   573  C  C   . PRO A 1 70  ? -4.917  -2.026  21.304  1.00 44.44 ? 70  PRO A C   1 
ATOM   574  O  O   . PRO A 1 70  ? -5.175  -2.735  20.327  1.00 40.55 ? 70  PRO A O   1 
ATOM   575  C  CB  . PRO A 1 70  ? -6.969  -1.150  22.477  1.00 50.89 ? 70  PRO A CB  1 
ATOM   576  C  CG  . PRO A 1 70  ? -8.105  -0.338  21.895  1.00 46.37 ? 70  PRO A CG  1 
ATOM   577  C  CD  . PRO A 1 70  ? -7.797  -0.245  20.433  1.00 44.84 ? 70  PRO A CD  1 
ATOM   578  N  N   . GLY A 1 71  ? -3.901  -2.257  22.130  1.00 51.90 ? 71  GLY A N   1 
ATOM   579  C  CA  . GLY A 1 71  ? -3.048  -3.431  21.964  1.00 50.86 ? 71  GLY A CA  1 
ATOM   580  C  C   . GLY A 1 71  ? -2.435  -3.546  20.590  1.00 40.18 ? 71  GLY A C   1 
ATOM   581  O  O   . GLY A 1 71  ? -2.352  -4.648  20.033  1.00 52.93 ? 71  GLY A O   1 
ATOM   582  N  N   . SER A 1 72  ? -1.998  -2.429  20.022  1.00 33.33 ? 72  SER A N   1 
ATOM   583  C  CA  . SER A 1 72  ? -1.494  -2.422  18.663  1.00 38.90 ? 72  SER A CA  1 
ATOM   584  C  C   . SER A 1 72  ? 0.014   -2.226  18.649  1.00 31.79 ? 72  SER A C   1 
ATOM   585  O  O   . SER A 1 72  ? 0.601   -1.632  19.558  1.00 30.79 ? 72  SER A O   1 
ATOM   586  C  CB  . SER A 1 72  ? -2.134  -1.304  17.846  1.00 34.52 ? 72  SER A CB  1 
ATOM   587  O  OG  . SER A 1 72  ? -1.708  -0.041  18.323  1.00 32.43 ? 72  SER A OG  1 
ATOM   588  N  N   . ARG A 1 73  ? 0.632   -2.735  17.598  1.00 27.66 ? 73  ARG A N   1 
ATOM   589  C  CA  . ARG A 1 73  ? 2.029   -2.456  17.357  1.00 30.05 ? 73  ARG A CA  1 
ATOM   590  C  C   . ARG A 1 73  ? 2.125   -1.271  16.403  1.00 34.93 ? 73  ARG A C   1 
ATOM   591  O  O   . ARG A 1 73  ? 1.127   -0.778  15.866  1.00 34.40 ? 73  ARG A O   1 
ATOM   592  C  CB  . ARG A 1 73  ? 2.709   -3.692  16.768  1.00 24.23 ? 73  ARG A CB  1 
ATOM   593  C  CG  . ARG A 1 73  ? 2.022   -4.989  17.173  1.00 32.46 ? 73  ARG A CG  1 
ATOM   594  C  CD  . ARG A 1 73  ? 2.667   -5.637  18.381  1.00 40.72 ? 73  ARG A CD  1 
ATOM   595  N  NE  . ARG A 1 73  ? 4.050   -6.011  18.113  1.00 46.00 ? 73  ARG A NE  1 
ATOM   596  C  CZ  . ARG A 1 73  ? 4.431   -7.241  17.796  1.00 46.65 ? 73  ARG A CZ  1 
ATOM   597  N  NH1 . ARG A 1 73  ? 3.559   -8.235  17.721  1.00 51.02 ? 73  ARG A NH1 1 
ATOM   598  N  NH2 . ARG A 1 73  ? 5.714   -7.478  17.533  1.00 37.52 ? 73  ARG A NH2 1 
ATOM   599  N  N   . ASN A 1 74  ? 3.342   -0.815  16.210  1.00 25.53 ? 74  ASN A N   1 
ATOM   600  C  CA  . ASN A 1 74  ? 3.668   0.297   15.349  1.00 18.65 ? 74  ASN A CA  1 
ATOM   601  C  C   . ASN A 1 74  ? 4.980   -0.123  14.687  1.00 21.60 ? 74  ASN A C   1 
ATOM   602  O  O   . ASN A 1 74  ? 6.036   0.473   14.882  1.00 20.64 ? 74  ASN A O   1 
ATOM   603  C  CB  . ASN A 1 74  ? 3.802   1.583   16.169  1.00 17.58 ? 74  ASN A CB  1 
ATOM   604  C  CG  . ASN A 1 74  ? 4.217   2.781   15.340  1.00 20.21 ? 74  ASN A CG  1 
ATOM   605  O  OD1 . ASN A 1 74  ? 4.196   2.753   14.103  1.00 18.29 ? 74  ASN A OD1 1 
ATOM   606  N  ND2 . ASN A 1 74  ? 4.587   3.857   16.024  1.00 21.87 ? 74  ASN A ND2 1 
ATOM   607  N  N   . LEU A 1 75  ? 4.899   -1.192  13.892  1.00 18.82 ? 75  LEU A N   1 
ATOM   608  C  CA  . LEU A 1 75  ? 6.107   -1.853  13.414  1.00 19.34 ? 75  LEU A CA  1 
ATOM   609  C  C   . LEU A 1 75  ? 6.849   -1.033  12.371  1.00 21.11 ? 75  LEU A C   1 
ATOM   610  O  O   . LEU A 1 75  ? 8.049   -1.258  12.172  1.00 22.22 ? 75  LEU A O   1 
ATOM   611  C  CB  . LEU A 1 75  ? 5.786   -3.254  12.893  1.00 21.60 ? 75  LEU A CB  1 
ATOM   612  C  CG  . LEU A 1 75  ? 5.456   -4.270  13.993  1.00 22.27 ? 75  LEU A CG  1 
ATOM   613  C  CD1 . LEU A 1 75  ? 4.708   -5.482  13.425  1.00 25.62 ? 75  LEU A CD1 1 
ATOM   614  C  CD2 . LEU A 1 75  ? 6.689   -4.693  14.768  1.00 33.12 ? 75  LEU A CD2 1 
ATOM   615  N  N   . CYS A 1 76  ? 6.172   -0.104  11.689  1.00 15.94 ? 76  CYS A N   1 
ATOM   616  C  CA  . CYS A 1 76  ? 6.838   0.834   10.800  1.00 17.94 ? 76  CYS A CA  1 
ATOM   617  C  C   . CYS A 1 76  ? 7.303   2.089   11.516  1.00 17.63 ? 76  CYS A C   1 
ATOM   618  O  O   . CYS A 1 76  ? 7.953   2.931   10.887  1.00 19.43 ? 76  CYS A O   1 
ATOM   619  C  CB  . CYS A 1 76  ? 5.940   1.205   9.619   1.00 17.37 ? 76  CYS A CB  1 
ATOM   620  S  SG  . CYS A 1 76  ? 5.618   -0.208  8.550   1.00 18.40 ? 76  CYS A SG  1 
ATOM   621  N  N   A ASN A 1 77  ? 6.997   2.225   12.806  0.49 17.27 ? 77  ASN A N   1 
ATOM   622  N  N   B ASN A 1 77  ? 6.979   2.229   12.805  0.51 17.27 ? 77  ASN A N   1 
ATOM   623  C  CA  A ASN A 1 77  ? 7.413   3.363   13.627  0.49 20.63 ? 77  ASN A CA  1 
ATOM   624  C  CA  B ASN A 1 77  ? 7.416   3.353   13.635  0.51 20.63 ? 77  ASN A CA  1 
ATOM   625  C  C   A ASN A 1 77  ? 7.057   4.685   12.953  0.49 19.05 ? 77  ASN A C   1 
ATOM   626  C  C   B ASN A 1 77  ? 7.048   4.695   13.005  0.51 19.05 ? 77  ASN A C   1 
ATOM   627  O  O   A ASN A 1 77  ? 7.911   5.528   12.671  0.49 19.56 ? 77  ASN A O   1 
ATOM   628  O  O   B ASN A 1 77  ? 7.891   5.575   12.813  0.51 19.67 ? 77  ASN A O   1 
ATOM   629  C  CB  A ASN A 1 77  ? 8.903   3.296   13.973  0.49 22.17 ? 77  ASN A CB  1 
ATOM   630  C  CB  B ASN A 1 77  ? 8.910   3.270   13.961  0.51 22.17 ? 77  ASN A CB  1 
ATOM   631  C  CG  A ASN A 1 77  ? 9.277   4.236   15.100  0.49 23.66 ? 77  ASN A CG  1 
ATOM   632  C  CG  B ASN A 1 77  ? 9.237   2.143   14.930  0.51 21.08 ? 77  ASN A CG  1 
ATOM   633  O  OD1 A ASN A 1 77  ? 8.520   4.403   16.058  0.49 30.30 ? 77  ASN A OD1 1 
ATOM   634  O  OD1 B ASN A 1 77  ? 8.996   2.251   16.135  0.51 32.85 ? 77  ASN A OD1 1 
ATOM   635  N  ND2 A ASN A 1 77  ? 10.444  4.860   14.992  0.49 28.62 ? 77  ASN A ND2 1 
ATOM   636  N  ND2 B ASN A 1 77  ? 9.796   1.058   14.407  0.51 26.55 ? 77  ASN A ND2 1 
ATOM   637  N  N   . ILE A 1 78  ? 5.767   4.852   12.684  1.00 17.81 ? 78  ILE A N   1 
ATOM   638  C  CA  . ILE A 1 78  ? 5.310   6.034   11.963  1.00 19.83 ? 78  ILE A CA  1 
ATOM   639  C  C   . ILE A 1 78  ? 3.905   6.373   12.452  1.00 18.16 ? 78  ILE A C   1 
ATOM   640  O  O   . ILE A 1 78  ? 3.112   5.458   12.735  1.00 16.63 ? 78  ILE A O   1 
ATOM   641  C  CB  . ILE A 1 78  ? 5.374   5.783   10.444  1.00 21.48 ? 78  ILE A CB  1 
ATOM   642  C  CG1 . ILE A 1 78  ? 5.003   7.029   9.650   1.00 28.07 ? 78  ILE A CG1 1 
ATOM   643  C  CG2 . ILE A 1 78  ? 4.464   4.641   10.037  1.00 17.40 ? 78  ILE A CG2 1 
ATOM   644  C  CD1 . ILE A 1 78  ? 6.168   7.977   9.475   1.00 32.71 ? 78  ILE A CD1 1 
ATOM   645  N  N   . PRO A 1 79  ? 3.550   7.652   12.602  1.00 17.80 ? 79  PRO A N   1 
ATOM   646  C  CA  . PRO A 1 79  ? 2.132   7.976   12.806  1.00 16.77 ? 79  PRO A CA  1 
ATOM   647  C  C   . PRO A 1 79  ? 1.340   7.616   11.558  1.00 15.01 ? 79  PRO A C   1 
ATOM   648  O  O   . PRO A 1 79  ? 1.812   7.787   10.433  1.00 17.17 ? 79  PRO A O   1 
ATOM   649  C  CB  . PRO A 1 79  ? 2.132   9.490   13.061  1.00 19.09 ? 79  PRO A CB  1 
ATOM   650  C  CG  . PRO A 1 79  ? 3.421   9.979   12.522  1.00 22.87 ? 79  PRO A CG  1 
ATOM   651  C  CD  . PRO A 1 79  ? 4.408   8.852   12.617  1.00 18.76 ? 79  PRO A CD  1 
ATOM   652  N  N   . CYS A 1 80  ? 0.130   7.101   11.765  1.00 13.34 ? 80  CYS A N   1 
ATOM   653  C  CA  . CYS A 1 80  ? -0.685  6.714   10.621  1.00 14.03 ? 80  CYS A CA  1 
ATOM   654  C  C   . CYS A 1 80  ? -0.985  7.891   9.702   1.00 17.21 ? 80  CYS A C   1 
ATOM   655  O  O   . CYS A 1 80  ? -1.079  7.722   8.482   1.00 16.14 ? 80  CYS A O   1 
ATOM   656  C  CB  . CYS A 1 80  ? -1.976  6.052   11.086  1.00 14.81 ? 80  CYS A CB  1 
ATOM   657  S  SG  . CYS A 1 80  ? -1.747  4.469   11.964  1.00 14.72 ? 80  CYS A SG  1 
ATOM   658  N  N   . SER A 1 81  ? -1.133  9.092   10.261  1.00 16.84 ? 81  SER A N   1 
ATOM   659  C  CA  . SER A 1 81  ? -1.419  10.258  9.436   1.00 19.45 ? 81  SER A CA  1 
ATOM   660  C  C   . SER A 1 81  ? -0.294  10.539  8.444   1.00 20.02 ? 81  SER A C   1 
ATOM   661  O  O   . SER A 1 81  ? -0.539  11.133  7.386   1.00 23.10 ? 81  SER A O   1 
ATOM   662  C  CB  . SER A 1 81  ? -1.668  11.473  10.333  1.00 23.28 ? 81  SER A CB  1 
ATOM   663  O  OG  . SER A 1 81  ? -0.500  11.785  11.078  1.00 28.50 ? 81  SER A OG  1 
ATOM   664  N  N   . ALA A 1 82  ? 0.941   10.131  8.760   1.00 18.16 ? 82  ALA A N   1 
ATOM   665  C  CA  . ALA A 1 82  ? 2.040   10.320  7.815   1.00 21.06 ? 82  ALA A CA  1 
ATOM   666  C  C   . ALA A 1 82  ? 1.873   9.474   6.558   1.00 22.41 ? 82  ALA A C   1 
ATOM   667  O  O   . ALA A 1 82  ? 2.519   9.746   5.538   1.00 23.97 ? 82  ALA A O   1 
ATOM   668  C  CB  . ALA A 1 82  ? 3.382   10.027  8.482   1.00 31.13 ? 82  ALA A CB  1 
ATOM   669  N  N   . LEU A 1 83  ? 1.023   8.460   6.603   1.00 20.02 ? 83  LEU A N   1 
ATOM   670  C  CA  . LEU A 1 83  ? 0.755   7.631   5.438   1.00 19.00 ? 83  LEU A CA  1 
ATOM   671  C  C   . LEU A 1 83  ? -0.339  8.199   4.546   1.00 21.14 ? 83  LEU A C   1 
ATOM   672  O  O   . LEU A 1 83  ? -0.756  7.529   3.593   1.00 19.55 ? 83  LEU A O   1 
ATOM   673  C  CB  . LEU A 1 83  ? 0.374   6.233   5.899   1.00 16.59 ? 83  LEU A CB  1 
ATOM   674  C  CG  . LEU A 1 83  ? 1.360   5.592   6.874   1.00 18.43 ? 83  LEU A CG  1 
ATOM   675  C  CD1 . LEU A 1 83  ? 0.905   4.184   7.196   1.00 20.56 ? 83  LEU A CD1 1 
ATOM   676  C  CD2 . LEU A 1 83  ? 2.772   5.600   6.281   1.00 25.64 ? 83  LEU A CD2 1 
ATOM   677  N  N   . LEU A 1 84  ? -0.840  9.396   4.850   1.00 19.26 ? 84  LEU A N   1 
ATOM   678  C  CA  . LEU A 1 84  ? -1.836  10.063  4.025   1.00 17.91 ? 84  LEU A CA  1 
ATOM   679  C  C   . LEU A 1 84  ? -1.237  11.171  3.170   1.00 18.70 ? 84  LEU A C   1 
ATOM   680  O  O   . LEU A 1 84  ? -1.975  11.864  2.462   1.00 24.36 ? 84  LEU A O   1 
ATOM   681  C  CB  . LEU A 1 84  ? -2.978  10.601  4.897   1.00 17.74 ? 84  LEU A CB  1 
ATOM   682  C  CG  . LEU A 1 84  ? -3.617  9.551   5.807   1.00 17.22 ? 84  LEU A CG  1 
ATOM   683  C  CD1 . LEU A 1 84  ? -4.545  10.203  6.817   1.00 21.28 ? 84  LEU A CD1 1 
ATOM   684  C  CD2 . LEU A 1 84  ? -4.361  8.503   5.019   1.00 18.58 ? 84  LEU A CD2 1 
ATOM   685  N  N   A SER A 1 85  ? 0.080   11.340  3.207   0.57 21.35 ? 85  SER A N   1 
ATOM   686  N  N   B SER A 1 85  ? 0.081   11.339  3.209   0.43 21.36 ? 85  SER A N   1 
ATOM   687  C  CA  A SER A 1 85  ? 0.741   12.418  2.495   0.57 21.50 ? 85  SER A CA  1 
ATOM   688  C  CA  B SER A 1 85  ? 0.750   12.411  2.491   0.43 21.50 ? 85  SER A CA  1 
ATOM   689  C  C   A SER A 1 85  ? 0.649   12.218  0.984   0.57 22.55 ? 85  SER A C   1 
ATOM   690  C  C   B SER A 1 85  ? 0.627   12.220  0.983   0.43 22.54 ? 85  SER A C   1 
ATOM   691  O  O   A SER A 1 85  ? 0.474   11.103  0.484   0.57 21.68 ? 85  SER A O   1 
ATOM   692  O  O   B SER A 1 85  ? 0.413   11.112  0.481   0.43 21.70 ? 85  SER A O   1 
ATOM   693  C  CB  A SER A 1 85  ? 2.212   12.480  2.908   0.57 23.47 ? 85  SER A CB  1 
ATOM   694  C  CB  B SER A 1 85  ? 2.231   12.440  2.872   0.43 23.43 ? 85  SER A CB  1 
ATOM   695  O  OG  A SER A 1 85  ? 2.965   13.278  2.018   0.57 21.11 ? 85  SER A OG  1 
ATOM   696  O  OG  B SER A 1 85  ? 2.751   11.121  2.956   0.43 21.12 ? 85  SER A OG  1 
ATOM   697  N  N   . SER A 1 86  ? 0.771   13.327  0.251   1.00 21.09 ? 86  SER A N   1 
ATOM   698  C  CA  . SER A 1 86  ? 0.807   13.245  -1.204  1.00 23.46 ? 86  SER A CA  1 
ATOM   699  C  C   . SER A 1 86  ? 2.091   12.590  -1.696  1.00 22.96 ? 86  SER A C   1 
ATOM   700  O  O   . SER A 1 86  ? 2.132   12.093  -2.828  1.00 29.02 ? 86  SER A O   1 
ATOM   701  C  CB  A SER A 1 86  ? 0.651   14.634  -1.823  0.86 26.48 ? 86  SER A CB  1 
ATOM   702  O  OG  A SER A 1 86  ? 1.508   15.564  -1.186  0.86 33.73 ? 86  SER A OG  1 
ATOM   703  N  N   . ASP A 1 87  ? 3.130   12.589  -0.868  1.00 20.16 ? 87  ASP A N   1 
ATOM   704  C  CA  . ASP A 1 87  ? 4.389   11.915  -1.140  1.00 21.47 ? 87  ASP A CA  1 
ATOM   705  C  C   . ASP A 1 87  ? 4.270   10.501  -0.579  1.00 21.24 ? 87  ASP A C   1 
ATOM   706  O  O   . ASP A 1 87  ? 4.056   10.327  0.624   1.00 19.05 ? 87  ASP A O   1 
ATOM   707  C  CB  . ASP A 1 87  ? 5.493   12.685  -0.416  1.00 22.18 ? 87  ASP A CB  1 
ATOM   708  C  CG  . ASP A 1 87  ? 6.883   12.160  -0.705  1.00 28.49 ? 87  ASP A CG  1 
ATOM   709  O  OD1 . ASP A 1 87  ? 7.069   10.935  -0.814  1.00 22.79 ? 87  ASP A OD1 1 
ATOM   710  O  OD2 . ASP A 1 87  ? 7.819   12.987  -0.795  1.00 37.26 ? 87  ASP A OD2 1 
ATOM   711  N  N   . ILE A 1 88  ? 4.445   9.493   -1.440  1.00 16.78 ? 88  ILE A N   1 
ATOM   712  C  CA  . ILE A 1 88  ? 4.174   8.112   -1.034  1.00 16.10 ? 88  ILE A CA  1 
ATOM   713  C  C   . ILE A 1 88  ? 5.344   7.450   -0.319  1.00 15.23 ? 88  ILE A C   1 
ATOM   714  O  O   . ILE A 1 88  ? 5.251   6.257   0.007   1.00 16.09 ? 88  ILE A O   1 
ATOM   715  C  CB  . ILE A 1 88  ? 3.653   7.229   -2.193  1.00 15.31 ? 88  ILE A CB  1 
ATOM   716  C  CG1 . ILE A 1 88  ? 4.759   6.963   -3.222  1.00 15.09 ? 88  ILE A CG1 1 
ATOM   717  C  CG2 . ILE A 1 88  ? 2.441   7.878   -2.841  1.00 19.62 ? 88  ILE A CG2 1 
ATOM   718  C  CD1 . ILE A 1 88  ? 4.390   5.912   -4.276  1.00 21.51 ? 88  ILE A CD1 1 
ATOM   719  N  N   . THR A 1 89  ? 6.436   8.178   -0.060  1.00 16.92 ? 89  THR A N   1 
ATOM   720  C  CA  . THR A 1 89  ? 7.644   7.577   0.500   1.00 14.86 ? 89  THR A CA  1 
ATOM   721  C  C   . THR A 1 89  ? 7.364   6.738   1.739   1.00 16.10 ? 89  THR A C   1 
ATOM   722  O  O   . THR A 1 89  ? 7.792   5.581   1.821   1.00 17.90 ? 89  THR A O   1 
ATOM   723  C  CB  . THR A 1 89  ? 8.682   8.657   0.814   1.00 18.40 ? 89  THR A CB  1 
ATOM   724  O  OG1 . THR A 1 89  ? 9.040   9.337   -0.392  1.00 20.71 ? 89  THR A OG1 1 
ATOM   725  C  CG2 . THR A 1 89  ? 9.926   8.030   1.436   1.00 22.04 ? 89  THR A CG2 1 
ATOM   726  N  N   . ALA A 1 90  ? 6.643   7.301   2.715   1.00 16.95 ? 90  ALA A N   1 
ATOM   727  C  CA  . ALA A 1 90  ? 6.419   6.578   3.963   1.00 16.09 ? 90  ALA A CA  1 
ATOM   728  C  C   . ALA A 1 90  ? 5.579   5.326   3.745   1.00 17.18 ? 90  ALA A C   1 
ATOM   729  O  O   . ALA A 1 90  ? 5.847   4.279   4.347   1.00 16.58 ? 90  ALA A O   1 
ATOM   730  C  CB  . ALA A 1 90  ? 5.772   7.499   5.001   1.00 18.36 ? 90  ALA A CB  1 
ATOM   731  N  N   . SER A 1 91  ? 4.563   5.409   2.884   1.00 14.55 ? 91  SER A N   1 
ATOM   732  C  CA  . SER A 1 91  ? 3.756   4.228   2.596   1.00 14.28 ? 91  SER A CA  1 
ATOM   733  C  C   . SER A 1 91  ? 4.582   3.145   1.926   1.00 14.43 ? 91  SER A C   1 
ATOM   734  O  O   . SER A 1 91  ? 4.418   1.959   2.233   1.00 14.36 ? 91  SER A O   1 
ATOM   735  C  CB  . SER A 1 91  ? 2.550   4.596   1.741   1.00 12.81 ? 91  SER A CB  1 
ATOM   736  O  OG  . SER A 1 91  ? 1.582   5.267   2.535   1.00 13.65 ? 91  SER A OG  1 
ATOM   737  N  N   . VAL A 1 92  ? 5.479   3.531   1.008   1.00 14.01 ? 92  VAL A N   1 
ATOM   738  C  CA  . VAL A 1 92  ? 6.289   2.537   0.316   1.00 13.76 ? 92  VAL A CA  1 
ATOM   739  C  C   . VAL A 1 92  ? 7.260   1.875   1.279   1.00 15.99 ? 92  VAL A C   1 
ATOM   740  O  O   . VAL A 1 92  ? 7.416   0.651   1.275   1.00 16.09 ? 92  VAL A O   1 
ATOM   741  C  CB  . VAL A 1 92  ? 7.014   3.161   -0.887  1.00 16.90 ? 92  VAL A CB  1 
ATOM   742  C  CG1 . VAL A 1 92  ? 8.080   2.195   -1.399  1.00 16.63 ? 92  VAL A CG1 1 
ATOM   743  C  CG2 . VAL A 1 92  ? 6.012   3.500   -1.972  1.00 16.93 ? 92  VAL A CG2 1 
ATOM   744  N  N   . ASN A 1 93  ? 7.937   2.671   2.116   1.00 15.31 ? 93  ASN A N   1 
ATOM   745  C  CA  . ASN A 1 93  ? 8.889   2.082   3.058   1.00 17.38 ? 93  ASN A CA  1 
ATOM   746  C  C   . ASN A 1 93  ? 8.186   1.124   4.007   1.00 17.17 ? 93  ASN A C   1 
ATOM   747  O  O   . ASN A 1 93  ? 8.721   0.065   4.360   1.00 19.23 ? 93  ASN A O   1 
ATOM   748  C  CB  . ASN A 1 93  ? 9.624   3.169   3.846   1.00 21.89 ? 93  ASN A CB  1 
ATOM   749  C  CG  . ASN A 1 93  ? 10.514  4.026   2.972   1.00 25.36 ? 93  ASN A CG  1 
ATOM   750  O  OD1 . ASN A 1 93  ? 10.908  3.616   1.879   1.00 32.80 ? 93  ASN A OD1 1 
ATOM   751  N  ND2 . ASN A 1 93  ? 10.821  5.231   3.440   1.00 34.32 ? 93  ASN A ND2 1 
ATOM   752  N  N   . CYS A 1 94  ? 6.983   1.479   4.435   1.00 16.21 ? 94  CYS A N   1 
ATOM   753  C  CA  . CYS A 1 94  ? 6.246   0.586   5.312   1.00 16.50 ? 94  CYS A CA  1 
ATOM   754  C  C   . CYS A 1 94  ? 5.762   -0.653  4.561   1.00 15.62 ? 94  CYS A C   1 
ATOM   755  O  O   . CYS A 1 94  ? 5.872   -1.776  5.077   1.00 14.86 ? 94  CYS A O   1 
ATOM   756  C  CB  . CYS A 1 94  ? 5.104   1.360   5.964   1.00 18.07 ? 94  CYS A CB  1 
ATOM   757  S  SG  . CYS A 1 94  ? 4.214   0.428   7.213   1.00 18.26 ? 94  CYS A SG  1 
ATOM   758  N  N   . ALA A 1 95  ? 5.239   -0.473  3.338   1.00 15.58 ? 95  ALA A N   1 
ATOM   759  C  CA  . ALA A 1 95  ? 4.827   -1.617  2.522   1.00 14.08 ? 95  ALA A CA  1 
ATOM   760  C  C   . ALA A 1 95  ? 5.968   -2.604  2.300   1.00 13.28 ? 95  ALA A C   1 
ATOM   761  O  O   . ALA A 1 95  ? 5.741   -3.818  2.269   1.00 12.99 ? 95  ALA A O   1 
ATOM   762  C  CB  . ALA A 1 95  ? 4.236   -1.154  1.194   1.00 15.60 ? 95  ALA A CB  1 
ATOM   763  N  N   . LYS A 1 96  ? 7.207   -2.110  2.152   1.00 14.36 ? 96  LYS A N   1 
ATOM   764  C  CA  . LYS A 1 96  ? 8.335   -3.024  2.012   1.00 15.47 ? 96  LYS A CA  1 
ATOM   765  C  C   . LYS A 1 96  ? 8.482   -3.904  3.244   1.00 16.28 ? 96  LYS A C   1 
ATOM   766  O  O   . LYS A 1 96  ? 8.777   -5.102  3.129   1.00 18.35 ? 96  LYS A O   1 
ATOM   767  C  CB  . LYS A 1 96  ? 9.621   -2.237  1.750   1.00 14.17 ? 96  LYS A CB  1 
ATOM   768  C  CG  . LYS A 1 96  ? 9.683   -1.641  0.356   1.00 17.10 ? 96  LYS A CG  1 
ATOM   769  C  CD  . LYS A 1 96  ? 10.908  -0.726  0.181   1.00 19.35 ? 96  LYS A CD  1 
ATOM   770  C  CE  . LYS A 1 96  ? 11.042  -0.272  -1.261  1.00 20.20 ? 96  LYS A CE  1 
ATOM   771  N  NZ  . LYS A 1 96  ? 12.243  0.586   -1.422  1.00 22.59 ? 96  LYS A NZ  1 
ATOM   772  N  N   . LYS A 1 97  ? 8.277   -3.334  4.433   1.00 15.81 ? 97  LYS A N   1 
ATOM   773  C  CA  . LYS A 1 97  ? 8.329   -4.141  5.649   1.00 17.12 ? 97  LYS A CA  1 
ATOM   774  C  C   . LYS A 1 97  ? 7.181   -5.143  5.692   1.00 17.68 ? 97  LYS A C   1 
ATOM   775  O  O   . LYS A 1 97  ? 7.377   -6.310  6.045   1.00 18.10 ? 97  LYS A O   1 
ATOM   776  C  CB  . LYS A 1 97  ? 8.291   -3.238  6.881   1.00 20.17 ? 97  LYS A CB  1 
ATOM   777  C  CG  . LYS A 1 97  ? 9.501   -2.322  7.027   1.00 24.71 ? 97  LYS A CG  1 
ATOM   778  C  CD  . LYS A 1 97  ? 9.134   -1.033  7.747   1.00 32.47 ? 97  LYS A CD  1 
ATOM   779  C  CE  . LYS A 1 97  ? 10.347  -0.435  8.445   1.00 40.04 ? 97  LYS A CE  1 
ATOM   780  N  NZ  . LYS A 1 97  ? 10.807  -1.296  9.568   1.00 43.29 ? 97  LYS A NZ  1 
ATOM   781  N  N   . ILE A 1 98  ? 5.966   -4.700  5.357   1.00 14.28 ? 98  ILE A N   1 
ATOM   782  C  CA  . ILE A 1 98  ? 4.803   -5.583  5.411   1.00 15.42 ? 98  ILE A CA  1 
ATOM   783  C  C   . ILE A 1 98  ? 5.003   -6.804  4.515   1.00 14.92 ? 98  ILE A C   1 
ATOM   784  O  O   . ILE A 1 98  ? 4.781   -7.947  4.932   1.00 15.54 ? 98  ILE A O   1 
ATOM   785  C  CB  . ILE A 1 98  ? 3.534   -4.806  5.025   1.00 14.22 ? 98  ILE A CB  1 
ATOM   786  C  CG1 . ILE A 1 98  ? 3.277   -3.663  6.010   1.00 15.28 ? 98  ILE A CG1 1 
ATOM   787  C  CG2 . ILE A 1 98  ? 2.360   -5.742  4.940   1.00 14.62 ? 98  ILE A CG2 1 
ATOM   788  C  CD1 . ILE A 1 98  ? 2.191   -2.730  5.550   1.00 16.71 ? 98  ILE A CD1 1 
ATOM   789  N  N   . VAL A 1 99  ? 5.408   -6.576  3.262   1.00 14.25 ? 99  VAL A N   1 
ATOM   790  C  CA  . VAL A 1 99  ? 5.498   -7.654  2.282   1.00 14.58 ? 99  VAL A CA  1 
ATOM   791  C  C   . VAL A 1 99  ? 6.655   -8.590  2.580   1.00 20.26 ? 99  VAL A C   1 
ATOM   792  O  O   . VAL A 1 99  ? 6.696   -9.710  2.054   1.00 19.17 ? 99  VAL A O   1 
ATOM   793  C  CB  . VAL A 1 99  ? 5.592   -7.059  0.863   1.00 13.15 ? 99  VAL A CB  1 
ATOM   794  C  CG1 . VAL A 1 99  ? 6.994   -6.486  0.581   1.00 15.84 ? 99  VAL A CG1 1 
ATOM   795  C  CG2 . VAL A 1 99  ? 5.213   -8.079  -0.196  1.00 14.31 ? 99  VAL A CG2 1 
ATOM   796  N  N   . SER A 1 100 ? 7.583   -8.169  3.428   1.00 18.74 ? 100 SER A N   1 
ATOM   797  C  CA  . SER A 1 100 ? 8.684   -9.011  3.860   1.00 22.70 ? 100 SER A CA  1 
ATOM   798  C  C   . SER A 1 100 ? 8.363   -9.815  5.118   1.00 20.61 ? 100 SER A C   1 
ATOM   799  O  O   . SER A 1 100 ? 9.212   -10.589 5.567   1.00 26.51 ? 100 SER A O   1 
ATOM   800  C  CB  . SER A 1 100 ? 9.934   -8.153  4.097   1.00 21.80 ? 100 SER A CB  1 
ATOM   801  O  OG  . SER A 1 100 ? 10.256  -7.358  2.964   1.00 22.36 ? 100 SER A OG  1 
ATOM   802  N  N   . ASP A 1 101 ? 7.164   -9.674  5.687   1.00 21.39 ? 101 ASP A N   1 
ATOM   803  C  CA  . ASP A 1 101 ? 6.889   -10.193 7.023   1.00 27.22 ? 101 ASP A CA  1 
ATOM   804  C  C   . ASP A 1 101 ? 6.397   -11.640 7.040   1.00 30.29 ? 101 ASP A C   1 
ATOM   805  O  O   . ASP A 1 101 ? 6.133   -12.168 8.125   1.00 29.39 ? 101 ASP A O   1 
ATOM   806  C  CB  . ASP A 1 101 ? 5.899   -9.277  7.760   1.00 23.76 ? 101 ASP A CB  1 
ATOM   807  C  CG  . ASP A 1 101 ? 5.916   -9.486  9.265   1.00 31.62 ? 101 ASP A CG  1 
ATOM   808  O  OD1 . ASP A 1 101 ? 7.019   -9.535  9.851   1.00 32.64 ? 101 ASP A OD1 1 
ATOM   809  O  OD2 . ASP A 1 101 ? 4.823   -9.602  9.857   1.00 30.73 ? 101 ASP A OD2 1 
ATOM   810  N  N   . GLY A 1 102 ? 6.268   -12.293 5.885   1.00 24.80 ? 102 GLY A N   1 
ATOM   811  C  CA  . GLY A 1 102 ? 5.945   -13.712 5.854   1.00 20.62 ? 102 GLY A CA  1 
ATOM   812  C  C   . GLY A 1 102 ? 4.894   -14.119 4.838   1.00 25.93 ? 102 GLY A C   1 
ATOM   813  O  O   . GLY A 1 102 ? 5.078   -15.107 4.120   1.00 28.54 ? 102 GLY A O   1 
ATOM   814  N  N   . ASN A 1 103 ? 3.790   -13.375 4.765   1.00 22.83 ? 103 ASN A N   1 
ATOM   815  C  CA  . ASN A 1 103 ? 2.664   -13.715 3.901   1.00 18.00 ? 103 ASN A CA  1 
ATOM   816  C  C   . ASN A 1 103 ? 2.714   -13.006 2.556   1.00 13.61 ? 103 ASN A C   1 
ATOM   817  O  O   . ASN A 1 103 ? 1.766   -13.110 1.773   1.00 14.93 ? 103 ASN A O   1 
ATOM   818  C  CB  . ASN A 1 103 ? 1.344   -13.413 4.610   1.00 21.87 ? 103 ASN A CB  1 
ATOM   819  C  CG  . ASN A 1 103 ? 1.186   -14.206 5.895   1.00 43.39 ? 103 ASN A CG  1 
ATOM   820  O  OD1 . ASN A 1 103 ? 0.879   -13.650 6.954   1.00 37.77 ? 103 ASN A OD1 1 
ATOM   821  N  ND2 . ASN A 1 103 ? 1.408   -15.512 5.812   1.00 39.60 ? 103 ASN A ND2 1 
ATOM   822  N  N   . GLY A 1 104 ? 3.791   -12.283 2.275   1.00 14.52 ? 104 GLY A N   1 
ATOM   823  C  CA  . GLY A 1 104 ? 3.848   -11.608 0.997   1.00 15.18 ? 104 GLY A CA  1 
ATOM   824  C  C   . GLY A 1 104 ? 2.739   -10.588 0.856   1.00 13.32 ? 104 GLY A C   1 
ATOM   825  O  O   . GLY A 1 104 ? 2.324   -9.942  1.827   1.00 14.52 ? 104 GLY A O   1 
ATOM   826  N  N   . MET A 1 105 ? 2.265   -10.415 -0.371  1.00 12.13 ? 105 MET A N   1 
ATOM   827  C  CA  . MET A 1 105 ? 1.188   -9.463  -0.624  1.00 12.77 ? 105 MET A CA  1 
ATOM   828  C  C   . MET A 1 105 ? -0.163  -9.944  -0.161  1.00 13.56 ? 105 MET A C   1 
ATOM   829  O  O   . MET A 1 105 ? -1.119  -9.178  -0.263  1.00 12.77 ? 105 MET A O   1 
ATOM   830  C  CB  . MET A 1 105 ? 1.109   -9.063  -2.097  1.00 13.58 ? 105 MET A CB  1 
ATOM   831  C  CG  . MET A 1 105 ? 2.352   -8.376  -2.656  1.00 14.52 ? 105 MET A CG  1 
ATOM   832  S  SD  . MET A 1 105 ? 2.065   -7.272  -4.057  1.00 13.32 ? 105 MET A SD  1 
ATOM   833  C  CE  . MET A 1 105 ? 0.694   -6.231  -3.565  1.00 15.39 ? 105 MET A CE  1 
ATOM   834  N  N   . ASN A 1 106 ? -0.273  -11.173 0.356   1.00 13.96 ? 106 ASN A N   1 
ATOM   835  C  CA  . ASN A 1 106 ? -1.538  -11.582 0.960   1.00 13.72 ? 106 ASN A CA  1 
ATOM   836  C  C   . ASN A 1 106 ? -1.913  -10.709 2.144   1.00 15.18 ? 106 ASN A C   1 
ATOM   837  O  O   . ASN A 1 106 ? -3.069  -10.759 2.586   1.00 16.18 ? 106 ASN A O   1 
ATOM   838  C  CB  . ASN A 1 106 ? -1.489  -13.064 1.368   1.00 13.35 ? 106 ASN A CB  1 
ATOM   839  C  CG  . ASN A 1 106 ? -1.308  -13.983 0.188   1.00 11.80 ? 106 ASN A CG  1 
ATOM   840  O  OD1 . ASN A 1 106 ? -2.200  -14.112 -0.641  1.00 14.05 ? 106 ASN A OD1 1 
ATOM   841  N  ND2 . ASN A 1 106 ? -0.147  -14.627 0.104   1.00 15.28 ? 106 ASN A ND2 1 
ATOM   842  N  N   . ALA A 1 107 ? -0.977  -9.903  2.655   1.00 12.89 ? 107 ALA A N   1 
ATOM   843  C  CA  . ALA A 1 107 ? -1.313  -8.918  3.677   1.00 16.06 ? 107 ALA A CA  1 
ATOM   844  C  C   . ALA A 1 107 ? -2.357  -7.912  3.202   1.00 15.78 ? 107 ALA A C   1 
ATOM   845  O  O   . ALA A 1 107 ? -3.035  -7.299  4.038   1.00 15.69 ? 107 ALA A O   1 
ATOM   846  C  CB  . ALA A 1 107 ? -0.063  -8.172  4.129   1.00 16.34 ? 107 ALA A CB  1 
ATOM   847  N  N   . TRP A 1 108 ? -2.487  -7.702  1.888   1.00 13.72 ? 108 TRP A N   1 
ATOM   848  C  CA  . TRP A 1 108 ? -3.470  -6.786  1.322   1.00 12.39 ? 108 TRP A CA  1 
ATOM   849  C  C   . TRP A 1 108 ? -4.657  -7.604  0.838   1.00 15.56 ? 108 TRP A C   1 
ATOM   850  O  O   . TRP A 1 108 ? -4.570  -8.303  -0.175  1.00 14.01 ? 108 TRP A O   1 
ATOM   851  C  CB  . TRP A 1 108 ? -2.856  -5.957  0.194   1.00 11.97 ? 108 TRP A CB  1 
ATOM   852  C  CG  . TRP A 1 108 ? -1.926  -4.897  0.694   1.00 13.35 ? 108 TRP A CG  1 
ATOM   853  C  CD1 . TRP A 1 108 ? -2.266  -3.638  1.099   1.00 12.89 ? 108 TRP A CD1 1 
ATOM   854  C  CD2 . TRP A 1 108 ? -0.505  -5.007  0.868   1.00 10.10 ? 108 TRP A CD2 1 
ATOM   855  N  NE1 . TRP A 1 108 ? -1.147  -2.952  1.493   1.00 13.21 ? 108 TRP A NE1 1 
ATOM   856  C  CE2 . TRP A 1 108 ? -0.050  -3.769  1.371   1.00 11.59 ? 108 TRP A CE2 1 
ATOM   857  C  CE3 . TRP A 1 108 ? 0.430   -6.029  0.637   1.00 12.56 ? 108 TRP A CE3 1 
ATOM   858  C  CZ2 . TRP A 1 108 ? 1.290   -3.518  1.658   1.00 13.31 ? 108 TRP A CZ2 1 
ATOM   859  C  CZ3 . TRP A 1 108 ? 1.767   -5.784  0.929   1.00 13.82 ? 108 TRP A CZ3 1 
ATOM   860  C  CH2 . TRP A 1 108 ? 2.192   -4.540  1.423   1.00 13.35 ? 108 TRP A CH2 1 
ATOM   861  N  N   A VAL A 1 109 ? -5.768  -7.514  1.573   0.56 15.02 ? 109 VAL A N   1 
ATOM   862  N  N   B VAL A 1 109 ? -5.776  -7.514  1.556   0.44 15.00 ? 109 VAL A N   1 
ATOM   863  C  CA  A VAL A 1 109 ? -6.939  -8.334  1.280   0.56 14.90 ? 109 VAL A CA  1 
ATOM   864  C  CA  B VAL A 1 109 ? -6.908  -8.382  1.246   0.44 14.84 ? 109 VAL A CA  1 
ATOM   865  C  C   A VAL A 1 109 ? -7.422  -8.089  -0.139  0.56 13.19 ? 109 VAL A C   1 
ATOM   866  C  C   B VAL A 1 109 ? -7.449  -8.094  -0.146  0.44 13.23 ? 109 VAL A C   1 
ATOM   867  O  O   A VAL A 1 109 ? -7.760  -9.031  -0.867  0.56 14.15 ? 109 VAL A O   1 
ATOM   868  O  O   B VAL A 1 109 ? -7.852  -9.012  -0.871  0.44 14.18 ? 109 VAL A O   1 
ATOM   869  C  CB  A VAL A 1 109 ? -8.048  -8.059  2.312   0.56 15.54 ? 109 VAL A CB  1 
ATOM   870  C  CB  B VAL A 1 109 ? -7.991  -8.280  2.336   0.44 15.69 ? 109 VAL A CB  1 
ATOM   871  C  CG1 A VAL A 1 109 ? -9.321  -8.828  1.953   0.56 14.29 ? 109 VAL A CG1 1 
ATOM   872  C  CG1 B VAL A 1 109 ? -7.480  -8.870  3.642   0.44 19.55 ? 109 VAL A CG1 1 
ATOM   873  C  CG2 A VAL A 1 109 ? -7.572  -8.421  3.707   0.56 20.56 ? 109 VAL A CG2 1 
ATOM   874  C  CG2 B VAL A 1 109 ? -8.429  -6.835  2.524   0.44 14.58 ? 109 VAL A CG2 1 
ATOM   875  N  N   . ALA A 1 110 ? -7.437  -6.826  -0.564  1.00 14.62 ? 110 ALA A N   1 
ATOM   876  C  CA  . ALA A 1 110 ? -7.913  -6.516  -1.906  1.00 16.03 ? 110 ALA A CA  1 
ATOM   877  C  C   . ALA A 1 110 ? -6.977  -7.095  -2.958  1.00 14.44 ? 110 ALA A C   1 
ATOM   878  O  O   . ALA A 1 110 ? -7.432  -7.523  -4.024  1.00 14.39 ? 110 ALA A O   1 
ATOM   879  C  CB  . ALA A 1 110 ? -8.091  -5.009  -2.077  1.00 15.74 ? 110 ALA A CB  1 
ATOM   880  N  N   . TRP A 1 111 ? -5.664  -7.112  -2.681  1.00 12.61 ? 111 TRP A N   1 
ATOM   881  C  CA  . TRP A 1 111 ? -4.745  -7.788  -3.589  1.00 13.33 ? 111 TRP A CA  1 
ATOM   882  C  C   . TRP A 1 111 ? -5.092  -9.266  -3.700  1.00 13.65 ? 111 TRP A C   1 
ATOM   883  O  O   . TRP A 1 111 ? -5.228  -9.803  -4.806  1.00 12.20 ? 111 TRP A O   1 
ATOM   884  C  CB  . TRP A 1 111 ? -3.289  -7.603  -3.152  1.00 14.61 ? 111 TRP A CB  1 
ATOM   885  C  CG  . TRP A 1 111 ? -2.353  -8.315  -4.092  1.00 12.49 ? 111 TRP A CG  1 
ATOM   886  C  CD1 . TRP A 1 111 ? -1.869  -7.842  -5.278  1.00 12.66 ? 111 TRP A CD1 1 
ATOM   887  C  CD2 . TRP A 1 111 ? -1.832  -9.640  -3.940  1.00 13.82 ? 111 TRP A CD2 1 
ATOM   888  N  NE1 . TRP A 1 111 ? -1.056  -8.790  -5.872  1.00 13.49 ? 111 TRP A NE1 1 
ATOM   889  C  CE2 . TRP A 1 111 ? -1.029  -9.905  -5.069  1.00 12.91 ? 111 TRP A CE2 1 
ATOM   890  C  CE3 . TRP A 1 111 ? -1.954  -10.622 -2.952  1.00 15.35 ? 111 TRP A CE3 1 
ATOM   891  C  CZ2 . TRP A 1 111 ? -0.356  -11.120 -5.237  1.00 13.07 ? 111 TRP A CZ2 1 
ATOM   892  C  CZ3 . TRP A 1 111 ? -1.282  -11.825 -3.122  1.00 15.83 ? 111 TRP A CZ3 1 
ATOM   893  C  CH2 . TRP A 1 111 ? -0.483  -12.059 -4.257  1.00 13.56 ? 111 TRP A CH2 1 
ATOM   894  N  N   . ARG A 1 112 ? -5.229  -9.945  -2.560  1.00 13.59 ? 112 ARG A N   1 
ATOM   895  C  CA  . ARG A 1 112 ? -5.533  -11.370 -2.589  1.00 13.76 ? 112 ARG A CA  1 
ATOM   896  C  C   . ARG A 1 112 ? -6.822  -11.656 -3.351  1.00 14.59 ? 112 ARG A C   1 
ATOM   897  O  O   . ARG A 1 112 ? -6.877  -12.582 -4.169  1.00 14.91 ? 112 ARG A O   1 
ATOM   898  C  CB  . ARG A 1 112 ? -5.619  -11.923 -1.168  1.00 17.57 ? 112 ARG A CB  1 
ATOM   899  C  CG  . ARG A 1 112 ? -5.879  -13.420 -1.138  1.00 21.17 ? 112 ARG A CG  1 
ATOM   900  C  CD  . ARG A 1 112 ? -5.653  -14.016 0.247   1.00 26.22 ? 112 ARG A CD  1 
ATOM   901  N  NE  . ARG A 1 112 ? -6.555  -13.453 1.249   1.00 27.90 ? 112 ARG A NE  1 
ATOM   902  C  CZ  . ARG A 1 112 ? -7.858  -13.705 1.332   1.00 37.34 ? 112 ARG A CZ  1 
ATOM   903  N  NH1 . ARG A 1 112 ? -8.477  -14.490 0.459   1.00 28.82 ? 112 ARG A NH1 1 
ATOM   904  N  NH2 . ARG A 1 112 ? -8.557  -13.170 2.327   1.00 37.11 ? 112 ARG A NH2 1 
ATOM   905  N  N   . ASN A 1 113 ? -7.866  -10.874 -3.109  1.00 13.03 ? 113 ASN A N   1 
ATOM   906  C  CA  . ASN A 1 113 ? -9.163  -11.206 -3.678  1.00 12.66 ? 113 ASN A CA  1 
ATOM   907  C  C   . ASN A 1 113 ? -9.368  -10.668 -5.082  1.00 16.14 ? 113 ASN A C   1 
ATOM   908  O  O   . ASN A 1 113 ? -10.218 -11.191 -5.807  1.00 16.05 ? 113 ASN A O   1 
ATOM   909  C  CB  . ASN A 1 113 ? -10.271 -10.693 -2.763  1.00 15.56 ? 113 ASN A CB  1 
ATOM   910  C  CG  . ASN A 1 113 ? -10.401 -11.515 -1.495  1.00 17.30 ? 113 ASN A CG  1 
ATOM   911  O  OD1 . ASN A 1 113 ? -10.121 -12.720 -1.492  1.00 19.71 ? 113 ASN A OD1 1 
ATOM   912  N  ND2 . ASN A 1 113 ? -10.828 -10.874 -0.412  1.00 14.69 ? 113 ASN A ND2 1 
ATOM   913  N  N   . ARG A 1 114 ? -8.609  -9.659  -5.500  1.00 13.63 ? 114 ARG A N   1 
ATOM   914  C  CA  . ARG A 1 114 ? -8.882  -9.002  -6.772  1.00 14.65 ? 114 ARG A CA  1 
ATOM   915  C  C   . ARG A 1 114 ? -7.688  -8.913  -7.714  1.00 15.43 ? 114 ARG A C   1 
ATOM   916  O  O   . ARG A 1 114 ? -7.889  -8.659  -8.906  1.00 17.07 ? 114 ARG A O   1 
ATOM   917  C  CB  . ARG A 1 114 ? -9.459  -7.599  -6.524  1.00 14.45 ? 114 ARG A CB  1 
ATOM   918  C  CG  . ARG A 1 114 ? -10.676 -7.655  -5.599  1.00 14.97 ? 114 ARG A CG  1 
ATOM   919  C  CD  . ARG A 1 114 ? -11.209 -6.285  -5.262  1.00 13.79 ? 114 ARG A CD  1 
ATOM   920  N  NE  . ARG A 1 114 ? -11.883 -5.715  -6.414  1.00 14.67 ? 114 ARG A NE  1 
ATOM   921  C  CZ  . ARG A 1 114 ? -12.572 -4.585  -6.386  1.00 14.36 ? 114 ARG A CZ  1 
ATOM   922  N  NH1 . ARG A 1 114 ? -12.653 -3.858  -5.284  1.00 17.22 ? 114 ARG A NH1 1 
ATOM   923  N  NH2 . ARG A 1 114 ? -13.192 -4.178  -7.492  1.00 16.66 ? 114 ARG A NH2 1 
ATOM   924  N  N   . CYS A 1 115 ? -6.468  -9.151  -7.243  1.00 12.66 ? 115 CYS A N   1 
ATOM   925  C  CA  . CYS A 1 115 ? -5.304  -9.016  -8.121  1.00 12.83 ? 115 CYS A CA  1 
ATOM   926  C  C   . CYS A 1 115 ? -4.524  -10.304 -8.285  1.00 15.06 ? 115 CYS A C   1 
ATOM   927  O  O   . CYS A 1 115 ? -4.035  -10.602 -9.394  1.00 13.86 ? 115 CYS A O   1 
ATOM   928  C  CB  . CYS A 1 115 ? -4.345  -7.966  -7.544  1.00 11.78 ? 115 CYS A CB  1 
ATOM   929  S  SG  . CYS A 1 115 ? -5.049  -6.323  -7.311  1.00 13.84 ? 115 CYS A SG  1 
ATOM   930  N  N   . LYS A 1 116 ? -4.398  -11.066 -7.203  1.00 13.05 ? 116 LYS A N   1 
ATOM   931  C  CA  . LYS A 1 116 ? -3.590  -12.271 -7.203  1.00 16.13 ? 116 LYS A CA  1 
ATOM   932  C  C   . LYS A 1 116 ? -4.075  -13.228 -8.288  1.00 14.91 ? 116 LYS A C   1 
ATOM   933  O  O   . LYS A 1 116 ? -5.267  -13.528 -8.392  1.00 16.63 ? 116 LYS A O   1 
ATOM   934  C  CB  . LYS A 1 116 ? -3.708  -12.913 -5.825  1.00 14.42 ? 116 LYS A CB  1 
ATOM   935  C  CG  . LYS A 1 116 ? -2.990  -14.248 -5.670  1.00 14.37 ? 116 LYS A CG  1 
ATOM   936  C  CD  . LYS A 1 116 ? -3.141  -14.726 -4.230  1.00 14.61 ? 116 LYS A CD  1 
ATOM   937  C  CE  . LYS A 1 116 ? -2.204  -15.889 -3.932  1.00 16.10 ? 116 LYS A CE  1 
ATOM   938  N  NZ  . LYS A 1 116 ? -2.397  -16.435 -2.553  1.00 15.96 ? 116 LYS A NZ  1 
ATOM   939  N  N   . GLY A 1 117 ? -3.147  -13.679 -9.129  1.00 17.68 ? 117 GLY A N   1 
ATOM   940  C  CA  . GLY A 1 117 ? -3.496  -14.611 -10.175 1.00 20.11 ? 117 GLY A CA  1 
ATOM   941  C  C   . GLY A 1 117 ? -4.074  -14.004 -11.435 1.00 26.06 ? 117 GLY A C   1 
ATOM   942  O  O   . GLY A 1 117 ? -4.310  -14.740 -12.402 1.00 26.58 ? 117 GLY A O   1 
ATOM   943  N  N   . THR A 1 118 ? -4.304  -12.696 -11.464 1.00 17.85 ? 118 THR A N   1 
ATOM   944  C  CA  . THR A 1 118 ? -4.864  -12.019 -12.626 1.00 18.78 ? 118 THR A CA  1 
ATOM   945  C  C   . THR A 1 118 ? -3.752  -11.428 -13.492 1.00 18.40 ? 118 THR A C   1 
ATOM   946  O  O   . THR A 1 118 ? -2.576  -11.435 -13.133 1.00 19.39 ? 118 THR A O   1 
ATOM   947  C  CB  . THR A 1 118 ? -5.847  -10.916 -12.192 1.00 19.48 ? 118 THR A CB  1 
ATOM   948  O  OG1 . THR A 1 118 ? -5.122  -9.784  -11.674 1.00 17.41 ? 118 THR A OG1 1 
ATOM   949  C  CG2 . THR A 1 118 ? -6.813  -11.424 -11.128 1.00 18.11 ? 118 THR A CG2 1 
ATOM   950  N  N   . ASP A 1 119 ? -4.141  -10.896 -14.655 1.00 20.57 ? 119 ASP A N   1 
ATOM   951  C  CA  . ASP A 1 119 ? -3.193  -10.241 -15.561 1.00 23.15 ? 119 ASP A CA  1 
ATOM   952  C  C   . ASP A 1 119 ? -2.851  -8.848  -15.036 1.00 20.51 ? 119 ASP A C   1 
ATOM   953  O  O   . ASP A 1 119 ? -3.361  -7.823  -15.498 1.00 25.86 ? 119 ASP A O   1 
ATOM   954  C  CB  . ASP A 1 119 ? -3.741  -10.184 -16.978 1.00 26.72 ? 119 ASP A CB  1 
ATOM   955  C  CG  . ASP A 1 119 ? -2.765  -9.538  -17.954 1.00 33.32 ? 119 ASP A CG  1 
ATOM   956  O  OD1 . ASP A 1 119 ? -1.535  -9.569  -17.702 1.00 31.45 ? 119 ASP A OD1 1 
ATOM   957  O  OD2 . ASP A 1 119 ? -3.233  -9.005  -18.981 1.00 41.34 ? 119 ASP A OD2 1 
ATOM   958  N  N   . VAL A 1 120 ? -1.937  -8.812  -14.070 1.00 18.13 ? 120 VAL A N   1 
ATOM   959  C  CA  . VAL A 1 120 ? -1.622  -7.542  -13.417 1.00 17.65 ? 120 VAL A CA  1 
ATOM   960  C  C   . VAL A 1 120 ? -0.788  -6.629  -14.299 1.00 18.95 ? 120 VAL A C   1 
ATOM   961  O  O   . VAL A 1 120 ? -0.723  -5.425  -14.049 1.00 19.03 ? 120 VAL A O   1 
ATOM   962  C  CB  . VAL A 1 120 ? -0.947  -7.762  -12.053 1.00 17.91 ? 120 VAL A CB  1 
ATOM   963  C  CG1 . VAL A 1 120 ? -1.889  -8.500  -11.130 1.00 17.33 ? 120 VAL A CG1 1 
ATOM   964  C  CG2 . VAL A 1 120 ? 0.353   -8.531  -12.225 1.00 21.09 ? 120 VAL A CG2 1 
ATOM   965  N  N   . GLN A 1 121 ? -0.128  -7.163  -15.326 1.00 21.71 ? 121 GLN A N   1 
ATOM   966  C  CA  . GLN A 1 121 ? 0.668   -6.295  -16.185 1.00 24.66 ? 121 GLN A CA  1 
ATOM   967  C  C   . GLN A 1 121 ? -0.204  -5.248  -16.869 1.00 19.70 ? 121 GLN A C   1 
ATOM   968  O  O   . GLN A 1 121 ? 0.277   -4.153  -17.196 1.00 20.30 ? 121 GLN A O   1 
ATOM   969  C  CB  . GLN A 1 121 ? 1.470   -7.136  -17.190 1.00 26.38 ? 121 GLN A CB  1 
ATOM   970  C  CG  . GLN A 1 121 ? 2.515   -6.361  -18.000 1.00 31.74 ? 121 GLN A CG  1 
ATOM   971  C  CD  . GLN A 1 121 ? 1.930   -5.563  -19.157 1.00 41.43 ? 121 GLN A CD  1 
ATOM   972  O  OE1 . GLN A 1 121 ? 0.808   -5.814  -19.601 1.00 44.42 ? 121 GLN A OE1 1 
ATOM   973  N  NE2 . GLN A 1 121 ? 2.676   -4.565  -19.620 1.00 41.02 ? 121 GLN A NE2 1 
ATOM   974  N  N   . ALA A 1 122 ? -1.490  -5.549  -17.064 1.00 16.27 ? 122 ALA A N   1 
ATOM   975  C  CA  . ALA A 1 122 ? -2.407  -4.584  -17.662 1.00 16.50 ? 122 ALA A CA  1 
ATOM   976  C  C   . ALA A 1 122 ? -2.443  -3.272  -16.887 1.00 17.47 ? 122 ALA A C   1 
ATOM   977  O  O   . ALA A 1 122 ? -2.735  -2.221  -17.467 1.00 17.92 ? 122 ALA A O   1 
ATOM   978  C  CB  . ALA A 1 122 ? -3.807  -5.180  -17.746 1.00 20.93 ? 122 ALA A CB  1 
ATOM   979  N  N   . TRP A 1 123 ? -2.141  -3.314  -15.587 1.00 15.80 ? 123 TRP A N   1 
ATOM   980  C  CA  . TRP A 1 123 ? -2.192  -2.102  -14.782 1.00 18.06 ? 123 TRP A CA  1 
ATOM   981  C  C   . TRP A 1 123 ? -1.104  -1.106  -15.147 1.00 18.25 ? 123 TRP A C   1 
ATOM   982  O  O   . TRP A 1 123 ? -1.201  0.056   -14.754 1.00 16.63 ? 123 TRP A O   1 
ATOM   983  C  CB  . TRP A 1 123 ? -2.141  -2.448  -13.294 1.00 15.76 ? 123 TRP A CB  1 
ATOM   984  C  CG  . TRP A 1 123 ? -3.426  -3.051  -12.893 1.00 16.52 ? 123 TRP A CG  1 
ATOM   985  C  CD1 . TRP A 1 123 ? -3.688  -4.382  -12.748 1.00 17.90 ? 123 TRP A CD1 1 
ATOM   986  C  CD2 . TRP A 1 123 ? -4.650  -2.366  -12.635 1.00 15.02 ? 123 TRP A CD2 1 
ATOM   987  N  NE1 . TRP A 1 123 ? -5.001  -4.565  -12.411 1.00 20.20 ? 123 TRP A NE1 1 
ATOM   988  C  CE2 . TRP A 1 123 ? -5.615  -3.345  -12.333 1.00 16.78 ? 123 TRP A CE2 1 
ATOM   989  C  CE3 . TRP A 1 123 ? -5.024  -1.015  -12.625 1.00 17.37 ? 123 TRP A CE3 1 
ATOM   990  C  CZ2 . TRP A 1 123 ? -6.931  -3.021  -12.012 1.00 20.00 ? 123 TRP A CZ2 1 
ATOM   991  C  CZ3 . TRP A 1 123 ? -6.331  -0.694  -12.318 1.00 22.80 ? 123 TRP A CZ3 1 
ATOM   992  C  CH2 . TRP A 1 123 ? -7.271  -1.698  -12.017 1.00 20.25 ? 123 TRP A CH2 1 
ATOM   993  N  N   . ILE A 1 124 ? -0.080  -1.528  -15.877 1.00 16.10 ? 124 ILE A N   1 
ATOM   994  C  CA  . ILE A 1 124 ? 0.959   -0.615  -16.327 1.00 16.79 ? 124 ILE A CA  1 
ATOM   995  C  C   . ILE A 1 124 ? 0.917   -0.395  -17.839 1.00 18.25 ? 124 ILE A C   1 
ATOM   996  O  O   . ILE A 1 124 ? 1.871   0.143   -18.410 1.00 21.32 ? 124 ILE A O   1 
ATOM   997  C  CB  . ILE A 1 124 ? 2.349   -0.997  -15.794 1.00 20.76 ? 124 ILE A CB  1 
ATOM   998  C  CG1 . ILE A 1 124 ? 2.823   -2.338  -16.365 1.00 24.27 ? 124 ILE A CG1 1 
ATOM   999  C  CG2 . ILE A 1 124 ? 2.353   -0.986  -14.273 1.00 22.17 ? 124 ILE A CG2 1 
ATOM   1000 C  CD1 . ILE A 1 124 ? 4.241   -2.696  -15.949 1.00 29.02 ? 124 ILE A CD1 1 
ATOM   1001 N  N   . ARG A 1 125 ? -0.190  -0.773  -18.484 1.00 17.82 ? 125 ARG A N   1 
ATOM   1002 C  CA  . ARG A 1 125 ? -0.326  -0.567  -19.922 1.00 20.85 ? 125 ARG A CA  1 
ATOM   1003 C  C   . ARG A 1 125 ? -0.241  0.919   -20.250 1.00 20.11 ? 125 ARG A C   1 
ATOM   1004 O  O   . ARG A 1 125 ? -0.796  1.765   -19.543 1.00 20.48 ? 125 ARG A O   1 
ATOM   1005 C  CB  . ARG A 1 125 ? -1.663  -1.128  -20.416 1.00 20.21 ? 125 ARG A CB  1 
ATOM   1006 C  CG  . ARG A 1 125 ? -2.871  -0.290  -20.025 1.00 22.56 ? 125 ARG A CG  1 
ATOM   1007 C  CD  . ARG A 1 125 ? -4.196  -0.956  -20.376 1.00 24.57 ? 125 ARG A CD  1 
ATOM   1008 N  NE  . ARG A 1 125 ? -5.329  -0.119  -19.993 1.00 29.54 ? 125 ARG A NE  1 
ATOM   1009 C  CZ  . ARG A 1 125 ? -5.769  0.022   -18.749 1.00 32.85 ? 125 ARG A CZ  1 
ATOM   1010 N  NH1 . ARG A 1 125 ? -5.189  -0.603  -17.734 1.00 30.82 ? 125 ARG A NH1 1 
ATOM   1011 N  NH2 . ARG A 1 125 ? -6.808  0.820   -18.514 1.00 32.78 ? 125 ARG A NH2 1 
ATOM   1012 N  N   . GLY A 1 126 ? 0.495   1.236   -21.319 1.00 21.69 ? 126 GLY A N   1 
ATOM   1013 C  CA  . GLY A 1 126 ? 0.639   2.597   -21.786 1.00 20.75 ? 126 GLY A CA  1 
ATOM   1014 C  C   . GLY A 1 126 ? 1.586   3.467   -20.995 1.00 23.66 ? 126 GLY A C   1 
ATOM   1015 O  O   . GLY A 1 126 ? 1.863   4.597   -21.421 1.00 24.91 ? 126 GLY A O   1 
ATOM   1016 N  N   . CYS A 1 127 ? 2.110   2.990   -19.871 1.00 18.42 ? 127 CYS A N   1 
ATOM   1017 C  CA  . CYS A 1 127 ? 2.959   3.831   -19.041 1.00 21.34 ? 127 CYS A CA  1 
ATOM   1018 C  C   . CYS A 1 127 ? 4.380   3.851   -19.578 1.00 20.37 ? 127 CYS A C   1 
ATOM   1019 O  O   . CYS A 1 127 ? 4.919   2.819   -19.988 1.00 21.64 ? 127 CYS A O   1 
ATOM   1020 C  CB  . CYS A 1 127 ? 2.971   3.320   -17.602 1.00 19.53 ? 127 CYS A CB  1 
ATOM   1021 S  SG  . CYS A 1 127 ? 1.357   3.159   -16.826 1.00 18.93 ? 127 CYS A SG  1 
ATOM   1022 N  N   . ARG A 1 128 ? 4.978   5.040   -19.586 1.00 21.35 ? 128 ARG A N   1 
ATOM   1023 C  CA  . ARG A 1 128 ? 6.387   5.201   -19.938 1.00 25.16 ? 128 ARG A CA  1 
ATOM   1024 C  C   . ARG A 1 128 ? 7.182   5.096   -18.641 1.00 32.18 ? 128 ARG A C   1 
ATOM   1025 O  O   . ARG A 1 128 ? 7.192   6.021   -17.820 1.00 30.63 ? 128 ARG A O   1 
ATOM   1026 C  CB  . ARG A 1 128 ? 6.609   6.527   -20.655 1.00 24.20 ? 128 ARG A CB  1 
ATOM   1027 C  CG  . ARG A 1 128 ? 8.008   6.701   -21.237 1.00 28.51 ? 128 ARG A CG  1 
ATOM   1028 C  CD  . ARG A 1 128 ? 8.303   5.700   -22.347 1.00 40.35 ? 128 ARG A CD  1 
ATOM   1029 N  NE  . ARG A 1 128 ? 9.058   4.553   -21.856 1.00 44.59 ? 128 ARG A NE  1 
ATOM   1030 C  CZ  . ARG A 1 128 ? 10.376  4.433   -21.942 1.00 49.74 ? 128 ARG A CZ  1 
ATOM   1031 N  NH1 . ARG A 1 128 ? 11.122  5.371   -22.507 1.00 46.07 ? 128 ARG A NH1 1 
ATOM   1032 N  NH2 . ARG A 1 128 ? 10.964  3.345   -21.450 1.00 62.44 ? 128 ARG A NH2 1 
ATOM   1033 N  N   . LEU A 1 129 ? 7.827   3.950   -18.446 1.00 26.43 ? 129 LEU A N   1 
ATOM   1034 C  CA  . LEU A 1 129 ? 8.481   3.616   -17.184 1.00 36.40 ? 129 LEU A CA  1 
ATOM   1035 C  C   . LEU A 1 129 ? 9.892   3.134   -17.454 1.00 51.01 ? 129 LEU A C   1 
ATOM   1036 O  O   . LEU A 1 129 ? 10.206  2.676   -18.558 1.00 52.95 ? 129 LEU A O   1 
ATOM   1037 C  CB  . LEU A 1 129 ? 7.715   2.501   -16.474 1.00 36.06 ? 129 LEU A CB  1 
ATOM   1038 C  CG  . LEU A 1 129 ? 6.270   2.792   -16.082 1.00 29.43 ? 129 LEU A CG  1 
ATOM   1039 C  CD1 . LEU A 1 129 ? 5.539   1.494   -15.835 1.00 34.34 ? 129 LEU A CD1 1 
ATOM   1040 C  CD2 . LEU A 1 129 ? 6.237   3.652   -14.847 1.00 29.20 ? 129 LEU A CD2 1 
HETATM 1041 C  C1  . NAG B 2 .   ? -4.429  -5.910  7.407   0.89 20.78 ? 1   NAG E C1  1 
HETATM 1042 C  C2  . NAG B 2 .   ? -2.899  -5.838  7.369   0.89 18.85 ? 1   NAG E C2  1 
HETATM 1043 C  C3  . NAG B 2 .   ? -2.254  -7.192  7.686   0.89 21.44 ? 1   NAG E C3  1 
HETATM 1044 C  C4  . NAG B 2 .   ? -2.928  -7.880  8.874   0.89 20.97 ? 1   NAG E C4  1 
HETATM 1045 C  C5  . NAG B 2 .   ? -4.450  -7.812  8.786   0.89 24.04 ? 1   NAG E C5  1 
HETATM 1046 C  C6  . NAG B 2 .   ? -5.167  -8.369  9.995   0.89 29.82 ? 1   NAG E C6  1 
HETATM 1047 C  C7  . NAG B 2 .   ? -1.914  -4.159  5.911   0.89 15.14 ? 1   NAG E C7  1 
HETATM 1048 C  C8  . NAG B 2 .   ? -1.536  -3.806  4.505   0.89 14.71 ? 1   NAG E C8  1 
HETATM 1049 N  N2  . NAG B 2 .   ? -2.450  -5.355  6.070   0.89 18.54 ? 1   NAG E N2  1 
HETATM 1050 O  O1  . NAG B 2 .   ? -4.980  -4.640  7.245   0.89 25.88 ? 1   NAG E O1  1 
HETATM 1051 O  O3  . NAG B 2 .   ? -0.851  -7.018  7.871   0.89 18.38 ? 1   NAG E O3  1 
HETATM 1052 O  O4  . NAG B 2 .   ? -2.603  -9.271  8.848   0.89 22.59 ? 1   NAG E O4  1 
HETATM 1053 O  O5  . NAG B 2 .   ? -4.831  -6.436  8.657   0.89 24.88 ? 1   NAG E O5  1 
HETATM 1054 O  O6  . NAG B 2 .   ? -4.789  -7.680  11.180  0.89 25.21 ? 1   NAG E O6  1 
HETATM 1055 O  O7  . NAG B 2 .   ? -1.733  -3.391  6.848   0.89 15.86 ? 1   NAG E O7  1 
HETATM 1056 C  C1  . NAG B 2 .   ? -1.755  -9.727  9.862   0.89 26.80 ? 2   NAG E C1  1 
HETATM 1057 C  C2  . NAG B 2 .   ? -1.802  -11.250 9.864   0.89 27.90 ? 2   NAG E C2  1 
HETATM 1058 C  C3  . NAG B 2 .   ? -0.712  -11.873 10.743  0.89 29.67 ? 2   NAG E C3  1 
HETATM 1059 C  C4  . NAG B 2 .   ? 0.637   -11.203 10.501  0.89 29.34 ? 2   NAG E C4  1 
HETATM 1060 C  C5  . NAG B 2 .   ? 0.488   -9.691  10.661  0.89 25.44 ? 2   NAG E C5  1 
HETATM 1061 C  C6  . NAG B 2 .   ? 1.783   -8.937  10.458  0.89 22.55 ? 2   NAG E C6  1 
HETATM 1062 C  C7  . NAG B 2 .   ? -3.992  -12.200 9.350   0.89 34.99 ? 2   NAG E C7  1 
HETATM 1063 C  C8  . NAG B 2 .   ? -5.320  -12.645 9.890   0.89 31.36 ? 2   NAG E C8  1 
HETATM 1064 N  N2  . NAG B 2 .   ? -3.131  -11.722 10.241  0.89 29.14 ? 2   NAG E N2  1 
HETATM 1065 O  O3  . NAG B 2 .   ? -0.658  -13.270 10.475  0.89 34.57 ? 2   NAG E O3  1 
HETATM 1066 O  O4  . NAG B 2 .   ? 1.650   -11.626 11.421  0.89 25.23 ? 2   NAG E O4  1 
HETATM 1067 O  O5  . NAG B 2 .   ? -0.436  -9.232  9.668   0.89 25.01 ? 2   NAG E O5  1 
HETATM 1068 O  O6  . NAG B 2 .   ? 2.374   -9.286  9.210   0.89 22.66 ? 2   NAG E O6  1 
HETATM 1069 O  O7  . NAG B 2 .   ? -3.724  -12.271 8.154   0.89 39.71 ? 2   NAG E O7  1 
HETATM 1070 C  C1  . NAG B 2 .   ? 2.682   -12.410 10.885  0.89 31.09 ? 3   NAG E C1  1 
HETATM 1071 C  C2  . NAG B 2 .   ? 3.820   -12.464 11.886  0.89 25.89 ? 3   NAG E C2  1 
HETATM 1072 C  C3  . NAG B 2 .   ? 4.957   -13.293 11.287  0.89 30.22 ? 3   NAG E C3  1 
HETATM 1073 C  C4  . NAG B 2 .   ? 4.496   -14.661 10.790  0.89 31.81 ? 3   NAG E C4  1 
HETATM 1074 C  C5  . NAG B 2 .   ? 3.192   -14.578 9.992   0.89 33.59 ? 3   NAG E C5  1 
HETATM 1075 C  C6  . NAG B 2 .   ? 2.549   -15.938 9.831   0.89 34.10 ? 3   NAG E C6  1 
HETATM 1076 C  C7  . NAG B 2 .   ? 4.241   -10.629 13.450  0.89 35.86 ? 3   NAG E C7  1 
HETATM 1077 C  C8  . NAG B 2 .   ? 3.672   -11.529 14.506  0.89 27.11 ? 3   NAG E C8  1 
HETATM 1078 N  N2  . NAG B 2 .   ? 4.279   -11.119 12.218  0.89 29.44 ? 3   NAG E N2  1 
HETATM 1079 O  O3  . NAG B 2 .   ? 5.983   -13.446 12.261  0.89 32.73 ? 3   NAG E O3  1 
HETATM 1080 O  O4  . NAG B 2 .   ? 5.521   -15.217 9.968   0.89 36.85 ? 3   NAG E O4  1 
HETATM 1081 O  O5  . NAG B 2 .   ? 2.210   -13.723 10.607  0.89 31.00 ? 3   NAG E O5  1 
HETATM 1082 O  O6  . NAG B 2 .   ? 1.400   -15.901 8.992   0.89 41.20 ? 3   NAG E O6  1 
HETATM 1083 O  O7  . NAG B 2 .   ? 4.648   -9.504  13.714  0.89 45.34 ? 3   NAG E O7  1 
HETATM 1084 CL CL  . CL  C 3 .   ? 5.946   -14.105 -1.645  1.00 20.36 ? 201 CL  A CL  1 
HETATM 1085 CL CL  . CL  D 3 .   ? 3.502   -6.137  -13.951 1.00 23.78 ? 202 CL  A CL  1 
HETATM 1086 CL CL  . CL  E 3 .   ? -11.828 6.678   8.592   0.50 31.62 ? 203 CL  A CL  1 
HETATM 1087 O  O   . HOH F 4 .   ? -0.723  0.774   16.153  1.00 24.04 ? 301 HOH A O   1 
HETATM 1088 O  O   . HOH F 4 .   ? 13.494  -7.083  3.416   1.00 56.08 ? 302 HOH A O   1 
HETATM 1089 O  O   . HOH F 4 .   ? -2.309  13.375  0.617   1.00 27.75 ? 303 HOH A O   1 
HETATM 1090 O  O   . HOH F 4 .   ? -5.772  -7.272  -15.405 1.00 28.06 ? 304 HOH A O   1 
HETATM 1091 O  O   . HOH F 4 .   ? 10.830  4.577   -0.422  1.00 41.14 ? 305 HOH A O   1 
HETATM 1092 O  O   . HOH F 4 .   ? -5.837  -11.689 2.877   1.00 32.54 ? 306 HOH A O   1 
HETATM 1093 O  O   . HOH F 4 .   ? -1.358  7.655   1.094   1.00 22.07 ? 307 HOH A O   1 
HETATM 1094 O  O   . HOH F 4 .   ? -16.494 -3.677  15.763  1.00 37.13 ? 308 HOH A O   1 
HETATM 1095 O  O   . HOH F 4 .   ? 14.226  -3.277  1.726   1.00 35.29 ? 309 HOH A O   1 
HETATM 1096 O  O   . HOH F 4 .   ? 13.804  -2.619  -4.927  1.00 30.53 ? 310 HOH A O   1 
HETATM 1097 O  O   . HOH F 4 .   ? 11.259  -0.377  4.690   1.00 33.93 ? 311 HOH A O   1 
HETATM 1098 O  O   . HOH F 4 .   ? -2.707  13.330  -9.379  1.00 31.00 ? 312 HOH A O   1 
HETATM 1099 O  O   . HOH F 4 .   ? -7.977  -3.226  3.117   1.00 29.15 ? 313 HOH A O   1 
HETATM 1100 O  O   . HOH F 4 .   ? -7.403  -15.029 -4.937  1.00 30.49 ? 314 HOH A O   1 
HETATM 1101 O  O   . HOH F 4 .   ? 6.670   -12.138 3.077   1.00 24.32 ? 315 HOH A O   1 
HETATM 1102 O  O   . HOH F 4 .   ? 1.192   8.560   0.360   1.00 23.04 ? 316 HOH A O   1 
HETATM 1103 O  O   . HOH F 4 .   ? -6.878  8.073   -10.700 1.00 22.02 ? 317 HOH A O   1 
HETATM 1104 O  O   . HOH F 4 .   ? -7.893  -8.211  14.496  1.00 31.42 ? 318 HOH A O   1 
HETATM 1105 O  O   . HOH F 4 .   ? -8.351  2.976   14.503  1.00 14.97 ? 319 HOH A O   1 
HETATM 1106 O  O   . HOH F 4 .   ? -9.769  -7.890  -10.643 1.00 18.93 ? 320 HOH A O   1 
HETATM 1107 O  O   . HOH F 4 .   ? 9.790   -13.016 6.539   1.00 44.50 ? 321 HOH A O   1 
HETATM 1108 O  O   . HOH F 4 .   ? -10.481 -2.645  -0.704  1.00 22.66 ? 322 HOH A O   1 
HETATM 1109 O  O   . HOH F 4 .   ? 3.205   13.412  -4.925  1.00 36.61 ? 323 HOH A O   1 
HETATM 1110 O  O   . HOH F 4 .   ? 8.862   -12.745 -9.299  1.00 24.21 ? 324 HOH A O   1 
HETATM 1111 O  O   . HOH F 4 .   ? -10.211 9.308   4.348   1.00 15.11 ? 325 HOH A O   1 
HETATM 1112 O  O   . HOH F 4 .   ? 3.494   12.583  -9.143  1.00 30.10 ? 326 HOH A O   1 
HETATM 1113 O  O   . HOH F 4 .   ? -6.168  -5.372  11.817  1.00 23.82 ? 327 HOH A O   1 
HETATM 1114 O  O   . HOH F 4 .   ? -5.333  -3.306  4.662   1.00 27.36 ? 328 HOH A O   1 
HETATM 1115 O  O   . HOH F 4 .   ? -7.606  -4.268  7.309   1.00 29.13 ? 329 HOH A O   1 
HETATM 1116 O  O   . HOH F 4 .   ? 4.887   11.047  5.222   1.00 24.35 ? 330 HOH A O   1 
HETATM 1117 O  O   . HOH F 4 .   ? 7.153   -13.247 -4.650  1.00 20.30 ? 331 HOH A O   1 
HETATM 1118 O  O   . HOH F 4 .   ? -3.623  6.546   22.834  1.00 36.45 ? 332 HOH A O   1 
HETATM 1119 O  O   . HOH F 4 .   ? -6.899  13.174  -2.102  1.00 16.73 ? 333 HOH A O   1 
HETATM 1120 O  O   . HOH F 4 .   ? 4.432   0.166   -19.480 1.00 27.38 ? 334 HOH A O   1 
HETATM 1121 O  O   . HOH F 4 .   ? 5.812   10.121  2.725   1.00 21.87 ? 335 HOH A O   1 
HETATM 1122 O  O   . HOH F 4 .   ? -0.728  -12.566 -11.421 1.00 24.34 ? 336 HOH A O   1 
HETATM 1123 O  O   . HOH F 4 .   ? -0.210  -11.803 -8.881  1.00 20.52 ? 337 HOH A O   1 
HETATM 1124 O  O   . HOH F 4 .   ? -0.498  13.569  6.072   1.00 32.79 ? 338 HOH A O   1 
HETATM 1125 O  O   . HOH F 4 .   ? 3.040   -10.084 4.630   1.00 21.91 ? 339 HOH A O   1 
HETATM 1126 O  O   . HOH F 4 .   ? 7.605   0.135   17.298  1.00 37.65 ? 340 HOH A O   1 
HETATM 1127 O  O   . HOH F 4 .   ? -4.890  -17.614 -2.957  1.00 26.80 ? 341 HOH A O   1 
HETATM 1128 O  O   . HOH F 4 .   ? 13.240  -7.577  -3.190  1.00 32.00 ? 342 HOH A O   1 
HETATM 1129 O  O   . HOH F 4 .   ? 1.136   -0.675  -23.265 1.00 29.92 ? 343 HOH A O   1 
HETATM 1130 O  O   . HOH F 4 .   ? 13.571  -8.905  -7.028  1.00 36.82 ? 344 HOH A O   1 
HETATM 1131 O  O   . HOH F 4 .   ? -6.696  -11.370 -15.718 1.00 27.28 ? 345 HOH A O   1 
HETATM 1132 O  O   . HOH F 4 .   ? -10.674 2.858   0.061   1.00 30.28 ? 346 HOH A O   1 
HETATM 1133 O  O   . HOH F 4 .   ? 9.866   5.231   10.661  1.00 31.63 ? 347 HOH A O   1 
HETATM 1134 O  O   . HOH F 4 .   ? 7.089   4.371   6.885   1.00 24.95 ? 348 HOH A O   1 
HETATM 1135 O  O   . HOH F 4 .   ? -0.693  3.585   2.549   1.00 14.06 ? 349 HOH A O   1 
HETATM 1136 O  O   . HOH F 4 .   ? -5.918  -7.238  -12.633 1.00 18.34 ? 350 HOH A O   1 
HETATM 1137 O  O   . HOH F 4 .   ? -10.503 6.603   -1.962  1.00 20.54 ? 351 HOH A O   1 
HETATM 1138 O  O   . HOH F 4 .   ? -9.887  8.144   -5.873  1.00 33.17 ? 352 HOH A O   1 
HETATM 1139 O  O   . HOH F 4 .   ? -11.177 1.179   -6.652  1.00 27.01 ? 353 HOH A O   1 
HETATM 1140 O  O   . HOH F 4 .   ? 9.263   -7.369  7.908   1.00 38.44 ? 354 HOH A O   1 
HETATM 1141 O  O   . HOH F 4 .   ? 1.864   -3.241  -22.018 1.00 29.18 ? 355 HOH A O   1 
HETATM 1142 O  O   . HOH F 4 .   ? -9.376  -0.923  3.517   1.00 20.53 ? 356 HOH A O   1 
HETATM 1143 O  O   . HOH F 4 .   ? -12.249 2.829   -12.185 1.00 41.04 ? 357 HOH A O   1 
HETATM 1144 O  O   . HOH F 4 .   ? -7.147  -15.143 -9.831  1.00 29.72 ? 358 HOH A O   1 
HETATM 1145 O  O   . HOH F 4 .   ? -12.025 -6.864  -9.039  1.00 17.23 ? 359 HOH A O   1 
HETATM 1146 O  O   . HOH F 4 .   ? -0.679  4.907   21.106  1.00 44.36 ? 360 HOH A O   1 
HETATM 1147 O  O   . HOH F 4 .   ? -2.588  -0.213  23.682  0.50 40.39 ? 361 HOH A O   1 
HETATM 1148 O  O   . HOH F 4 .   ? 4.911   10.063  -10.119 1.00 30.35 ? 362 HOH A O   1 
HETATM 1149 O  O   . HOH F 4 .   ? -2.329  2.560   16.480  1.00 17.88 ? 363 HOH A O   1 
HETATM 1150 O  O   . HOH F 4 .   ? 14.994  5.764   -8.284  1.00 22.94 ? 364 HOH A O   1 
HETATM 1151 O  O   . HOH F 4 .   ? -8.977  6.964   -9.083  1.00 26.16 ? 365 HOH A O   1 
HETATM 1152 O  O   . HOH F 4 .   ? -12.022 8.353   17.134  1.00 20.01 ? 366 HOH A O   1 
HETATM 1153 O  O   . HOH F 4 .   ? 8.593   2.520   8.063   1.00 23.36 ? 367 HOH A O   1 
HETATM 1154 O  O   . HOH F 4 .   ? 0.020   14.511  10.147  1.00 35.17 ? 368 HOH A O   1 
HETATM 1155 O  O   . HOH F 4 .   ? -6.305  -2.130  -15.495 1.00 34.96 ? 369 HOH A O   1 
HETATM 1156 O  O   . HOH F 4 .   ? 5.265   -10.652 -9.965  1.00 19.24 ? 370 HOH A O   1 
HETATM 1157 O  O   . HOH F 4 .   ? -5.646  -5.731  3.903   1.00 23.61 ? 371 HOH A O   1 
HETATM 1158 O  O   . HOH F 4 .   ? -5.553  14.970  -6.716  1.00 27.22 ? 372 HOH A O   1 
HETATM 1159 O  O   . HOH F 4 .   ? 10.311  5.481   -12.113 1.00 26.22 ? 373 HOH A O   1 
HETATM 1160 O  O   . HOH F 4 .   ? -13.067 -4.955  9.033   1.00 36.36 ? 374 HOH A O   1 
HETATM 1161 O  O   . HOH F 4 .   ? -5.282  7.221   -14.559 1.00 27.87 ? 375 HOH A O   1 
HETATM 1162 O  O   . HOH F 4 .   ? 2.973   7.879   2.446   1.00 19.15 ? 376 HOH A O   1 
HETATM 1163 O  O   . HOH F 4 .   ? 0.502   1.918   17.923  1.00 31.91 ? 377 HOH A O   1 
HETATM 1164 O  O   . HOH F 4 .   ? -7.772  -12.609 -7.098  1.00 20.85 ? 378 HOH A O   1 
HETATM 1165 O  O   . HOH F 4 .   ? -9.327  -14.989 -3.228  1.00 29.26 ? 379 HOH A O   1 
HETATM 1166 O  O   . HOH F 4 .   ? 14.615  2.870   -5.248  1.00 31.53 ? 380 HOH A O   1 
HETATM 1167 O  O   . HOH F 4 .   ? -2.429  6.954   -16.322 1.00 21.64 ? 381 HOH A O   1 
HETATM 1168 O  O   . HOH F 4 .   ? -2.382  -17.452 0.271   1.00 25.50 ? 382 HOH A O   1 
HETATM 1169 O  O   . HOH F 4 .   ? 13.678  -1.819  -8.508  1.00 35.89 ? 383 HOH A O   1 
HETATM 1170 O  O   . HOH F 4 .   ? -1.039  8.785   19.521  1.00 18.79 ? 384 HOH A O   1 
HETATM 1171 O  O   . HOH F 4 .   ? -3.129  2.922   19.369  1.00 20.91 ? 385 HOH A O   1 
HETATM 1172 O  O   . HOH F 4 .   ? 2.084   -11.391 -10.953 1.00 24.64 ? 386 HOH A O   1 
HETATM 1173 O  O   . HOH F 4 .   ? -6.647  4.047   -16.050 1.00 33.37 ? 387 HOH A O   1 
HETATM 1174 O  O   . HOH F 4 .   ? 0.527   15.735  2.146   1.00 29.10 ? 388 HOH A O   1 
HETATM 1175 O  O   . HOH F 4 .   ? -1.278  9.069   -14.809 1.00 18.78 ? 389 HOH A O   1 
HETATM 1176 O  O   . HOH F 4 .   ? 0.605   -10.189 -15.550 1.00 28.61 ? 390 HOH A O   1 
HETATM 1177 O  O   . HOH F 4 .   ? -1.739  -16.482 -12.671 1.00 32.89 ? 391 HOH A O   1 
HETATM 1178 O  O   . HOH F 4 .   ? -7.212  -4.031  16.959  1.00 32.31 ? 392 HOH A O   1 
HETATM 1179 O  O   . HOH F 4 .   ? -2.605  4.715   -20.895 1.00 44.41 ? 393 HOH A O   1 
HETATM 1180 O  O   . HOH F 4 .   ? 7.705   -12.527 0.973   1.00 39.26 ? 394 HOH A O   1 
HETATM 1181 O  O   . HOH F 4 .   ? 5.479   6.876   15.496  1.00 29.67 ? 395 HOH A O   1 
HETATM 1182 O  O   . HOH F 4 .   ? 3.032   8.348   16.567  1.00 27.42 ? 396 HOH A O   1 
HETATM 1183 O  O   . HOH F 4 .   ? -10.776 -6.143  11.506  1.00 24.87 ? 397 HOH A O   1 
HETATM 1184 O  O   . HOH F 4 .   ? -12.586 5.360   18.451  1.00 32.29 ? 398 HOH A O   1 
HETATM 1185 O  O   . HOH F 4 .   ? -12.310 7.113   -4.117  1.00 38.23 ? 399 HOH A O   1 
HETATM 1186 O  O   . HOH F 4 .   ? 1.020   7.415   -19.839 1.00 35.31 ? 400 HOH A O   1 
HETATM 1187 O  O   . HOH F 4 .   ? -1.020  0.705   -24.413 1.00 42.62 ? 401 HOH A O   1 
HETATM 1188 O  O   . HOH F 4 .   ? -3.654  -17.006 -7.958  1.00 21.47 ? 402 HOH A O   1 
HETATM 1189 O  O   . HOH F 4 .   ? -8.173  -5.485  10.105  1.00 29.29 ? 403 HOH A O   1 
HETATM 1190 O  O   . HOH F 4 .   ? -7.433  3.148   -13.311 1.00 21.11 ? 404 HOH A O   1 
HETATM 1191 O  O   . HOH F 4 .   ? 4.037   6.767   19.067  1.00 42.57 ? 405 HOH A O   1 
HETATM 1192 O  O   . HOH F 4 .   ? -8.379  -6.154  -12.267 1.00 21.26 ? 406 HOH A O   1 
HETATM 1193 O  O   . HOH F 4 .   ? -11.073 8.825   -8.255  1.00 29.69 ? 407 HOH A O   1 
HETATM 1194 O  O   . HOH F 4 .   ? -7.067  -4.492  -15.993 1.00 30.09 ? 408 HOH A O   1 
HETATM 1195 O  O   . HOH F 4 .   ? -0.051  -14.776 -12.793 1.00 33.42 ? 409 HOH A O   1 
HETATM 1196 O  O   . HOH F 4 .   ? 8.972   6.430   7.062   1.00 26.78 ? 410 HOH A O   1 
HETATM 1197 O  O   . HOH F 4 .   ? -8.049  -9.066  -15.114 1.00 30.32 ? 411 HOH A O   1 
HETATM 1198 O  O   . HOH F 4 .   ? -1.282  7.447   21.880  1.00 34.70 ? 412 HOH A O   1 
HETATM 1199 O  O   . HOH F 4 .   ? -6.311  -12.236 -18.242 1.00 39.55 ? 413 HOH A O   1 
HETATM 1200 O  O   . HOH F 4 .   ? -5.654  -17.104 -5.763  1.00 23.63 ? 414 HOH A O   1 
HETATM 1201 O  O   . HOH F 4 .   ? -7.770  15.060  -8.541  1.00 39.13 ? 415 HOH A O   1 
HETATM 1202 O  O   . HOH F 4 .   ? -8.264  -13.399 -14.362 1.00 31.69 ? 416 HOH A O   1 
HETATM 1203 O  O   . HOH F 4 .   ? -1.534  7.190   -18.997 1.00 34.95 ? 417 HOH A O   1 
# 
